data_9W4X
#
_entry.id   9W4X
#
_entity_poly.entity_id   1
_entity_poly.type   'polypeptide(L)'
_entity_poly.pdbx_seq_one_letter_code
;GPDRTCPAGQTYDRSVCYKYNTIRRFCVANPRSNREDIKNTPCRADEICVQRNLSNGKSFAQCIELVK
;
_entity_poly.pdbx_strand_id   A
#
# COMPACT_ATOMS: atom_id res chain seq x y z
N GLY A 1 -7.87 -4.77 -18.69
CA GLY A 1 -9.27 -4.78 -18.19
C GLY A 1 -9.28 -4.41 -16.71
N PRO A 2 -8.72 -5.25 -15.89
CA PRO A 2 -8.66 -5.02 -14.40
C PRO A 2 -7.96 -3.71 -14.06
N ASP A 3 -8.46 -3.02 -13.04
CA ASP A 3 -7.88 -1.76 -12.62
C ASP A 3 -6.72 -2.01 -11.65
N ARG A 4 -5.51 -1.66 -12.06
CA ARG A 4 -4.34 -1.84 -11.22
C ARG A 4 -3.52 -0.56 -11.16
N THR A 5 -2.92 -0.31 -10.00
CA THR A 5 -2.11 0.89 -9.80
C THR A 5 -2.86 2.14 -10.27
N CYS A 6 -2.16 3.27 -10.30
CA CYS A 6 -2.78 4.52 -10.73
C CYS A 6 -2.18 4.98 -12.07
N PRO A 7 -2.91 4.85 -13.16
CA PRO A 7 -2.40 5.28 -14.51
C PRO A 7 -2.11 6.78 -14.58
N ALA A 8 -2.06 7.30 -15.81
CA ALA A 8 -1.79 8.72 -16.03
C ALA A 8 -0.31 9.03 -15.85
N GLY A 9 0.52 8.53 -16.76
CA GLY A 9 1.95 8.77 -16.71
C GLY A 9 2.56 8.25 -15.40
N GLN A 10 3.38 9.09 -14.77
CA GLN A 10 4.02 8.71 -13.52
C GLN A 10 3.14 9.05 -12.34
N THR A 11 3.05 8.12 -11.39
CA THR A 11 2.24 8.31 -10.20
C THR A 11 2.99 7.87 -8.96
N TYR A 12 2.54 8.33 -7.79
CA TYR A 12 3.19 7.96 -6.54
C TYR A 12 2.28 7.05 -5.73
N ASP A 13 2.77 5.84 -5.46
CA ASP A 13 2.00 4.87 -4.70
C ASP A 13 2.88 4.25 -3.61
N ARG A 14 2.50 4.47 -2.35
CA ARG A 14 3.26 3.93 -1.24
C ARG A 14 2.34 3.27 -0.22
N SER A 15 2.87 2.29 0.51
CA SER A 15 2.09 1.60 1.52
C SER A 15 2.81 1.59 2.85
N VAL A 16 2.02 1.64 3.92
CA VAL A 16 2.58 1.63 5.26
C VAL A 16 1.89 0.58 6.12
N CYS A 17 2.56 0.14 7.17
CA CYS A 17 1.97 -0.85 8.07
C CYS A 17 1.40 -0.14 9.30
N TYR A 18 0.09 -0.23 9.46
CA TYR A 18 -0.57 0.42 10.58
C TYR A 18 -0.55 -0.47 11.82
N LYS A 19 -0.04 0.07 12.91
CA LYS A 19 0.04 -0.68 14.17
C LYS A 19 1.03 -1.83 14.02
N TYR A 20 1.91 -1.75 13.04
CA TYR A 20 2.91 -2.79 12.82
C TYR A 20 2.23 -4.15 12.69
N ASN A 21 1.00 -4.16 12.18
CA ASN A 21 0.26 -5.40 12.03
C ASN A 21 -0.67 -5.33 10.81
N THR A 22 -1.37 -4.21 10.66
CA THR A 22 -2.29 -4.03 9.54
C THR A 22 -1.59 -3.38 8.35
N ILE A 23 -1.99 -3.76 7.14
CA ILE A 23 -1.37 -3.19 5.95
C ILE A 23 -2.30 -2.20 5.26
N ARG A 24 -1.75 -1.03 4.91
CA ARG A 24 -2.50 -0.01 4.24
C ARG A 24 -1.74 0.46 3.01
N ARG A 25 -2.45 0.54 1.89
CA ARG A 25 -1.81 0.96 0.64
C ARG A 25 -2.47 2.23 0.11
N PHE A 26 -1.64 3.23 -0.19
CA PHE A 26 -2.14 4.50 -0.70
C PHE A 26 -1.57 4.79 -2.09
N CYS A 27 -2.45 4.95 -3.08
CA CYS A 27 -1.99 5.24 -4.43
C CYS A 27 -2.61 6.52 -4.95
N VAL A 28 -1.78 7.44 -5.43
CA VAL A 28 -2.29 8.70 -5.95
C VAL A 28 -1.70 8.97 -7.33
N ALA A 29 -2.50 9.53 -8.23
CA ALA A 29 -2.03 9.83 -9.57
C ALA A 29 -0.92 10.87 -9.53
N ASN A 30 -1.16 11.93 -8.76
CA ASN A 30 -0.19 13.02 -8.59
C ASN A 30 -0.82 14.21 -7.86
N PRO A 31 -1.96 14.72 -8.32
CA PRO A 31 -2.65 15.87 -7.64
C PRO A 31 -2.99 15.58 -6.19
N ARG A 32 -3.17 14.29 -5.87
CA ARG A 32 -3.53 13.89 -4.52
C ARG A 32 -4.85 14.52 -4.10
N SER A 33 -5.76 14.66 -5.06
CA SER A 33 -7.06 15.26 -4.77
C SER A 33 -8.02 15.07 -5.95
N ASN A 34 -7.74 14.08 -6.79
CA ASN A 34 -8.60 13.82 -7.95
C ASN A 34 -8.92 12.34 -8.04
N ARG A 35 -7.92 11.54 -8.40
CA ARG A 35 -8.11 10.10 -8.52
C ARG A 35 -7.09 9.35 -7.67
N GLU A 36 -7.59 8.68 -6.63
CA GLU A 36 -6.72 7.93 -5.75
C GLU A 36 -7.24 6.50 -5.53
N ASP A 37 -6.33 5.54 -5.50
CA ASP A 37 -6.71 4.15 -5.28
C ASP A 37 -6.18 3.72 -3.92
N ILE A 38 -7.08 3.46 -2.99
CA ILE A 38 -6.69 3.08 -1.64
C ILE A 38 -7.14 1.65 -1.30
N LYS A 39 -6.20 0.84 -0.83
CA LYS A 39 -6.51 -0.53 -0.45
C LYS A 39 -6.14 -0.77 1.01
N ASN A 40 -6.91 -1.62 1.69
CA ASN A 40 -6.65 -1.89 3.09
C ASN A 40 -6.71 -3.39 3.38
N THR A 41 -5.62 -3.92 3.92
CA THR A 41 -5.56 -5.33 4.28
C THR A 41 -5.58 -5.45 5.81
N PRO A 42 -6.66 -5.94 6.39
CA PRO A 42 -6.78 -6.06 7.88
C PRO A 42 -5.97 -7.20 8.48
N CYS A 43 -4.66 -6.99 8.60
CA CYS A 43 -3.80 -8.01 9.19
C CYS A 43 -3.50 -7.62 10.65
N ARG A 44 -3.68 -8.57 11.57
CA ARG A 44 -3.43 -8.27 12.97
C ARG A 44 -3.32 -9.55 13.80
N ALA A 45 -4.17 -10.53 13.51
CA ALA A 45 -4.14 -11.77 14.26
C ALA A 45 -3.29 -12.82 13.54
N ASP A 46 -2.16 -13.17 14.14
CA ASP A 46 -1.27 -14.16 13.56
C ASP A 46 -0.83 -13.76 12.15
N GLU A 47 -0.67 -12.46 11.92
CA GLU A 47 -0.22 -11.96 10.61
C GLU A 47 0.89 -10.94 10.78
N ILE A 48 1.85 -10.98 9.86
CA ILE A 48 2.98 -10.07 9.90
C ILE A 48 2.98 -9.17 8.66
N CYS A 49 3.44 -7.92 8.83
CA CYS A 49 3.49 -6.99 7.71
C CYS A 49 4.92 -6.56 7.43
N VAL A 50 5.28 -6.52 6.15
CA VAL A 50 6.61 -6.10 5.75
C VAL A 50 6.51 -5.00 4.71
N GLN A 51 7.12 -3.85 4.99
CA GLN A 51 7.06 -2.72 4.06
C GLN A 51 8.44 -2.18 3.72
N ARG A 52 8.57 -1.63 2.53
CA ARG A 52 9.82 -1.03 2.09
C ARG A 52 9.54 0.33 1.45
N ASN A 53 10.11 1.38 2.02
CA ASN A 53 9.88 2.72 1.50
C ASN A 53 11.15 3.30 0.88
N LEU A 54 11.03 3.79 -0.35
CA LEU A 54 12.17 4.39 -1.04
C LEU A 54 12.23 5.89 -0.79
N SER A 55 11.28 6.42 -0.02
CA SER A 55 11.24 7.84 0.29
C SER A 55 11.13 8.68 -0.99
N ASN A 56 10.70 8.05 -2.08
CA ASN A 56 10.55 8.76 -3.35
C ASN A 56 9.13 8.61 -3.88
N GLY A 57 8.19 8.29 -2.98
CA GLY A 57 6.81 8.11 -3.39
C GLY A 57 6.54 6.64 -3.77
N LYS A 58 7.61 5.85 -3.84
CA LYS A 58 7.49 4.45 -4.18
C LYS A 58 7.77 3.56 -2.97
N SER A 59 6.78 2.77 -2.60
CA SER A 59 6.93 1.85 -1.47
C SER A 59 6.10 0.61 -1.69
N PHE A 60 6.61 -0.52 -1.23
CA PHE A 60 5.90 -1.78 -1.39
C PHE A 60 5.78 -2.52 -0.07
N ALA A 61 4.54 -2.86 0.29
CA ALA A 61 4.29 -3.57 1.53
C ALA A 61 3.43 -4.80 1.27
N GLN A 62 3.68 -5.87 2.02
CA GLN A 62 2.94 -7.09 1.84
C GLN A 62 2.62 -7.73 3.19
N CYS A 63 1.45 -8.34 3.27
CA CYS A 63 1.01 -9.01 4.48
C CYS A 63 1.13 -10.51 4.32
N ILE A 64 1.87 -11.15 5.22
CA ILE A 64 2.07 -12.58 5.16
C ILE A 64 1.58 -13.27 6.43
N GLU A 65 0.74 -14.28 6.28
CA GLU A 65 0.20 -15.00 7.42
C GLU A 65 1.31 -15.71 8.18
N LEU A 66 1.33 -15.53 9.50
CA LEU A 66 2.34 -16.15 10.35
C LEU A 66 1.66 -17.00 11.41
N VAL A 67 2.10 -18.24 11.55
CA VAL A 67 1.52 -19.14 12.54
C VAL A 67 2.58 -19.62 13.53
N LYS A 68 2.13 -20.00 14.72
CA LYS A 68 3.05 -20.47 15.75
C LYS A 68 3.79 -21.71 15.28
N GLY A 1 -4.13 -8.61 -12.13
CA GLY A 1 -5.61 -8.73 -12.21
C GLY A 1 -6.26 -7.76 -11.24
N PRO A 2 -6.20 -8.06 -9.98
CA PRO A 2 -6.79 -7.21 -8.91
C PRO A 2 -6.12 -5.84 -8.81
N ASP A 3 -4.87 -5.77 -9.25
CA ASP A 3 -4.12 -4.52 -9.22
C ASP A 3 -4.59 -3.58 -10.32
N ARG A 4 -4.59 -2.28 -10.03
CA ARG A 4 -5.02 -1.29 -11.01
C ARG A 4 -4.05 -0.12 -11.05
N THR A 5 -3.60 0.23 -12.25
CA THR A 5 -2.66 1.34 -12.42
C THR A 5 -3.38 2.67 -12.23
N CYS A 6 -2.80 3.54 -11.41
CA CYS A 6 -3.39 4.84 -11.16
C CYS A 6 -3.26 5.74 -12.39
N PRO A 7 -4.13 6.71 -12.56
CA PRO A 7 -4.11 7.63 -13.73
C PRO A 7 -2.92 8.58 -13.73
N ALA A 8 -2.65 9.17 -14.89
CA ALA A 8 -1.54 10.11 -15.06
C ALA A 8 -0.21 9.37 -15.19
N GLY A 9 0.68 9.90 -16.02
CA GLY A 9 1.97 9.27 -16.25
C GLY A 9 2.78 9.21 -14.96
N GLN A 10 2.71 10.26 -14.18
CA GLN A 10 3.44 10.31 -12.92
C GLN A 10 2.49 10.09 -11.74
N THR A 11 2.73 9.03 -10.98
CA THR A 11 1.89 8.73 -9.83
C THR A 11 2.74 8.37 -8.62
N TYR A 12 2.19 8.59 -7.44
CA TYR A 12 2.89 8.26 -6.20
C TYR A 12 2.05 7.27 -5.41
N ASP A 13 2.59 6.08 -5.20
CA ASP A 13 1.87 5.05 -4.47
C ASP A 13 2.77 4.43 -3.41
N ARG A 14 2.38 4.59 -2.15
CA ARG A 14 3.17 4.04 -1.06
C ARG A 14 2.26 3.30 -0.08
N SER A 15 2.83 2.33 0.63
CA SER A 15 2.07 1.56 1.59
C SER A 15 2.75 1.55 2.95
N VAL A 16 1.95 1.60 3.99
CA VAL A 16 2.47 1.58 5.36
C VAL A 16 1.75 0.51 6.17
N CYS A 17 2.40 0.05 7.24
CA CYS A 17 1.78 -0.96 8.09
C CYS A 17 1.33 -0.33 9.40
N TYR A 18 0.04 -0.44 9.68
CA TYR A 18 -0.53 0.13 10.90
C TYR A 18 -0.37 -0.83 12.07
N LYS A 19 0.31 -0.35 13.11
CA LYS A 19 0.55 -1.16 14.30
C LYS A 19 1.33 -2.42 13.95
N TYR A 20 2.18 -2.31 12.93
CA TYR A 20 2.99 -3.45 12.50
C TYR A 20 2.15 -4.71 12.35
N ASN A 21 0.86 -4.54 12.04
CA ASN A 21 -0.02 -5.68 11.90
C ASN A 21 -0.93 -5.55 10.68
N THR A 22 -1.59 -4.41 10.55
CA THR A 22 -2.50 -4.17 9.43
C THR A 22 -1.78 -3.46 8.29
N ILE A 23 -2.14 -3.81 7.05
CA ILE A 23 -1.50 -3.19 5.90
C ILE A 23 -2.42 -2.15 5.26
N ARG A 24 -1.86 -0.97 4.99
CA ARG A 24 -2.60 0.11 4.38
C ARG A 24 -1.84 0.64 3.17
N ARG A 25 -2.52 0.77 2.04
CA ARG A 25 -1.86 1.22 0.82
C ARG A 25 -2.56 2.45 0.23
N PHE A 26 -1.76 3.41 -0.25
CA PHE A 26 -2.31 4.64 -0.83
C PHE A 26 -1.70 4.93 -2.20
N CYS A 27 -2.53 5.39 -3.14
CA CYS A 27 -2.08 5.74 -4.48
C CYS A 27 -2.66 7.08 -4.89
N VAL A 28 -1.80 7.98 -5.37
CA VAL A 28 -2.27 9.30 -5.78
C VAL A 28 -1.68 9.69 -7.14
N ALA A 29 -2.46 10.45 -7.90
CA ALA A 29 -2.02 10.90 -9.22
C ALA A 29 -1.36 12.28 -9.13
N ASN A 30 -1.14 12.90 -10.29
CA ASN A 30 -0.51 14.23 -10.31
C ASN A 30 -1.28 15.24 -9.45
N PRO A 31 -2.57 15.41 -9.62
CA PRO A 31 -3.35 16.38 -8.79
C PRO A 31 -3.42 15.95 -7.32
N ARG A 32 -3.22 14.66 -7.09
CA ARG A 32 -3.24 14.12 -5.74
C ARG A 32 -4.58 14.43 -5.06
N SER A 33 -5.64 14.47 -5.84
CA SER A 33 -6.97 14.75 -5.27
C SER A 33 -8.07 14.32 -6.23
N ASN A 34 -7.92 14.65 -7.50
CA ASN A 34 -8.92 14.31 -8.50
C ASN A 34 -9.11 12.80 -8.60
N ARG A 35 -8.00 12.06 -8.65
CA ARG A 35 -8.07 10.60 -8.74
C ARG A 35 -7.14 9.94 -7.72
N GLU A 36 -7.74 9.27 -6.75
CA GLU A 36 -6.96 8.58 -5.72
C GLU A 36 -7.43 7.15 -5.56
N ASP A 37 -6.49 6.23 -5.34
CA ASP A 37 -6.83 4.83 -5.18
C ASP A 37 -6.16 4.27 -3.93
N ILE A 38 -6.96 3.77 -2.99
CA ILE A 38 -6.42 3.23 -1.75
C ILE A 38 -6.91 1.81 -1.52
N LYS A 39 -6.03 0.99 -0.95
CA LYS A 39 -6.36 -0.39 -0.64
C LYS A 39 -6.04 -0.68 0.82
N ASN A 40 -6.80 -1.56 1.44
CA ASN A 40 -6.56 -1.87 2.84
C ASN A 40 -6.68 -3.36 3.11
N THR A 41 -5.67 -3.91 3.77
CA THR A 41 -5.67 -5.33 4.11
C THR A 41 -5.71 -5.47 5.64
N PRO A 42 -6.83 -5.89 6.21
CA PRO A 42 -6.97 -6.04 7.69
C PRO A 42 -6.18 -7.21 8.27
N CYS A 43 -4.86 -7.07 8.32
CA CYS A 43 -4.01 -8.11 8.87
C CYS A 43 -3.75 -7.80 10.35
N ARG A 44 -3.91 -8.79 11.22
CA ARG A 44 -3.68 -8.55 12.65
C ARG A 44 -3.49 -9.86 13.42
N ALA A 45 -4.40 -10.81 13.24
CA ALA A 45 -4.29 -12.08 13.95
C ALA A 45 -3.45 -13.08 13.17
N ASP A 46 -2.30 -13.41 13.71
CA ASP A 46 -1.39 -14.36 13.06
C ASP A 46 -1.03 -13.89 11.65
N GLU A 47 -0.89 -12.59 11.47
CA GLU A 47 -0.50 -12.03 10.17
C GLU A 47 0.65 -11.04 10.33
N ILE A 48 1.60 -11.09 9.40
CA ILE A 48 2.75 -10.21 9.43
C ILE A 48 2.75 -9.29 8.21
N CYS A 49 3.24 -8.07 8.38
CA CYS A 49 3.29 -7.12 7.28
C CYS A 49 4.72 -6.71 6.99
N VAL A 50 5.06 -6.59 5.71
CA VAL A 50 6.41 -6.20 5.30
C VAL A 50 6.33 -4.99 4.38
N GLN A 51 7.10 -3.94 4.69
CA GLN A 51 7.07 -2.73 3.87
C GLN A 51 8.48 -2.36 3.42
N ARG A 52 8.58 -1.82 2.21
CA ARG A 52 9.87 -1.38 1.68
C ARG A 52 9.70 -0.11 0.86
N ASN A 53 10.51 0.90 1.16
CA ASN A 53 10.42 2.18 0.45
C ASN A 53 11.52 2.32 -0.59
N LEU A 54 11.12 2.45 -1.85
CA LEU A 54 12.08 2.60 -2.93
C LEU A 54 12.86 3.90 -2.79
N SER A 55 12.17 4.97 -2.39
CA SER A 55 12.82 6.26 -2.20
C SER A 55 11.85 7.26 -1.58
N ASN A 56 11.02 7.89 -2.40
CA ASN A 56 10.05 8.85 -1.90
C ASN A 56 8.77 8.83 -2.74
N GLY A 57 7.66 8.49 -2.09
CA GLY A 57 6.38 8.42 -2.79
C GLY A 57 6.14 7.01 -3.34
N LYS A 58 7.22 6.25 -3.48
CA LYS A 58 7.12 4.89 -4.00
C LYS A 58 7.46 3.88 -2.91
N SER A 59 6.51 3.01 -2.60
CA SER A 59 6.73 1.99 -1.58
C SER A 59 5.88 0.76 -1.87
N PHE A 60 6.40 -0.40 -1.50
CA PHE A 60 5.69 -1.66 -1.74
C PHE A 60 5.57 -2.45 -0.44
N ALA A 61 4.34 -2.81 -0.09
CA ALA A 61 4.11 -3.57 1.14
C ALA A 61 3.19 -4.75 0.88
N GLN A 62 3.48 -5.87 1.55
CA GLN A 62 2.69 -7.08 1.40
C GLN A 62 2.39 -7.74 2.74
N CYS A 63 1.21 -8.33 2.86
CA CYS A 63 0.81 -9.01 4.08
C CYS A 63 0.89 -10.53 3.90
N ILE A 64 1.65 -11.17 4.78
CA ILE A 64 1.81 -12.62 4.70
C ILE A 64 1.35 -13.28 6.00
N GLU A 65 0.47 -14.27 5.88
CA GLU A 65 -0.04 -14.97 7.05
C GLU A 65 1.08 -15.72 7.77
N LEU A 66 1.19 -15.49 9.07
CA LEU A 66 2.21 -16.14 9.88
C LEU A 66 1.58 -16.81 11.09
N VAL A 67 1.84 -18.09 11.28
CA VAL A 67 1.27 -18.83 12.40
C VAL A 67 2.37 -19.50 13.22
N LYS A 68 2.07 -19.74 14.50
CA LYS A 68 3.03 -20.36 15.41
C LYS A 68 4.41 -19.71 15.28
N GLY A 1 -8.17 -8.62 -13.77
CA GLY A 1 -7.38 -9.73 -13.19
C GLY A 1 -6.05 -9.21 -12.66
N PRO A 2 -5.17 -8.84 -13.54
CA PRO A 2 -3.82 -8.30 -13.18
C PRO A 2 -3.91 -6.90 -12.57
N ASP A 3 -2.95 -6.56 -11.71
CA ASP A 3 -2.93 -5.26 -11.07
C ASP A 3 -2.47 -4.18 -12.05
N ARG A 4 -3.02 -2.98 -11.90
CA ARG A 4 -2.66 -1.87 -12.79
C ARG A 4 -2.43 -0.60 -11.98
N THR A 5 -1.64 0.31 -12.53
CA THR A 5 -1.34 1.57 -11.86
C THR A 5 -2.60 2.45 -11.79
N CYS A 6 -2.53 3.51 -11.01
CA CYS A 6 -3.65 4.42 -10.87
C CYS A 6 -3.85 5.24 -12.15
N PRO A 7 -5.04 5.74 -12.37
CA PRO A 7 -5.38 6.53 -13.60
C PRO A 7 -4.44 7.73 -13.82
N ALA A 8 -4.43 8.22 -15.07
CA ALA A 8 -3.61 9.35 -15.49
C ALA A 8 -2.20 8.89 -15.86
N GLY A 9 -1.27 9.84 -15.96
CA GLY A 9 0.10 9.53 -16.34
C GLY A 9 0.86 8.92 -15.16
N GLN A 10 1.99 9.53 -14.81
CA GLN A 10 2.79 9.03 -13.70
C GLN A 10 2.07 9.32 -12.39
N THR A 11 2.07 8.33 -11.52
CA THR A 11 1.41 8.48 -10.23
C THR A 11 2.33 8.04 -9.09
N TYR A 12 2.05 8.53 -7.89
CA TYR A 12 2.84 8.16 -6.73
C TYR A 12 2.01 7.28 -5.80
N ASP A 13 2.48 6.06 -5.57
CA ASP A 13 1.76 5.14 -4.72
C ASP A 13 2.70 4.49 -3.70
N ARG A 14 2.43 4.73 -2.42
CA ARG A 14 3.25 4.17 -1.37
C ARG A 14 2.36 3.52 -0.30
N SER A 15 2.90 2.55 0.41
CA SER A 15 2.15 1.87 1.46
C SER A 15 2.90 1.96 2.78
N VAL A 16 2.13 1.96 3.86
CA VAL A 16 2.71 2.03 5.20
C VAL A 16 2.15 0.91 6.06
N CYS A 17 2.87 0.57 7.12
CA CYS A 17 2.44 -0.50 8.00
C CYS A 17 1.87 0.08 9.29
N TYR A 18 0.57 -0.12 9.50
CA TYR A 18 -0.09 0.40 10.70
C TYR A 18 0.00 -0.64 11.83
N LYS A 19 0.57 -0.21 12.95
CA LYS A 19 0.74 -1.10 14.10
C LYS A 19 1.66 -2.27 13.74
N TYR A 20 2.58 -2.01 12.81
CA TYR A 20 3.54 -3.03 12.37
C TYR A 20 2.86 -4.39 12.15
N ASN A 21 1.57 -4.37 11.83
CA ASN A 21 0.85 -5.61 11.59
C ASN A 21 -0.20 -5.43 10.51
N THR A 22 -0.80 -4.25 10.46
CA THR A 22 -1.83 -3.95 9.46
C THR A 22 -1.21 -3.29 8.25
N ILE A 23 -1.68 -3.65 7.06
CA ILE A 23 -1.13 -3.08 5.83
C ILE A 23 -2.01 -1.94 5.32
N ARG A 24 -1.38 -0.83 4.96
CA ARG A 24 -2.10 0.33 4.45
C ARG A 24 -1.49 0.76 3.12
N ARG A 25 -2.32 0.98 2.12
CA ARG A 25 -1.83 1.37 0.81
C ARG A 25 -2.50 2.66 0.33
N PHE A 26 -1.68 3.61 -0.11
CA PHE A 26 -2.19 4.90 -0.60
C PHE A 26 -1.64 5.22 -1.99
N CYS A 27 -2.55 5.49 -2.93
CA CYS A 27 -2.14 5.82 -4.30
C CYS A 27 -2.73 7.17 -4.72
N VAL A 28 -1.87 8.04 -5.25
CA VAL A 28 -2.33 9.35 -5.70
C VAL A 28 -1.88 9.63 -7.12
N ALA A 29 -2.71 10.33 -7.89
CA ALA A 29 -2.36 10.65 -9.27
C ALA A 29 -1.14 11.55 -9.33
N ASN A 30 -1.11 12.56 -8.45
CA ASN A 30 0.01 13.51 -8.41
C ASN A 30 -0.30 14.64 -7.43
N PRO A 31 -1.38 15.38 -7.62
CA PRO A 31 -1.75 16.51 -6.72
C PRO A 31 -2.31 16.04 -5.38
N ARG A 32 -2.60 14.74 -5.28
CA ARG A 32 -3.16 14.16 -4.06
C ARG A 32 -4.59 14.63 -3.88
N SER A 33 -5.33 14.67 -4.99
CA SER A 33 -6.71 15.09 -4.97
C SER A 33 -7.46 14.60 -6.20
N ASN A 34 -8.79 14.65 -6.14
CA ASN A 34 -9.63 14.23 -7.26
C ASN A 34 -9.60 12.71 -7.46
N ARG A 35 -8.48 12.19 -7.93
CA ARG A 35 -8.37 10.74 -8.17
C ARG A 35 -7.36 10.09 -7.23
N GLU A 36 -7.88 9.39 -6.22
CA GLU A 36 -7.03 8.68 -5.26
C GLU A 36 -7.51 7.25 -5.09
N ASP A 37 -6.57 6.32 -4.94
CA ASP A 37 -6.94 4.92 -4.75
C ASP A 37 -6.28 4.38 -3.48
N ILE A 38 -7.09 4.11 -2.46
CA ILE A 38 -6.58 3.62 -1.20
C ILE A 38 -7.04 2.20 -0.93
N LYS A 39 -6.09 1.34 -0.58
CA LYS A 39 -6.41 -0.05 -0.27
C LYS A 39 -5.89 -0.38 1.13
N ASN A 40 -6.73 -1.01 1.94
CA ASN A 40 -6.33 -1.35 3.30
C ASN A 40 -6.56 -2.83 3.60
N THR A 41 -5.53 -3.47 4.13
CA THR A 41 -5.62 -4.88 4.49
C THR A 41 -5.46 -5.03 6.01
N PRO A 42 -6.54 -5.18 6.75
CA PRO A 42 -6.47 -5.28 8.24
C PRO A 42 -5.83 -6.59 8.73
N CYS A 43 -4.51 -6.63 8.72
CA CYS A 43 -3.79 -7.81 9.18
C CYS A 43 -3.33 -7.59 10.62
N ARG A 44 -3.68 -8.50 11.52
CA ARG A 44 -3.29 -8.37 12.91
C ARG A 44 -3.27 -9.71 13.62
N ALA A 45 -4.26 -10.55 13.34
CA ALA A 45 -4.32 -11.87 13.97
C ALA A 45 -3.67 -12.91 13.09
N ASP A 46 -2.55 -13.46 13.57
CA ASP A 46 -1.82 -14.49 12.83
C ASP A 46 -1.42 -13.99 11.44
N GLU A 47 -1.18 -12.69 11.32
CA GLU A 47 -0.76 -12.12 10.04
C GLU A 47 0.40 -11.15 10.23
N ILE A 48 1.31 -11.09 9.26
CA ILE A 48 2.46 -10.21 9.34
C ILE A 48 2.43 -9.16 8.22
N CYS A 49 2.84 -7.94 8.55
CA CYS A 49 2.87 -6.85 7.59
C CYS A 49 4.31 -6.39 7.36
N VAL A 50 4.74 -6.37 6.10
CA VAL A 50 6.10 -5.95 5.76
C VAL A 50 6.08 -4.86 4.70
N GLN A 51 6.85 -3.78 4.92
CA GLN A 51 6.90 -2.69 3.94
C GLN A 51 8.33 -2.38 3.53
N ARG A 52 8.49 -1.88 2.30
CA ARG A 52 9.81 -1.53 1.78
C ARG A 52 9.78 -0.12 1.20
N ASN A 53 10.72 0.72 1.61
CA ASN A 53 10.77 2.10 1.12
C ASN A 53 11.88 2.26 0.08
N LEU A 54 11.51 2.73 -1.10
CA LEU A 54 12.47 2.94 -2.17
C LEU A 54 12.82 4.42 -2.29
N SER A 55 11.78 5.25 -2.32
CA SER A 55 11.96 6.69 -2.45
C SER A 55 10.68 7.40 -2.04
N ASN A 56 10.54 8.66 -2.45
CA ASN A 56 9.34 9.42 -2.11
C ASN A 56 8.19 9.05 -3.05
N GLY A 57 7.18 8.38 -2.50
CA GLY A 57 6.03 7.96 -3.28
C GLY A 57 6.14 6.51 -3.74
N LYS A 58 7.35 5.96 -3.67
CA LYS A 58 7.56 4.58 -4.08
C LYS A 58 7.85 3.69 -2.88
N SER A 59 6.87 2.86 -2.54
CA SER A 59 7.02 1.93 -1.43
C SER A 59 6.16 0.70 -1.67
N PHE A 60 6.67 -0.45 -1.25
CA PHE A 60 5.96 -1.71 -1.43
C PHE A 60 5.72 -2.42 -0.11
N ALA A 61 4.47 -2.65 0.22
CA ALA A 61 4.14 -3.35 1.45
C ALA A 61 3.14 -4.48 1.18
N GLN A 62 3.40 -5.63 1.80
CA GLN A 62 2.55 -6.80 1.60
C GLN A 62 2.22 -7.49 2.92
N CYS A 63 1.02 -8.04 2.99
CA CYS A 63 0.57 -8.76 4.17
C CYS A 63 0.61 -10.26 3.89
N ILE A 64 1.33 -10.99 4.73
CA ILE A 64 1.46 -12.43 4.56
C ILE A 64 0.95 -13.17 5.78
N GLU A 65 0.03 -14.12 5.56
CA GLU A 65 -0.53 -14.89 6.67
C GLU A 65 0.56 -15.73 7.33
N LEU A 66 0.50 -15.81 8.65
CA LEU A 66 1.46 -16.58 9.41
C LEU A 66 0.77 -17.31 10.56
N VAL A 67 0.96 -18.62 10.64
CA VAL A 67 0.33 -19.40 11.69
C VAL A 67 1.37 -19.95 12.65
N LYS A 68 1.06 -19.90 13.94
CA LYS A 68 1.98 -20.39 14.96
C LYS A 68 2.07 -21.91 14.92
N GLY A 1 -17.13 2.31 -6.11
CA GLY A 1 -15.98 3.13 -6.61
C GLY A 1 -14.73 2.26 -6.68
N PRO A 2 -14.67 1.39 -7.66
CA PRO A 2 -13.51 0.47 -7.86
C PRO A 2 -12.20 1.23 -8.03
N ASP A 3 -11.12 0.68 -7.46
CA ASP A 3 -9.82 1.33 -7.55
C ASP A 3 -8.97 0.67 -8.64
N ARG A 4 -8.27 1.48 -9.41
CA ARG A 4 -7.43 0.98 -10.49
C ARG A 4 -6.05 1.62 -10.43
N THR A 5 -5.03 0.87 -10.87
CA THR A 5 -3.66 1.36 -10.87
C THR A 5 -3.58 2.78 -11.41
N CYS A 6 -2.62 3.55 -10.90
CA CYS A 6 -2.46 4.92 -11.33
C CYS A 6 -2.00 4.95 -12.81
N PRO A 7 -2.77 5.54 -13.71
CA PRO A 7 -2.41 5.60 -15.15
C PRO A 7 -1.59 6.83 -15.52
N ALA A 8 -0.30 6.77 -15.27
CA ALA A 8 0.59 7.87 -15.59
C ALA A 8 2.02 7.37 -15.74
N GLY A 9 2.83 8.09 -16.51
CA GLY A 9 4.21 7.69 -16.71
C GLY A 9 4.94 7.64 -15.38
N GLN A 10 4.67 8.65 -14.56
CA GLN A 10 5.26 8.72 -13.24
C GLN A 10 4.17 8.77 -12.17
N THR A 11 4.19 7.82 -11.25
CA THR A 11 3.20 7.78 -10.20
C THR A 11 3.86 7.55 -8.85
N TYR A 12 3.17 7.93 -7.78
CA TYR A 12 3.71 7.75 -6.43
C TYR A 12 2.85 6.78 -5.65
N ASP A 13 3.45 5.67 -5.23
CA ASP A 13 2.71 4.66 -4.48
C ASP A 13 3.49 4.23 -3.23
N ARG A 14 2.83 4.31 -2.08
CA ARG A 14 3.47 3.90 -0.83
C ARG A 14 2.52 3.01 -0.04
N SER A 15 3.10 2.14 0.78
CA SER A 15 2.29 1.24 1.60
C SER A 15 2.71 1.31 3.06
N VAL A 16 1.72 1.35 3.93
CA VAL A 16 1.98 1.41 5.36
C VAL A 16 1.17 0.37 6.12
N CYS A 17 1.58 0.08 7.36
CA CYS A 17 0.85 -0.89 8.17
C CYS A 17 -0.12 -0.15 9.10
N TYR A 18 -1.40 -0.43 8.92
CA TYR A 18 -2.44 0.18 9.73
C TYR A 18 -2.61 -0.63 11.01
N LYS A 19 -3.16 0.01 12.05
CA LYS A 19 -3.37 -0.65 13.34
C LYS A 19 -3.85 -2.08 13.15
N TYR A 20 -3.45 -2.95 14.09
CA TYR A 20 -3.78 -4.38 14.04
C TYR A 20 -2.93 -5.10 13.02
N ASN A 21 -1.76 -4.52 12.74
CA ASN A 21 -0.82 -5.11 11.78
C ASN A 21 -1.49 -5.37 10.44
N THR A 22 -2.34 -4.43 10.01
CA THR A 22 -3.03 -4.55 8.74
C THR A 22 -2.23 -3.86 7.64
N ILE A 23 -2.26 -4.41 6.43
CA ILE A 23 -1.49 -3.81 5.34
C ILE A 23 -2.37 -2.95 4.43
N ARG A 24 -1.94 -1.71 4.19
CA ARG A 24 -2.67 -0.83 3.31
C ARG A 24 -1.72 -0.23 2.27
N ARG A 25 -2.15 -0.26 1.03
CA ARG A 25 -1.34 0.26 -0.06
C ARG A 25 -2.05 1.43 -0.74
N PHE A 26 -1.32 2.51 -1.02
CA PHE A 26 -1.92 3.67 -1.65
C PHE A 26 -1.11 4.12 -2.88
N CYS A 27 -1.83 4.50 -3.93
CA CYS A 27 -1.19 4.97 -5.17
C CYS A 27 -1.90 6.21 -5.68
N VAL A 28 -1.12 7.21 -6.08
CA VAL A 28 -1.69 8.45 -6.60
C VAL A 28 -1.14 8.76 -7.98
N ALA A 29 -1.98 9.35 -8.82
CA ALA A 29 -1.59 9.70 -10.17
C ALA A 29 -0.93 11.07 -10.18
N ASN A 30 -0.40 11.46 -11.33
CA ASN A 30 0.26 12.77 -11.44
C ASN A 30 -0.67 13.92 -11.02
N PRO A 31 -1.89 13.98 -11.50
CA PRO A 31 -2.83 15.07 -11.09
C PRO A 31 -2.99 15.15 -9.58
N ARG A 32 -2.76 14.02 -8.91
CA ARG A 32 -2.88 13.96 -7.46
C ARG A 32 -4.30 14.26 -7.00
N SER A 33 -5.26 14.15 -7.93
CA SER A 33 -6.65 14.40 -7.61
C SER A 33 -7.56 13.88 -8.73
N ASN A 34 -7.06 12.93 -9.51
CA ASN A 34 -7.85 12.38 -10.61
C ASN A 34 -8.04 10.88 -10.46
N ARG A 35 -6.94 10.13 -10.51
CA ARG A 35 -7.03 8.67 -10.39
C ARG A 35 -6.09 8.13 -9.33
N GLU A 36 -6.64 7.36 -8.39
CA GLU A 36 -5.85 6.76 -7.32
C GLU A 36 -6.16 5.27 -7.18
N ASP A 37 -5.19 4.50 -6.72
CA ASP A 37 -5.39 3.06 -6.52
C ASP A 37 -5.10 2.70 -5.07
N ILE A 38 -6.11 2.20 -4.38
CA ILE A 38 -5.95 1.81 -2.98
C ILE A 38 -6.27 0.34 -2.79
N LYS A 39 -5.34 -0.38 -2.18
CA LYS A 39 -5.53 -1.81 -1.93
C LYS A 39 -5.42 -2.09 -0.44
N ASN A 40 -6.20 -3.04 0.05
CA ASN A 40 -6.18 -3.37 1.47
C ASN A 40 -6.00 -4.87 1.70
N THR A 41 -4.95 -5.21 2.44
CA THR A 41 -4.67 -6.60 2.77
C THR A 41 -4.80 -6.78 4.29
N PRO A 42 -5.95 -7.21 4.76
CA PRO A 42 -6.20 -7.39 6.23
C PRO A 42 -5.29 -8.44 6.87
N CYS A 43 -4.37 -7.99 7.70
CA CYS A 43 -3.48 -8.90 8.42
C CYS A 43 -3.56 -8.58 9.91
N ARG A 44 -3.77 -9.60 10.73
CA ARG A 44 -3.87 -9.39 12.17
C ARG A 44 -3.68 -10.69 12.95
N ALA A 45 -4.27 -11.77 12.46
CA ALA A 45 -4.16 -13.05 13.15
C ALA A 45 -2.95 -13.82 12.66
N ASP A 46 -1.98 -14.00 13.54
CA ASP A 46 -0.76 -14.73 13.21
C ASP A 46 -0.17 -14.23 11.89
N GLU A 47 -0.27 -12.93 11.66
CA GLU A 47 0.27 -12.34 10.43
C GLU A 47 1.17 -11.14 10.74
N ILE A 48 2.28 -11.05 10.03
CA ILE A 48 3.21 -9.95 10.22
C ILE A 48 3.33 -9.11 8.94
N CYS A 49 3.52 -7.80 9.10
CA CYS A 49 3.66 -6.93 7.94
C CYS A 49 5.02 -6.25 7.93
N VAL A 50 5.59 -6.08 6.76
CA VAL A 50 6.89 -5.43 6.62
C VAL A 50 6.78 -4.24 5.69
N GLN A 51 7.29 -3.09 6.13
CA GLN A 51 7.22 -1.87 5.32
C GLN A 51 8.62 -1.47 4.84
N ARG A 52 8.73 -1.13 3.55
CA ARG A 52 10.01 -0.71 3.00
C ARG A 52 9.88 0.64 2.31
N ASN A 53 10.74 1.59 2.67
CA ASN A 53 10.70 2.91 2.07
C ASN A 53 11.89 3.13 1.15
N LEU A 54 11.60 3.50 -0.10
CA LEU A 54 12.64 3.76 -1.08
C LEU A 54 12.93 5.25 -1.18
N SER A 55 11.86 6.03 -1.18
CA SER A 55 11.96 7.48 -1.27
C SER A 55 10.63 8.12 -0.92
N ASN A 56 10.41 9.35 -1.37
CA ASN A 56 9.16 10.04 -1.09
C ASN A 56 8.09 9.62 -2.08
N GLY A 57 7.11 8.86 -1.60
CA GLY A 57 6.02 8.40 -2.45
C GLY A 57 6.23 6.95 -2.91
N LYS A 58 7.46 6.45 -2.77
CA LYS A 58 7.75 5.09 -3.17
C LYS A 58 8.03 4.20 -1.95
N SER A 59 7.10 3.28 -1.70
CA SER A 59 7.25 2.36 -0.57
C SER A 59 6.55 1.04 -0.85
N PHE A 60 7.15 -0.04 -0.39
CA PHE A 60 6.61 -1.37 -0.60
C PHE A 60 6.32 -2.06 0.72
N ALA A 61 5.16 -2.70 0.81
CA ALA A 61 4.81 -3.41 2.02
C ALA A 61 4.27 -4.80 1.68
N GLN A 62 4.67 -5.79 2.47
CA GLN A 62 4.23 -7.16 2.24
C GLN A 62 3.74 -7.81 3.52
N CYS A 63 2.70 -8.64 3.40
CA CYS A 63 2.14 -9.33 4.55
C CYS A 63 2.53 -10.81 4.49
N ILE A 64 3.17 -11.29 5.54
CA ILE A 64 3.58 -12.69 5.61
C ILE A 64 3.03 -13.36 6.86
N GLU A 65 2.37 -14.51 6.68
CA GLU A 65 1.80 -15.22 7.80
C GLU A 65 2.90 -15.81 8.68
N LEU A 66 2.86 -15.46 9.97
CA LEU A 66 3.85 -15.94 10.92
C LEU A 66 3.16 -16.71 12.05
N VAL A 67 3.84 -17.70 12.59
CA VAL A 67 3.26 -18.48 13.67
C VAL A 67 4.16 -18.48 14.90
N LYS A 68 3.56 -18.67 16.07
CA LYS A 68 4.31 -18.68 17.32
C LYS A 68 5.27 -17.49 17.39
N GLY A 1 -15.60 -1.82 -13.38
CA GLY A 1 -14.69 -2.77 -12.66
C GLY A 1 -13.71 -1.99 -11.80
N PRO A 2 -12.97 -2.69 -10.97
CA PRO A 2 -11.98 -2.07 -10.05
C PRO A 2 -10.76 -1.53 -10.81
N ASP A 3 -10.15 -0.49 -10.25
CA ASP A 3 -8.97 0.12 -10.87
C ASP A 3 -7.74 -0.74 -10.66
N ARG A 4 -6.84 -0.76 -11.63
CA ARG A 4 -5.62 -1.55 -11.53
C ARG A 4 -4.39 -0.66 -11.72
N THR A 5 -3.48 -0.70 -10.75
CA THR A 5 -2.27 0.10 -10.81
C THR A 5 -2.61 1.59 -10.90
N CYS A 6 -1.61 2.44 -10.66
CA CYS A 6 -1.82 3.88 -10.71
C CYS A 6 -1.99 4.33 -12.17
N PRO A 7 -2.61 5.46 -12.40
CA PRO A 7 -2.85 5.99 -13.78
C PRO A 7 -1.56 6.11 -14.59
N ALA A 8 -1.68 5.97 -15.90
CA ALA A 8 -0.51 6.05 -16.77
C ALA A 8 0.26 7.34 -16.52
N GLY A 9 1.59 7.26 -16.60
CA GLY A 9 2.44 8.42 -16.35
C GLY A 9 3.14 8.30 -15.01
N GLN A 10 3.75 9.38 -14.55
CA GLN A 10 4.44 9.36 -13.27
C GLN A 10 3.43 9.30 -12.15
N THR A 11 3.57 8.29 -11.30
CA THR A 11 2.64 8.12 -10.19
C THR A 11 3.39 7.86 -8.89
N TYR A 12 2.74 8.16 -7.78
CA TYR A 12 3.34 7.94 -6.47
C TYR A 12 2.43 7.04 -5.64
N ASP A 13 2.93 5.86 -5.29
CA ASP A 13 2.14 4.92 -4.49
C ASP A 13 3.00 4.37 -3.36
N ARG A 14 2.52 4.51 -2.13
CA ARG A 14 3.25 4.00 -0.99
C ARG A 14 2.35 3.20 -0.06
N SER A 15 2.93 2.24 0.64
CA SER A 15 2.17 1.40 1.55
C SER A 15 2.69 1.51 2.97
N VAL A 16 1.76 1.51 3.92
CA VAL A 16 2.13 1.61 5.33
C VAL A 16 1.44 0.51 6.14
N CYS A 17 1.96 0.24 7.33
CA CYS A 17 1.37 -0.79 8.19
C CYS A 17 0.42 -0.13 9.20
N TYR A 18 -0.87 -0.42 9.07
CA TYR A 18 -1.88 0.16 9.94
C TYR A 18 -2.07 -0.67 11.21
N LYS A 19 -2.44 0.02 12.30
CA LYS A 19 -2.66 -0.64 13.58
C LYS A 19 -1.37 -1.32 14.05
N TYR A 20 -1.22 -2.61 13.76
CA TYR A 20 -0.02 -3.32 14.18
C TYR A 20 0.52 -4.16 13.03
N ASN A 21 -0.33 -5.01 12.47
CA ASN A 21 0.08 -5.88 11.37
C ASN A 21 -0.85 -5.75 10.15
N THR A 22 -1.58 -4.64 10.05
CA THR A 22 -2.50 -4.45 8.92
C THR A 22 -1.77 -3.72 7.80
N ILE A 23 -2.05 -4.11 6.54
CA ILE A 23 -1.37 -3.49 5.41
C ILE A 23 -2.30 -2.58 4.62
N ARG A 24 -1.84 -1.36 4.34
CA ARG A 24 -2.62 -0.42 3.56
C ARG A 24 -1.77 0.15 2.43
N ARG A 25 -2.34 0.13 1.23
CA ARG A 25 -1.63 0.65 0.06
C ARG A 25 -2.35 1.89 -0.48
N PHE A 26 -1.60 2.98 -0.63
CA PHE A 26 -2.19 4.23 -1.11
C PHE A 26 -1.55 4.68 -2.43
N CYS A 27 -2.39 4.91 -3.44
CA CYS A 27 -1.91 5.36 -4.73
C CYS A 27 -2.53 6.71 -5.08
N VAL A 28 -1.68 7.68 -5.41
CA VAL A 28 -2.17 9.01 -5.77
C VAL A 28 -1.52 9.47 -7.08
N ALA A 29 -2.29 10.22 -7.86
CA ALA A 29 -1.80 10.73 -9.13
C ALA A 29 -1.16 12.10 -8.93
N ASN A 30 -0.55 12.64 -9.98
CA ASN A 30 0.11 13.94 -9.87
C ASN A 30 -0.86 15.05 -9.41
N PRO A 31 -2.05 15.16 -9.96
CA PRO A 31 -3.02 16.22 -9.53
C PRO A 31 -3.31 16.18 -8.03
N ARG A 32 -3.21 14.98 -7.44
CA ARG A 32 -3.47 14.82 -6.01
C ARG A 32 -4.94 15.07 -5.70
N SER A 33 -5.79 14.89 -6.72
CA SER A 33 -7.22 15.10 -6.54
C SER A 33 -7.97 14.74 -7.83
N ASN A 34 -7.40 13.81 -8.60
CA ASN A 34 -8.02 13.39 -9.84
C ASN A 34 -8.24 11.88 -9.86
N ARG A 35 -7.15 11.13 -9.80
CA ARG A 35 -7.25 9.66 -9.79
C ARG A 35 -6.51 9.07 -8.60
N GLU A 36 -7.25 8.42 -7.72
CA GLU A 36 -6.66 7.79 -6.54
C GLU A 36 -7.12 6.34 -6.42
N ASP A 37 -6.21 5.47 -6.00
CA ASP A 37 -6.54 4.06 -5.82
C ASP A 37 -6.08 3.58 -4.45
N ILE A 38 -7.02 3.19 -3.60
CA ILE A 38 -6.68 2.75 -2.26
C ILE A 38 -7.05 1.28 -2.05
N LYS A 39 -6.03 0.45 -1.81
CA LYS A 39 -6.25 -0.98 -1.56
C LYS A 39 -5.54 -1.39 -0.28
N ASN A 40 -6.17 -2.24 0.53
CA ASN A 40 -5.53 -2.67 1.76
C ASN A 40 -5.76 -4.16 2.03
N THR A 41 -4.83 -4.75 2.77
CA THR A 41 -4.92 -6.16 3.13
C THR A 41 -5.14 -6.27 4.64
N PRO A 42 -6.24 -6.87 5.09
CA PRO A 42 -6.55 -6.99 6.54
C PRO A 42 -5.71 -8.05 7.26
N CYS A 43 -4.47 -7.71 7.57
CA CYS A 43 -3.60 -8.63 8.29
C CYS A 43 -3.53 -8.23 9.76
N ARG A 44 -3.84 -9.16 10.65
CA ARG A 44 -3.82 -8.84 12.08
C ARG A 44 -3.75 -10.10 12.94
N ALA A 45 -4.40 -11.17 12.49
CA ALA A 45 -4.40 -12.41 13.25
C ALA A 45 -3.34 -13.38 12.72
N ASP A 46 -2.34 -13.64 13.54
CA ASP A 46 -1.26 -14.55 13.16
C ASP A 46 -0.57 -14.09 11.88
N GLU A 47 -0.59 -12.79 11.62
CA GLU A 47 0.05 -12.23 10.44
C GLU A 47 0.88 -11.01 10.79
N ILE A 48 2.02 -10.87 10.12
CA ILE A 48 2.92 -9.75 10.37
C ILE A 48 3.06 -8.87 9.13
N CYS A 49 3.26 -7.57 9.33
CA CYS A 49 3.41 -6.66 8.21
C CYS A 49 4.85 -6.14 8.12
N VAL A 50 5.31 -5.96 6.89
CA VAL A 50 6.68 -5.46 6.67
C VAL A 50 6.65 -4.25 5.75
N GLN A 51 7.34 -3.19 6.14
CA GLN A 51 7.37 -1.97 5.34
C GLN A 51 8.78 -1.69 4.80
N ARG A 52 8.87 -1.26 3.55
CA ARG A 52 10.16 -0.95 2.95
C ARG A 52 10.10 0.38 2.22
N ASN A 53 11.05 1.26 2.51
CA ASN A 53 11.07 2.57 1.87
C ASN A 53 12.23 2.70 0.90
N LEU A 54 11.90 2.85 -0.39
CA LEU A 54 12.93 3.00 -1.41
C LEU A 54 13.64 4.32 -1.26
N SER A 55 12.86 5.36 -0.98
CA SER A 55 13.39 6.70 -0.80
C SER A 55 12.25 7.65 -0.44
N ASN A 56 11.44 7.99 -1.43
CA ASN A 56 10.31 8.87 -1.21
C ASN A 56 9.28 8.72 -2.32
N GLY A 57 8.01 8.93 -1.98
CA GLY A 57 6.93 8.82 -2.95
C GLY A 57 6.45 7.39 -3.06
N LYS A 58 7.40 6.47 -3.22
CA LYS A 58 7.07 5.06 -3.35
C LYS A 58 7.56 4.24 -2.16
N SER A 59 6.74 3.28 -1.75
CA SER A 59 7.08 2.41 -0.63
C SER A 59 6.45 1.04 -0.84
N PHE A 60 7.16 0.00 -0.42
CA PHE A 60 6.67 -1.37 -0.57
C PHE A 60 6.33 -2.00 0.77
N ALA A 61 5.14 -2.59 0.85
CA ALA A 61 4.73 -3.26 2.06
C ALA A 61 4.17 -4.65 1.74
N GLN A 62 4.55 -5.63 2.55
CA GLN A 62 4.09 -7.00 2.32
C GLN A 62 3.57 -7.64 3.59
N CYS A 63 2.54 -8.47 3.44
CA CYS A 63 1.96 -9.18 4.57
C CYS A 63 2.40 -10.64 4.53
N ILE A 64 3.01 -11.10 5.62
CA ILE A 64 3.49 -12.48 5.69
C ILE A 64 2.83 -13.23 6.83
N GLU A 65 2.26 -14.39 6.52
CA GLU A 65 1.60 -15.19 7.54
C GLU A 65 2.61 -15.77 8.52
N LEU A 66 2.33 -15.58 9.80
CA LEU A 66 3.21 -16.09 10.85
C LEU A 66 2.45 -17.08 11.73
N VAL A 67 3.04 -18.25 11.96
CA VAL A 67 2.41 -19.26 12.77
C VAL A 67 3.17 -19.46 14.08
N LYS A 68 2.43 -19.57 15.17
CA LYS A 68 3.02 -19.75 16.48
C LYS A 68 3.58 -21.16 16.64
N GLY A 1 -7.81 -8.59 -5.78
CA GLY A 1 -7.63 -9.53 -6.93
C GLY A 1 -7.31 -8.72 -8.19
N PRO A 2 -8.23 -7.92 -8.62
CA PRO A 2 -8.06 -7.06 -9.85
C PRO A 2 -6.86 -6.14 -9.75
N ASP A 3 -6.17 -5.94 -10.86
CA ASP A 3 -5.00 -5.07 -10.89
C ASP A 3 -5.43 -3.61 -11.00
N ARG A 4 -5.12 -2.84 -9.97
CA ARG A 4 -5.48 -1.42 -9.95
C ARG A 4 -4.24 -0.54 -9.80
N THR A 5 -4.25 0.60 -10.48
CA THR A 5 -3.13 1.52 -10.43
C THR A 5 -3.61 2.95 -10.65
N CYS A 6 -2.69 3.91 -10.58
CA CYS A 6 -3.05 5.31 -10.78
C CYS A 6 -2.49 5.82 -12.12
N PRO A 7 -3.32 5.98 -13.13
CA PRO A 7 -2.86 6.48 -14.47
C PRO A 7 -2.26 7.89 -14.39
N ALA A 8 -2.27 8.58 -15.53
CA ALA A 8 -1.71 9.93 -15.62
C ALA A 8 -0.19 9.90 -15.57
N GLY A 9 0.41 9.19 -16.52
CA GLY A 9 1.86 9.10 -16.58
C GLY A 9 2.44 8.50 -15.30
N GLN A 10 3.45 9.15 -14.76
CA GLN A 10 4.08 8.69 -13.54
C GLN A 10 3.20 8.95 -12.34
N THR A 11 3.19 8.01 -11.40
CA THR A 11 2.38 8.15 -10.21
C THR A 11 3.17 7.75 -8.97
N TYR A 12 2.80 8.31 -7.83
CA TYR A 12 3.48 8.00 -6.59
C TYR A 12 2.57 7.20 -5.67
N ASP A 13 3.00 5.99 -5.35
CA ASP A 13 2.22 5.12 -4.46
C ASP A 13 3.12 4.51 -3.39
N ARG A 14 2.68 4.59 -2.15
CA ARG A 14 3.46 4.03 -1.05
C ARG A 14 2.58 3.22 -0.12
N SER A 15 3.18 2.25 0.57
CA SER A 15 2.44 1.40 1.48
C SER A 15 3.05 1.46 2.88
N VAL A 16 2.19 1.52 3.87
CA VAL A 16 2.63 1.57 5.26
C VAL A 16 1.90 0.51 6.07
N CYS A 17 2.48 0.13 7.20
CA CYS A 17 1.85 -0.87 8.05
C CYS A 17 1.18 -0.19 9.24
N TYR A 18 -0.16 -0.20 9.23
CA TYR A 18 -0.93 0.40 10.30
C TYR A 18 -1.12 -0.60 11.43
N LYS A 19 -0.97 -0.12 12.66
CA LYS A 19 -1.11 -0.98 13.84
C LYS A 19 -0.01 -2.03 13.85
N TYR A 20 1.04 -1.81 13.04
CA TYR A 20 2.14 -2.76 12.97
C TYR A 20 1.62 -4.16 12.70
N ASN A 21 0.50 -4.25 12.01
CA ASN A 21 -0.09 -5.55 11.70
C ASN A 21 -0.96 -5.46 10.45
N THR A 22 -1.68 -4.34 10.31
CA THR A 22 -2.57 -4.14 9.16
C THR A 22 -1.84 -3.36 8.08
N ILE A 23 -2.10 -3.66 6.81
CA ILE A 23 -1.43 -2.95 5.73
C ILE A 23 -2.35 -1.98 5.02
N ARG A 24 -1.91 -0.73 4.91
CA ARG A 24 -2.68 0.30 4.22
C ARG A 24 -1.82 0.89 3.10
N ARG A 25 -2.36 0.86 1.89
CA ARG A 25 -1.62 1.37 0.73
C ARG A 25 -2.27 2.64 0.17
N PHE A 26 -1.43 3.62 -0.15
CA PHE A 26 -1.91 4.89 -0.69
C PHE A 26 -1.35 5.12 -2.09
N CYS A 27 -2.21 5.49 -3.03
CA CYS A 27 -1.76 5.76 -4.39
C CYS A 27 -2.30 7.11 -4.85
N VAL A 28 -1.40 7.98 -5.30
CA VAL A 28 -1.82 9.30 -5.75
C VAL A 28 -1.23 9.61 -7.12
N ALA A 29 -1.99 10.33 -7.94
CA ALA A 29 -1.53 10.69 -9.27
C ALA A 29 -1.26 12.18 -9.34
N ASN A 30 -1.00 12.69 -10.55
CA ASN A 30 -0.72 14.10 -10.71
C ASN A 30 -1.87 14.97 -10.19
N PRO A 31 -3.12 14.71 -10.55
CA PRO A 31 -4.26 15.51 -10.03
C PRO A 31 -4.68 15.08 -8.63
N ARG A 32 -3.88 15.49 -7.66
CA ARG A 32 -4.15 15.16 -6.27
C ARG A 32 -5.50 15.72 -5.83
N SER A 33 -6.13 15.03 -4.88
CA SER A 33 -7.44 15.45 -4.40
C SER A 33 -8.45 15.38 -5.54
N ASN A 34 -8.19 14.48 -6.48
CA ASN A 34 -9.06 14.29 -7.63
C ASN A 34 -9.14 12.82 -7.98
N ARG A 35 -7.98 12.19 -8.18
CA ARG A 35 -7.94 10.77 -8.49
C ARG A 35 -6.91 10.07 -7.60
N GLU A 36 -7.40 9.38 -6.59
CA GLU A 36 -6.53 8.65 -5.67
C GLU A 36 -7.05 7.23 -5.45
N ASP A 37 -6.14 6.28 -5.24
CA ASP A 37 -6.54 4.90 -5.03
C ASP A 37 -5.92 4.36 -3.73
N ILE A 38 -6.77 3.91 -2.83
CA ILE A 38 -6.30 3.38 -1.55
C ILE A 38 -6.66 1.89 -1.41
N LYS A 39 -5.64 1.08 -1.14
CA LYS A 39 -5.85 -0.36 -0.98
C LYS A 39 -5.41 -0.78 0.42
N ASN A 40 -6.37 -1.23 1.23
CA ASN A 40 -6.05 -1.63 2.60
C ASN A 40 -6.28 -3.12 2.82
N THR A 41 -5.22 -3.83 3.23
CA THR A 41 -5.31 -5.25 3.52
C THR A 41 -5.48 -5.44 5.03
N PRO A 42 -6.57 -6.02 5.49
CA PRO A 42 -6.83 -6.22 6.95
C PRO A 42 -6.02 -7.37 7.56
N CYS A 43 -4.75 -7.12 7.82
CA CYS A 43 -3.90 -8.13 8.44
C CYS A 43 -3.75 -7.83 9.93
N ARG A 44 -4.00 -8.84 10.77
CA ARG A 44 -3.87 -8.63 12.22
C ARG A 44 -3.74 -9.95 12.98
N ALA A 45 -4.59 -10.92 12.64
CA ALA A 45 -4.54 -12.20 13.33
C ALA A 45 -3.57 -13.15 12.65
N ASP A 46 -2.48 -13.48 13.33
CA ASP A 46 -1.48 -14.39 12.82
C ASP A 46 -0.95 -13.93 11.44
N GLU A 47 -0.86 -12.61 11.25
CA GLU A 47 -0.35 -12.07 9.98
C GLU A 47 0.74 -11.04 10.24
N ILE A 48 1.73 -11.03 9.35
CA ILE A 48 2.85 -10.08 9.47
C ILE A 48 2.86 -9.12 8.28
N CYS A 49 3.28 -7.88 8.53
CA CYS A 49 3.33 -6.89 7.46
C CYS A 49 4.77 -6.43 7.20
N VAL A 50 5.15 -6.38 5.94
CA VAL A 50 6.49 -5.95 5.57
C VAL A 50 6.43 -4.84 4.52
N GLN A 51 7.08 -3.72 4.79
CA GLN A 51 7.07 -2.60 3.85
C GLN A 51 8.49 -2.13 3.53
N ARG A 52 8.68 -1.61 2.32
CA ARG A 52 9.98 -1.12 1.89
C ARG A 52 9.83 0.25 1.24
N ASN A 53 10.63 1.21 1.68
CA ASN A 53 10.57 2.56 1.14
C ASN A 53 11.73 2.82 0.18
N LEU A 54 11.42 3.02 -1.09
CA LEU A 54 12.45 3.30 -2.09
C LEU A 54 13.10 4.66 -1.82
N SER A 55 12.27 5.63 -1.47
CA SER A 55 12.76 6.97 -1.17
C SER A 55 11.61 7.88 -0.73
N ASN A 56 10.90 8.45 -1.70
CA ASN A 56 9.78 9.34 -1.37
C ASN A 56 8.66 9.19 -2.40
N GLY A 57 7.53 8.62 -1.96
CA GLY A 57 6.39 8.42 -2.85
C GLY A 57 6.40 7.01 -3.42
N LYS A 58 7.55 6.36 -3.40
CA LYS A 58 7.67 5.00 -3.91
C LYS A 58 7.94 4.02 -2.78
N SER A 59 6.97 3.16 -2.50
CA SER A 59 7.13 2.16 -1.46
C SER A 59 6.27 0.94 -1.77
N PHE A 60 6.78 -0.23 -1.40
CA PHE A 60 6.06 -1.47 -1.66
C PHE A 60 6.01 -2.34 -0.41
N ALA A 61 4.81 -2.76 -0.02
CA ALA A 61 4.65 -3.59 1.17
C ALA A 61 3.75 -4.78 0.88
N GLN A 62 4.06 -5.90 1.52
CA GLN A 62 3.28 -7.12 1.34
C GLN A 62 2.89 -7.73 2.69
N CYS A 63 1.70 -8.32 2.73
CA CYS A 63 1.21 -8.96 3.94
C CYS A 63 1.31 -10.47 3.79
N ILE A 64 2.00 -11.10 4.72
CA ILE A 64 2.17 -12.55 4.69
C ILE A 64 1.62 -13.20 5.95
N GLU A 65 0.74 -14.17 5.78
CA GLU A 65 0.14 -14.84 6.93
C GLU A 65 1.13 -15.82 7.55
N LEU A 66 1.27 -15.75 8.87
CA LEU A 66 2.17 -16.63 9.59
C LEU A 66 1.41 -17.28 10.75
N VAL A 67 1.42 -18.61 10.79
CA VAL A 67 0.72 -19.32 11.86
C VAL A 67 1.63 -20.32 12.53
N LYS A 68 1.28 -20.69 13.75
CA LYS A 68 2.07 -21.65 14.52
C LYS A 68 3.55 -21.28 14.49
N GLY A 1 -7.60 -3.39 -22.45
CA GLY A 1 -7.84 -2.27 -21.51
C GLY A 1 -7.33 -2.65 -20.12
N PRO A 2 -6.04 -2.66 -19.95
CA PRO A 2 -5.40 -3.02 -18.64
C PRO A 2 -5.88 -2.11 -17.51
N ASP A 3 -6.09 -2.71 -16.34
CA ASP A 3 -6.54 -1.93 -15.18
C ASP A 3 -5.38 -1.67 -14.23
N ARG A 4 -5.29 -0.44 -13.74
CA ARG A 4 -4.23 -0.06 -12.82
C ARG A 4 -4.78 0.70 -11.63
N THR A 5 -4.13 0.55 -10.48
CA THR A 5 -4.55 1.25 -9.26
C THR A 5 -4.89 2.70 -9.56
N CYS A 6 -3.86 3.54 -9.68
CA CYS A 6 -4.06 4.95 -9.98
C CYS A 6 -4.17 5.18 -11.49
N PRO A 7 -4.75 6.28 -11.89
CA PRO A 7 -4.91 6.62 -13.34
C PRO A 7 -3.59 6.57 -14.10
N ALA A 8 -3.67 6.31 -15.40
CA ALA A 8 -2.47 6.24 -16.23
C ALA A 8 -1.64 7.51 -16.11
N GLY A 9 -0.32 7.36 -16.22
CA GLY A 9 0.58 8.50 -16.12
C GLY A 9 1.46 8.37 -14.88
N GLN A 10 2.07 9.48 -14.46
CA GLN A 10 2.94 9.46 -13.30
C GLN A 10 2.09 9.49 -12.03
N THR A 11 2.21 8.45 -11.21
CA THR A 11 1.46 8.37 -9.96
C THR A 11 2.36 7.91 -8.83
N TYR A 12 1.94 8.18 -7.59
CA TYR A 12 2.71 7.77 -6.43
C TYR A 12 1.90 6.82 -5.56
N ASP A 13 2.46 5.64 -5.32
CA ASP A 13 1.76 4.65 -4.49
C ASP A 13 2.70 4.08 -3.43
N ARG A 14 2.31 4.23 -2.18
CA ARG A 14 3.11 3.72 -1.07
C ARG A 14 2.24 2.98 -0.07
N SER A 15 2.80 1.97 0.58
CA SER A 15 2.06 1.20 1.58
C SER A 15 2.78 1.23 2.92
N VAL A 16 1.99 1.37 3.98
CA VAL A 16 2.56 1.41 5.33
C VAL A 16 1.85 0.41 6.23
N CYS A 17 2.50 0.05 7.33
CA CYS A 17 1.92 -0.90 8.28
C CYS A 17 1.34 -0.17 9.48
N TYR A 18 0.03 -0.30 9.67
CA TYR A 18 -0.65 0.34 10.79
C TYR A 18 -0.63 -0.57 12.01
N LYS A 19 -0.23 -0.02 13.15
CA LYS A 19 -0.16 -0.79 14.38
C LYS A 19 0.92 -1.86 14.28
N TYR A 20 1.81 -1.72 13.29
CA TYR A 20 2.88 -2.68 13.10
C TYR A 20 2.34 -4.09 12.91
N ASN A 21 1.08 -4.19 12.49
CA ASN A 21 0.45 -5.49 12.28
C ASN A 21 -0.49 -5.46 11.09
N THR A 22 -1.19 -4.34 10.92
CA THR A 22 -2.14 -4.18 9.82
C THR A 22 -1.46 -3.55 8.61
N ILE A 23 -1.87 -3.94 7.42
CA ILE A 23 -1.27 -3.38 6.20
C ILE A 23 -2.19 -2.36 5.55
N ARG A 24 -1.61 -1.24 5.12
CA ARG A 24 -2.37 -0.19 4.45
C ARG A 24 -1.67 0.23 3.17
N ARG A 25 -2.45 0.46 2.13
CA ARG A 25 -1.90 0.86 0.84
C ARG A 25 -2.55 2.17 0.38
N PHE A 26 -1.73 3.11 -0.07
CA PHE A 26 -2.24 4.39 -0.54
C PHE A 26 -1.71 4.70 -1.92
N CYS A 27 -2.59 5.13 -2.82
CA CYS A 27 -2.18 5.46 -4.18
C CYS A 27 -2.82 6.77 -4.61
N VAL A 28 -2.01 7.69 -5.13
CA VAL A 28 -2.52 8.98 -5.58
C VAL A 28 -2.10 9.24 -7.02
N ALA A 29 -2.97 9.92 -7.76
CA ALA A 29 -2.70 10.24 -9.16
C ALA A 29 -1.76 11.43 -9.27
N ASN A 30 -1.41 11.79 -10.50
CA ASN A 30 -0.52 12.94 -10.71
C ASN A 30 -1.01 14.16 -9.93
N PRO A 31 -2.26 14.56 -10.09
CA PRO A 31 -2.81 15.75 -9.34
C PRO A 31 -2.71 15.57 -7.83
N ARG A 32 -2.82 14.32 -7.38
CA ARG A 32 -2.77 14.01 -5.95
C ARG A 32 -3.87 14.76 -5.21
N SER A 33 -5.01 14.92 -5.87
CA SER A 33 -6.14 15.61 -5.26
C SER A 33 -7.41 15.36 -6.07
N ASN A 34 -7.48 14.19 -6.71
CA ASN A 34 -8.66 13.85 -7.50
C ASN A 34 -8.96 12.36 -7.42
N ARG A 35 -8.16 11.56 -8.12
CA ARG A 35 -8.35 10.12 -8.12
C ARG A 35 -7.36 9.43 -7.20
N GLU A 36 -7.85 8.82 -6.13
CA GLU A 36 -6.98 8.13 -5.19
C GLU A 36 -7.50 6.73 -4.91
N ASP A 37 -6.58 5.77 -4.80
CA ASP A 37 -6.95 4.39 -4.54
C ASP A 37 -6.28 3.91 -3.24
N ILE A 38 -7.10 3.61 -2.24
CA ILE A 38 -6.58 3.15 -0.95
C ILE A 38 -7.08 1.75 -0.64
N LYS A 39 -6.14 0.83 -0.41
CA LYS A 39 -6.49 -0.55 -0.08
C LYS A 39 -5.80 -0.97 1.21
N ASN A 40 -6.58 -1.40 2.19
CA ASN A 40 -6.01 -1.83 3.47
C ASN A 40 -6.25 -3.30 3.71
N THR A 41 -5.20 -4.01 4.10
CA THR A 41 -5.32 -5.44 4.37
C THR A 41 -5.40 -5.66 5.90
N PRO A 42 -6.46 -6.28 6.40
CA PRO A 42 -6.65 -6.52 7.86
C PRO A 42 -5.72 -7.59 8.44
N CYS A 43 -4.53 -7.17 8.84
CA CYS A 43 -3.57 -8.10 9.43
C CYS A 43 -3.33 -7.76 10.90
N ARG A 44 -3.55 -8.74 11.78
CA ARG A 44 -3.35 -8.52 13.20
C ARG A 44 -3.31 -9.85 13.94
N ALA A 45 -4.16 -10.79 13.52
CA ALA A 45 -4.21 -12.09 14.17
C ALA A 45 -3.22 -13.04 13.51
N ASP A 46 -2.19 -13.42 14.26
CA ASP A 46 -1.18 -14.33 13.75
C ASP A 46 -0.71 -13.87 12.37
N GLU A 47 -0.60 -12.56 12.19
CA GLU A 47 -0.16 -12.01 10.92
C GLU A 47 0.89 -10.93 11.13
N ILE A 48 1.91 -10.93 10.27
CA ILE A 48 2.97 -9.93 10.34
C ILE A 48 3.01 -9.08 9.09
N CYS A 49 3.41 -7.82 9.23
CA CYS A 49 3.48 -6.91 8.10
C CYS A 49 4.92 -6.50 7.84
N VAL A 50 5.28 -6.44 6.56
CA VAL A 50 6.64 -6.04 6.17
C VAL A 50 6.58 -4.89 5.19
N GLN A 51 7.30 -3.81 5.49
CA GLN A 51 7.30 -2.64 4.61
C GLN A 51 8.70 -2.34 4.10
N ARG A 52 8.80 -1.95 2.84
CA ARG A 52 10.09 -1.63 2.25
C ARG A 52 10.00 -0.30 1.48
N ASN A 53 10.90 0.62 1.81
CA ASN A 53 10.92 1.93 1.15
C ASN A 53 12.05 1.99 0.12
N LEU A 54 11.74 2.49 -1.07
CA LEU A 54 12.73 2.60 -2.12
C LEU A 54 13.33 4.01 -2.16
N SER A 55 12.48 5.01 -1.98
CA SER A 55 12.93 6.40 -1.99
C SER A 55 11.84 7.33 -1.47
N ASN A 56 10.94 7.76 -2.35
CA ASN A 56 9.85 8.65 -1.96
C ASN A 56 8.64 8.48 -2.88
N GLY A 57 7.53 8.03 -2.32
CA GLY A 57 6.31 7.83 -3.09
C GLY A 57 6.19 6.37 -3.53
N LYS A 58 7.33 5.68 -3.58
CA LYS A 58 7.33 4.28 -3.98
C LYS A 58 7.67 3.39 -2.78
N SER A 59 6.67 2.67 -2.30
CA SER A 59 6.88 1.77 -1.18
C SER A 59 6.16 0.45 -1.39
N PHE A 60 6.76 -0.63 -0.90
CA PHE A 60 6.16 -1.94 -1.04
C PHE A 60 5.89 -2.57 0.32
N ALA A 61 4.65 -3.03 0.52
CA ALA A 61 4.29 -3.67 1.78
C ALA A 61 3.55 -4.98 1.52
N GLN A 62 3.87 -6.00 2.31
CA GLN A 62 3.23 -7.29 2.15
C GLN A 62 2.86 -7.89 3.52
N CYS A 63 1.73 -8.58 3.57
CA CYS A 63 1.28 -9.20 4.82
C CYS A 63 1.49 -10.70 4.75
N ILE A 64 2.21 -11.25 5.73
CA ILE A 64 2.48 -12.68 5.76
C ILE A 64 1.87 -13.31 7.01
N GLU A 65 1.11 -14.38 6.82
CA GLU A 65 0.48 -15.05 7.94
C GLU A 65 1.51 -15.87 8.73
N LEU A 66 1.62 -15.56 10.03
CA LEU A 66 2.56 -16.26 10.89
C LEU A 66 1.87 -16.73 12.17
N VAL A 67 2.02 -18.01 12.48
CA VAL A 67 1.40 -18.56 13.68
C VAL A 67 2.46 -19.13 14.62
N LYS A 68 2.12 -19.22 15.90
CA LYS A 68 3.04 -19.74 16.89
C LYS A 68 3.12 -21.26 16.82
N GLY A 1 6.00 -2.93 -18.52
CA GLY A 1 5.15 -1.73 -18.77
C GLY A 1 5.08 -0.89 -17.50
N PRO A 2 4.36 0.20 -17.55
CA PRO A 2 4.19 1.11 -16.38
C PRO A 2 3.34 0.49 -15.28
N ASP A 3 3.63 0.86 -14.03
CA ASP A 3 2.88 0.34 -12.89
C ASP A 3 1.71 1.26 -12.54
N ARG A 4 0.49 0.75 -12.70
CA ARG A 4 -0.70 1.54 -12.39
C ARG A 4 -1.48 0.89 -11.26
N THR A 5 -1.81 1.68 -10.25
CA THR A 5 -2.56 1.19 -9.11
C THR A 5 -3.92 1.87 -9.02
N CYS A 6 -4.02 3.05 -9.61
CA CYS A 6 -5.27 3.81 -9.59
C CYS A 6 -5.78 4.03 -11.01
N PRO A 7 -7.05 4.30 -11.16
CA PRO A 7 -7.68 4.52 -12.50
C PRO A 7 -6.89 5.53 -13.36
N ALA A 8 -6.36 6.56 -12.71
CA ALA A 8 -5.59 7.57 -13.41
C ALA A 8 -4.34 6.96 -14.03
N GLY A 9 -3.90 7.51 -15.16
CA GLY A 9 -2.71 7.01 -15.83
C GLY A 9 -1.55 6.86 -14.86
N GLN A 10 -0.74 7.90 -14.77
CA GLN A 10 0.41 7.87 -13.86
C GLN A 10 -0.01 8.33 -12.47
N THR A 11 0.13 7.44 -11.50
CA THR A 11 -0.24 7.75 -10.13
C THR A 11 0.82 7.24 -9.15
N TYR A 12 0.81 7.78 -7.93
CA TYR A 12 1.76 7.34 -6.92
C TYR A 12 1.03 6.58 -5.83
N ASP A 13 1.41 5.31 -5.64
CA ASP A 13 0.78 4.48 -4.63
C ASP A 13 1.83 3.76 -3.78
N ARG A 14 1.76 3.99 -2.47
CA ARG A 14 2.71 3.36 -1.56
C ARG A 14 1.97 2.75 -0.37
N SER A 15 2.54 1.68 0.19
CA SER A 15 1.92 1.01 1.33
C SER A 15 2.90 0.91 2.49
N VAL A 16 2.40 1.17 3.68
CA VAL A 16 3.22 1.11 4.89
C VAL A 16 2.55 0.29 5.98
N CYS A 17 3.29 0.00 7.05
CA CYS A 17 2.73 -0.76 8.16
C CYS A 17 2.25 0.20 9.25
N TYR A 18 0.99 0.03 9.65
CA TYR A 18 0.39 0.87 10.68
C TYR A 18 0.31 0.12 12.01
N LYS A 19 0.24 0.89 13.11
CA LYS A 19 0.17 0.29 14.43
C LYS A 19 1.40 -0.58 14.71
N TYR A 20 1.31 -1.86 14.36
CA TYR A 20 2.42 -2.77 14.57
C TYR A 20 2.58 -3.70 13.38
N ASN A 21 1.52 -4.42 13.05
CA ASN A 21 1.54 -5.35 11.92
C ASN A 21 0.35 -5.11 11.01
N THR A 22 -0.19 -3.90 11.01
CA THR A 22 -1.34 -3.58 10.18
C THR A 22 -0.90 -3.10 8.82
N ILE A 23 -1.62 -3.50 7.77
CA ILE A 23 -1.24 -3.08 6.43
C ILE A 23 -2.14 -1.95 5.93
N ARG A 24 -1.52 -0.86 5.48
CA ARG A 24 -2.29 0.26 4.97
C ARG A 24 -1.73 0.71 3.61
N ARG A 25 -2.59 0.80 2.61
CA ARG A 25 -2.15 1.20 1.27
C ARG A 25 -2.74 2.56 0.90
N PHE A 26 -1.91 3.41 0.32
CA PHE A 26 -2.36 4.74 -0.10
C PHE A 26 -2.08 4.96 -1.58
N CYS A 27 -3.13 5.34 -2.32
CA CYS A 27 -2.98 5.59 -3.75
C CYS A 27 -3.49 6.98 -4.10
N VAL A 28 -2.64 7.77 -4.74
CA VAL A 28 -3.02 9.12 -5.13
C VAL A 28 -2.65 9.38 -6.59
N ALA A 29 -3.47 10.17 -7.27
CA ALA A 29 -3.22 10.49 -8.68
C ALA A 29 -2.32 11.72 -8.79
N ASN A 30 -1.86 11.99 -10.00
CA ASN A 30 -1.00 13.16 -10.24
C ASN A 30 -1.62 14.41 -9.58
N PRO A 31 -2.87 14.72 -9.88
CA PRO A 31 -3.56 15.90 -9.28
C PRO A 31 -3.51 15.88 -7.75
N ARG A 32 -3.56 14.68 -7.17
CA ARG A 32 -3.53 14.53 -5.72
C ARG A 32 -4.78 15.14 -5.09
N SER A 33 -5.82 15.32 -5.89
CA SER A 33 -7.07 15.89 -5.40
C SER A 33 -8.21 15.57 -6.37
N ASN A 34 -8.01 14.56 -7.21
CA ASN A 34 -9.04 14.18 -8.17
C ASN A 34 -9.44 12.72 -7.96
N ARG A 35 -8.46 11.83 -7.96
CA ARG A 35 -8.72 10.41 -7.77
C ARG A 35 -7.81 9.83 -6.70
N GLU A 36 -8.41 9.38 -5.60
CA GLU A 36 -7.64 8.79 -4.51
C GLU A 36 -8.25 7.47 -4.07
N ASP A 37 -7.39 6.49 -3.80
CA ASP A 37 -7.85 5.18 -3.36
C ASP A 37 -7.02 4.69 -2.17
N ILE A 38 -7.67 4.51 -1.03
CA ILE A 38 -6.99 4.05 0.17
C ILE A 38 -7.56 2.73 0.67
N LYS A 39 -6.68 1.76 0.89
CA LYS A 39 -7.10 0.45 1.36
C LYS A 39 -6.46 0.13 2.70
N ASN A 40 -7.14 -0.66 3.52
CA ASN A 40 -6.61 -1.03 4.83
C ASN A 40 -6.84 -2.50 5.12
N THR A 41 -5.75 -3.23 5.35
CA THR A 41 -5.85 -4.64 5.66
C THR A 41 -5.60 -4.85 7.16
N PRO A 42 -6.58 -5.38 7.87
CA PRO A 42 -6.48 -5.59 9.35
C PRO A 42 -5.55 -6.74 9.74
N CYS A 43 -4.27 -6.42 9.89
CA CYS A 43 -3.29 -7.42 10.28
C CYS A 43 -2.67 -7.05 11.62
N ARG A 44 -2.77 -7.96 12.58
CA ARG A 44 -2.22 -7.71 13.91
C ARG A 44 -2.18 -9.00 14.73
N ALA A 45 -3.20 -9.83 14.57
CA ALA A 45 -3.27 -11.09 15.30
C ALA A 45 -2.60 -12.20 14.50
N ASP A 46 -1.47 -12.69 15.02
CA ASP A 46 -0.74 -13.76 14.35
C ASP A 46 -0.53 -13.41 12.88
N GLU A 47 -0.36 -12.12 12.60
CA GLU A 47 -0.15 -11.68 11.23
C GLU A 47 1.05 -10.72 11.15
N ILE A 48 1.85 -10.87 10.10
CA ILE A 48 3.02 -10.01 9.91
C ILE A 48 2.88 -9.18 8.65
N CYS A 49 3.38 -7.95 8.70
CA CYS A 49 3.30 -7.06 7.55
C CYS A 49 4.68 -6.86 6.92
N VAL A 50 4.72 -6.78 5.60
CA VAL A 50 5.98 -6.60 4.89
C VAL A 50 5.89 -5.37 3.99
N GLN A 51 6.90 -4.49 4.07
CA GLN A 51 6.92 -3.28 3.26
C GLN A 51 8.05 -3.33 2.24
N ARG A 52 7.76 -2.91 1.01
CA ARG A 52 8.77 -2.91 -0.03
C ARG A 52 8.78 -1.57 -0.77
N ASN A 53 9.94 -0.93 -0.83
CA ASN A 53 10.06 0.36 -1.49
C ASN A 53 10.91 0.24 -2.75
N LEU A 54 10.31 0.55 -3.90
CA LEU A 54 11.02 0.48 -5.17
C LEU A 54 11.57 1.84 -5.55
N SER A 55 10.79 2.88 -5.29
CA SER A 55 11.22 4.23 -5.60
C SER A 55 10.39 5.25 -4.84
N ASN A 56 10.52 6.51 -5.22
CA ASN A 56 9.78 7.57 -4.55
C ASN A 56 8.33 7.60 -5.04
N GLY A 57 7.42 7.14 -4.18
CA GLY A 57 5.99 7.11 -4.53
C GLY A 57 5.54 5.69 -4.89
N LYS A 58 6.50 4.81 -5.18
CA LYS A 58 6.19 3.44 -5.53
C LYS A 58 6.61 2.48 -4.42
N SER A 59 5.62 1.84 -3.79
CA SER A 59 5.90 0.90 -2.71
C SER A 59 4.81 -0.17 -2.66
N PHE A 60 5.20 -1.39 -2.31
CA PHE A 60 4.25 -2.50 -2.23
C PHE A 60 4.39 -3.22 -0.90
N ALA A 61 3.26 -3.54 -0.28
CA ALA A 61 3.28 -4.23 1.00
C ALA A 61 2.31 -5.42 0.97
N GLN A 62 2.68 -6.46 1.71
CA GLN A 62 1.85 -7.66 1.76
C GLN A 62 1.71 -8.18 3.19
N CYS A 63 0.54 -8.73 3.51
CA CYS A 63 0.29 -9.26 4.84
C CYS A 63 0.35 -10.79 4.81
N ILE A 64 1.22 -11.36 5.65
CA ILE A 64 1.36 -12.82 5.71
C ILE A 64 0.94 -13.34 7.07
N GLU A 65 0.03 -14.30 7.06
CA GLU A 65 -0.45 -14.90 8.31
C GLU A 65 0.56 -15.91 8.85
N LEU A 66 0.90 -15.75 10.13
CA LEU A 66 1.86 -16.66 10.76
C LEU A 66 1.14 -17.60 11.72
N VAL A 67 1.68 -18.81 11.86
CA VAL A 67 1.08 -19.80 12.75
C VAL A 67 2.11 -20.30 13.77
N LYS A 68 1.61 -20.82 14.88
CA LYS A 68 2.49 -21.32 15.94
C LYS A 68 3.28 -22.53 15.44
N GLY A 1 4.41 2.90 -17.51
CA GLY A 1 4.60 1.47 -17.91
C GLY A 1 3.26 0.77 -17.91
N PRO A 2 3.25 -0.48 -18.32
CA PRO A 2 2.00 -1.30 -18.38
C PRO A 2 1.42 -1.56 -16.99
N ASP A 3 2.27 -1.45 -15.97
CA ASP A 3 1.83 -1.68 -14.60
C ASP A 3 1.18 -0.42 -14.04
N ARG A 4 -0.12 -0.53 -13.75
CA ARG A 4 -0.87 0.60 -13.20
C ARG A 4 -1.12 0.39 -11.71
N THR A 5 -0.95 1.44 -10.92
CA THR A 5 -1.16 1.33 -9.48
C THR A 5 -2.46 2.01 -9.08
N CYS A 6 -2.84 3.04 -9.80
CA CYS A 6 -4.08 3.76 -9.51
C CYS A 6 -5.00 3.78 -10.73
N PRO A 7 -6.29 3.92 -10.54
CA PRO A 7 -7.28 3.95 -11.67
C PRO A 7 -6.93 4.99 -12.72
N ALA A 8 -6.42 6.13 -12.28
CA ALA A 8 -6.06 7.20 -13.19
C ALA A 8 -4.67 6.98 -13.78
N GLY A 9 -4.60 6.16 -14.82
CA GLY A 9 -3.33 5.87 -15.47
C GLY A 9 -2.31 5.32 -14.48
N GLN A 10 -1.12 5.88 -14.50
CA GLN A 10 -0.06 5.45 -13.59
C GLN A 10 0.40 6.62 -12.73
N THR A 11 0.40 6.41 -11.41
CA THR A 11 0.80 7.46 -10.49
C THR A 11 1.70 6.90 -9.38
N TYR A 12 1.77 7.61 -8.26
CA TYR A 12 2.60 7.17 -7.14
C TYR A 12 1.72 6.55 -6.06
N ASP A 13 1.95 5.28 -5.76
CA ASP A 13 1.18 4.58 -4.74
C ASP A 13 2.12 3.84 -3.80
N ARG A 14 1.99 4.10 -2.52
CA ARG A 14 2.84 3.46 -1.53
C ARG A 14 2.02 2.88 -0.38
N SER A 15 2.50 1.79 0.18
CA SER A 15 1.81 1.14 1.29
C SER A 15 2.76 0.92 2.46
N VAL A 16 2.28 1.20 3.66
CA VAL A 16 3.07 1.03 4.87
C VAL A 16 2.30 0.25 5.93
N CYS A 17 3.00 -0.17 6.98
CA CYS A 17 2.34 -0.88 8.06
C CYS A 17 1.98 0.10 9.17
N TYR A 18 0.74 0.05 9.62
CA TYR A 18 0.27 0.96 10.67
C TYR A 18 -0.57 0.22 11.70
N LYS A 19 -0.64 0.78 12.90
CA LYS A 19 -1.42 0.18 13.98
C LYS A 19 -0.91 -1.22 14.30
N TYR A 20 0.19 -1.28 15.05
CA TYR A 20 0.80 -2.55 15.47
C TYR A 20 1.49 -3.23 14.29
N ASN A 21 0.70 -3.72 13.35
CA ASN A 21 1.27 -4.40 12.18
C ASN A 21 0.19 -4.60 11.12
N THR A 22 -0.67 -3.60 10.97
CA THR A 22 -1.75 -3.68 10.00
C THR A 22 -1.26 -3.12 8.67
N ILE A 23 -1.89 -3.52 7.57
CA ILE A 23 -1.46 -3.02 6.27
C ILE A 23 -2.34 -1.87 5.80
N ARG A 24 -1.71 -0.77 5.43
CA ARG A 24 -2.44 0.39 4.96
C ARG A 24 -1.86 0.85 3.62
N ARG A 25 -2.70 0.88 2.60
CA ARG A 25 -2.24 1.29 1.27
C ARG A 25 -2.78 2.67 0.89
N PHE A 26 -1.90 3.51 0.34
CA PHE A 26 -2.29 4.85 -0.08
C PHE A 26 -1.96 5.10 -1.56
N CYS A 27 -2.98 5.45 -2.34
CA CYS A 27 -2.80 5.74 -3.77
C CYS A 27 -3.29 7.14 -4.10
N VAL A 28 -2.56 7.83 -4.96
CA VAL A 28 -2.96 9.19 -5.36
C VAL A 28 -2.94 9.33 -6.88
N ALA A 29 -3.84 10.15 -7.40
CA ALA A 29 -3.92 10.38 -8.85
C ALA A 29 -3.01 11.54 -9.24
N ASN A 30 -2.89 11.79 -10.55
CA ASN A 30 -2.04 12.88 -11.01
C ASN A 30 -2.34 14.19 -10.26
N PRO A 31 -3.58 14.61 -10.15
CA PRO A 31 -3.92 15.85 -9.39
C PRO A 31 -3.42 15.77 -7.95
N ARG A 32 -3.29 14.54 -7.45
CA ARG A 32 -2.82 14.32 -6.08
C ARG A 32 -3.74 15.01 -5.08
N SER A 33 -5.03 14.95 -5.35
CA SER A 33 -6.01 15.57 -4.46
C SER A 33 -7.43 15.29 -4.95
N ASN A 34 -7.60 15.31 -6.26
CA ASN A 34 -8.91 15.07 -6.85
C ASN A 34 -9.41 13.66 -6.52
N ARG A 35 -8.56 12.66 -6.73
CA ARG A 35 -8.96 11.28 -6.44
C ARG A 35 -7.88 10.53 -5.68
N GLU A 36 -8.28 9.90 -4.57
CA GLU A 36 -7.35 9.11 -3.76
C GLU A 36 -7.94 7.74 -3.49
N ASP A 37 -7.10 6.70 -3.55
CA ASP A 37 -7.57 5.35 -3.29
C ASP A 37 -6.80 4.74 -2.11
N ILE A 38 -7.49 4.54 -0.99
CA ILE A 38 -6.83 3.96 0.17
C ILE A 38 -7.49 2.65 0.58
N LYS A 39 -6.66 1.70 1.01
CA LYS A 39 -7.15 0.41 1.43
C LYS A 39 -6.62 0.08 2.82
N ASN A 40 -7.40 -0.65 3.60
CA ASN A 40 -6.95 -1.01 4.95
C ASN A 40 -7.18 -2.48 5.23
N THR A 41 -6.09 -3.17 5.55
CA THR A 41 -6.16 -4.60 5.88
C THR A 41 -5.81 -4.81 7.36
N PRO A 42 -6.71 -5.38 8.16
CA PRO A 42 -6.47 -5.59 9.62
C PRO A 42 -5.53 -6.76 9.92
N CYS A 43 -4.22 -6.53 9.80
CA CYS A 43 -3.25 -7.56 10.11
C CYS A 43 -2.55 -7.27 11.44
N ARG A 44 -2.60 -8.20 12.37
CA ARG A 44 -1.98 -7.99 13.67
C ARG A 44 -1.90 -9.29 14.46
N ALA A 45 -2.97 -10.08 14.42
CA ALA A 45 -2.98 -11.34 15.15
C ALA A 45 -2.49 -12.47 14.24
N ASP A 46 -1.36 -13.05 14.60
CA ASP A 46 -0.77 -14.14 13.84
C ASP A 46 -0.53 -13.73 12.38
N GLU A 47 -0.54 -12.42 12.11
CA GLU A 47 -0.31 -11.93 10.76
C GLU A 47 0.82 -10.91 10.74
N ILE A 48 1.73 -11.08 9.78
CA ILE A 48 2.87 -10.19 9.65
C ILE A 48 2.83 -9.47 8.31
N CYS A 49 3.14 -8.17 8.32
CA CYS A 49 3.14 -7.40 7.09
C CYS A 49 4.56 -7.09 6.66
N VAL A 50 4.77 -7.00 5.35
CA VAL A 50 6.10 -6.71 4.81
C VAL A 50 6.04 -5.48 3.92
N GLN A 51 6.94 -4.53 4.17
CA GLN A 51 6.98 -3.30 3.39
C GLN A 51 8.18 -3.30 2.45
N ARG A 52 7.97 -2.86 1.20
CA ARG A 52 9.05 -2.81 0.23
C ARG A 52 9.17 -1.41 -0.36
N ASN A 53 10.37 -0.84 -0.29
CA ASN A 53 10.59 0.50 -0.83
C ASN A 53 11.37 0.44 -2.14
N LEU A 54 10.75 0.94 -3.20
CA LEU A 54 11.40 0.93 -4.52
C LEU A 54 12.03 2.28 -4.82
N SER A 55 11.27 3.33 -4.56
CA SER A 55 11.74 4.70 -4.80
C SER A 55 10.78 5.69 -4.15
N ASN A 56 10.79 6.93 -4.63
CA ASN A 56 9.91 7.96 -4.08
C ASN A 56 8.51 7.82 -4.65
N GLY A 57 7.57 7.42 -3.80
CA GLY A 57 6.19 7.24 -4.25
C GLY A 57 5.92 5.80 -4.70
N LYS A 58 6.97 5.00 -4.83
CA LYS A 58 6.82 3.62 -5.24
C LYS A 58 7.14 2.68 -4.09
N SER A 59 6.11 2.01 -3.57
CA SER A 59 6.31 1.07 -2.48
C SER A 59 5.26 -0.02 -2.51
N PHE A 60 5.69 -1.23 -2.18
CA PHE A 60 4.79 -2.38 -2.17
C PHE A 60 4.70 -2.99 -0.77
N ALA A 61 3.49 -3.29 -0.33
CA ALA A 61 3.30 -3.90 0.98
C ALA A 61 2.36 -5.08 0.86
N GLN A 62 2.62 -6.11 1.66
CA GLN A 62 1.80 -7.32 1.62
C GLN A 62 1.59 -7.91 3.01
N CYS A 63 0.41 -8.47 3.23
CA CYS A 63 0.10 -9.08 4.52
C CYS A 63 0.12 -10.59 4.39
N ILE A 64 0.95 -11.25 5.20
CA ILE A 64 1.06 -12.69 5.16
C ILE A 64 0.81 -13.28 6.54
N GLU A 65 -0.08 -14.27 6.61
CA GLU A 65 -0.41 -14.90 7.87
C GLU A 65 0.70 -15.86 8.30
N LEU A 66 1.22 -15.65 9.51
CA LEU A 66 2.28 -16.51 10.04
C LEU A 66 1.84 -17.11 11.36
N VAL A 67 1.98 -18.42 11.50
CA VAL A 67 1.58 -19.09 12.73
C VAL A 67 2.77 -19.23 13.67
N LYS A 68 2.50 -19.19 14.97
CA LYS A 68 3.56 -19.30 15.96
C LYS A 68 3.93 -20.77 16.18
N GLY A 1 -0.92 -6.15 -16.34
CA GLY A 1 -0.79 -5.23 -17.52
C GLY A 1 -1.93 -4.22 -17.51
N PRO A 2 -3.10 -4.67 -17.85
CA PRO A 2 -4.33 -3.81 -17.90
C PRO A 2 -4.73 -3.30 -16.51
N ASP A 3 -4.33 -4.04 -15.48
CA ASP A 3 -4.65 -3.68 -14.11
C ASP A 3 -3.64 -2.68 -13.56
N ARG A 4 -4.11 -1.47 -13.27
CA ARG A 4 -3.24 -0.44 -12.73
C ARG A 4 -3.90 0.19 -11.51
N THR A 5 -3.10 0.45 -10.47
CA THR A 5 -3.63 1.02 -9.23
C THR A 5 -4.55 2.22 -9.50
N CYS A 6 -3.95 3.36 -9.83
CA CYS A 6 -4.75 4.56 -10.11
C CYS A 6 -4.47 5.08 -11.52
N PRO A 7 -5.36 4.87 -12.47
CA PRO A 7 -5.13 5.34 -13.87
C PRO A 7 -5.15 6.86 -13.97
N ALA A 8 -4.03 7.42 -14.40
CA ALA A 8 -3.88 8.86 -14.55
C ALA A 8 -2.40 9.20 -14.77
N GLY A 9 -1.86 8.72 -15.89
CA GLY A 9 -0.45 8.96 -16.18
C GLY A 9 0.41 8.37 -15.07
N GLN A 10 1.33 9.17 -14.54
CA GLN A 10 2.19 8.71 -13.47
C GLN A 10 1.58 9.05 -12.12
N THR A 11 1.45 8.05 -11.25
CA THR A 11 0.87 8.28 -9.94
C THR A 11 1.78 7.75 -8.84
N TYR A 12 1.59 8.24 -7.63
CA TYR A 12 2.40 7.79 -6.50
C TYR A 12 1.57 6.96 -5.53
N ASP A 13 2.01 5.74 -5.29
CA ASP A 13 1.30 4.85 -4.39
C ASP A 13 2.26 4.21 -3.39
N ARG A 14 2.04 4.47 -2.10
CA ARG A 14 2.90 3.91 -1.07
C ARG A 14 2.06 3.28 0.04
N SER A 15 2.62 2.26 0.67
CA SER A 15 1.93 1.58 1.75
C SER A 15 2.79 1.47 3.01
N VAL A 16 2.14 1.60 4.16
CA VAL A 16 2.83 1.51 5.43
C VAL A 16 2.12 0.51 6.34
N CYS A 17 2.81 -0.01 7.33
CA CYS A 17 2.20 -0.98 8.24
C CYS A 17 1.83 -0.29 9.56
N TYR A 18 0.55 -0.32 9.88
CA TYR A 18 0.05 0.30 11.11
C TYR A 18 0.17 -0.68 12.27
N LYS A 19 0.84 -0.23 13.34
CA LYS A 19 1.06 -1.07 14.52
C LYS A 19 1.87 -2.30 14.14
N TYR A 20 2.67 -2.17 13.08
CA TYR A 20 3.51 -3.27 12.63
C TYR A 20 2.72 -4.57 12.55
N ASN A 21 1.43 -4.45 12.24
CA ASN A 21 0.59 -5.64 12.15
C ASN A 21 -0.43 -5.51 11.03
N THR A 22 -1.00 -4.31 10.90
CA THR A 22 -2.01 -4.05 9.86
C THR A 22 -1.38 -3.34 8.66
N ILE A 23 -1.83 -3.69 7.46
CA ILE A 23 -1.29 -3.07 6.27
C ILE A 23 -2.21 -1.99 5.72
N ARG A 24 -1.65 -0.83 5.42
CA ARG A 24 -2.42 0.27 4.87
C ARG A 24 -1.72 0.78 3.61
N ARG A 25 -2.47 0.84 2.51
CA ARG A 25 -1.90 1.30 1.25
C ARG A 25 -2.64 2.52 0.73
N PHE A 26 -1.89 3.56 0.37
CA PHE A 26 -2.49 4.79 -0.13
C PHE A 26 -2.03 5.09 -1.55
N CYS A 27 -2.98 5.35 -2.44
CA CYS A 27 -2.68 5.66 -3.83
C CYS A 27 -3.15 7.06 -4.18
N VAL A 28 -2.24 7.86 -4.72
CA VAL A 28 -2.59 9.24 -5.09
C VAL A 28 -2.11 9.56 -6.50
N ALA A 29 -2.86 10.38 -7.20
CA ALA A 29 -2.51 10.78 -8.56
C ALA A 29 -1.61 12.01 -8.55
N ASN A 30 -1.17 12.43 -9.74
CA ASN A 30 -0.30 13.60 -9.85
C ASN A 30 -0.88 14.81 -9.12
N PRO A 31 -2.11 15.20 -9.37
CA PRO A 31 -2.72 16.37 -8.67
C PRO A 31 -3.00 16.06 -7.19
N ARG A 32 -2.96 14.78 -6.85
CA ARG A 32 -3.21 14.36 -5.47
C ARG A 32 -4.60 14.79 -5.04
N SER A 33 -5.53 14.83 -5.99
CA SER A 33 -6.90 15.22 -5.69
C SER A 33 -7.88 14.60 -6.68
N ASN A 34 -7.47 14.53 -7.94
CA ASN A 34 -8.33 13.97 -8.98
C ASN A 34 -8.68 12.51 -8.73
N ARG A 35 -7.66 11.69 -8.44
CA ARG A 35 -7.91 10.27 -8.19
C ARG A 35 -7.18 9.77 -6.94
N GLU A 36 -7.96 9.26 -5.99
CA GLU A 36 -7.39 8.73 -4.76
C GLU A 36 -7.96 7.34 -4.48
N ASP A 37 -7.11 6.39 -4.13
CA ASP A 37 -7.58 5.05 -3.83
C ASP A 37 -6.89 4.52 -2.58
N ILE A 38 -7.66 4.29 -1.53
CA ILE A 38 -7.10 3.77 -0.30
C ILE A 38 -7.43 2.29 -0.16
N LYS A 39 -6.39 1.47 -0.11
CA LYS A 39 -6.57 0.05 0.01
C LYS A 39 -5.77 -0.47 1.20
N ASN A 40 -6.43 -1.17 2.11
CA ASN A 40 -5.73 -1.67 3.29
C ASN A 40 -6.15 -3.08 3.64
N THR A 41 -5.25 -3.81 4.29
CA THR A 41 -5.52 -5.18 4.71
C THR A 41 -5.52 -5.25 6.25
N PRO A 42 -6.62 -5.60 6.88
CA PRO A 42 -6.70 -5.67 8.37
C PRO A 42 -5.93 -6.86 8.95
N CYS A 43 -4.61 -6.76 8.93
CA CYS A 43 -3.77 -7.82 9.48
C CYS A 43 -3.43 -7.52 10.94
N ARG A 44 -3.61 -8.49 11.82
CA ARG A 44 -3.31 -8.27 13.24
C ARG A 44 -3.18 -9.58 14.01
N ALA A 45 -4.07 -10.54 13.71
CA ALA A 45 -4.03 -11.82 14.40
C ALA A 45 -3.14 -12.80 13.65
N ASP A 46 -2.03 -13.18 14.27
CA ASP A 46 -1.10 -14.11 13.64
C ASP A 46 -0.76 -13.65 12.24
N GLU A 47 -0.63 -12.33 12.06
CA GLU A 47 -0.29 -11.78 10.75
C GLU A 47 0.94 -10.88 10.85
N ILE A 48 1.84 -11.02 9.90
CA ILE A 48 3.05 -10.23 9.87
C ILE A 48 3.11 -9.36 8.61
N CYS A 49 3.41 -8.08 8.78
CA CYS A 49 3.49 -7.17 7.64
C CYS A 49 4.94 -6.81 7.34
N VAL A 50 5.23 -6.64 6.05
CA VAL A 50 6.58 -6.29 5.61
C VAL A 50 6.55 -5.03 4.76
N GLN A 51 7.42 -4.07 5.09
CA GLN A 51 7.48 -2.81 4.36
C GLN A 51 8.79 -2.68 3.59
N ARG A 52 8.68 -2.33 2.32
CA ARG A 52 9.86 -2.14 1.47
C ARG A 52 9.80 -0.77 0.81
N ASN A 53 10.84 0.04 1.01
CA ASN A 53 10.87 1.37 0.43
C ASN A 53 12.02 1.54 -0.55
N LEU A 54 11.70 1.91 -1.78
CA LEU A 54 12.72 2.12 -2.80
C LEU A 54 12.73 3.57 -3.24
N SER A 55 11.54 4.15 -3.31
CA SER A 55 11.40 5.55 -3.70
C SER A 55 10.43 6.27 -2.76
N ASN A 56 10.52 7.59 -2.71
CA ASN A 56 9.65 8.36 -1.84
C ASN A 56 8.22 8.41 -2.39
N GLY A 57 8.02 7.82 -3.58
CA GLY A 57 6.69 7.79 -4.17
C GLY A 57 6.22 6.36 -4.36
N LYS A 58 7.17 5.45 -4.58
CA LYS A 58 6.86 4.05 -4.78
C LYS A 58 7.31 3.21 -3.58
N SER A 59 6.33 2.67 -2.86
CA SER A 59 6.62 1.83 -1.70
C SER A 59 5.79 0.56 -1.78
N PHE A 60 6.36 -0.54 -1.30
CA PHE A 60 5.66 -1.82 -1.32
C PHE A 60 5.46 -2.40 0.07
N ALA A 61 4.23 -2.75 0.38
CA ALA A 61 3.93 -3.36 1.68
C ALA A 61 3.05 -4.59 1.47
N GLN A 62 3.45 -5.71 2.07
CA GLN A 62 2.70 -6.95 1.91
C GLN A 62 2.39 -7.60 3.26
N CYS A 63 1.21 -8.23 3.35
CA CYS A 63 0.81 -8.91 4.58
C CYS A 63 0.89 -10.42 4.39
N ILE A 64 1.64 -11.07 5.27
CA ILE A 64 1.79 -12.52 5.22
C ILE A 64 1.29 -13.14 6.52
N GLU A 65 0.38 -14.10 6.40
CA GLU A 65 -0.18 -14.75 7.58
C GLU A 65 0.78 -15.79 8.14
N LEU A 66 1.13 -15.63 9.41
CA LEU A 66 2.03 -16.57 10.08
C LEU A 66 1.44 -16.97 11.43
N VAL A 67 1.36 -18.27 11.68
CA VAL A 67 0.79 -18.76 12.93
C VAL A 67 1.82 -19.56 13.71
N LYS A 68 1.62 -19.64 15.02
CA LYS A 68 2.53 -20.38 15.88
C LYS A 68 1.88 -20.66 17.24
N GLY A 1 -4.69 -1.75 -18.49
CA GLY A 1 -3.53 -2.19 -19.31
C GLY A 1 -2.50 -1.06 -19.39
N PRO A 2 -2.81 -0.05 -20.16
CA PRO A 2 -1.91 1.13 -20.34
C PRO A 2 -1.71 1.92 -19.04
N ASP A 3 -2.69 1.81 -18.15
CA ASP A 3 -2.63 2.52 -16.87
C ASP A 3 -1.67 1.82 -15.92
N ARG A 4 -1.01 2.61 -15.07
CA ARG A 4 -0.07 2.06 -14.11
C ARG A 4 -0.61 2.21 -12.69
N THR A 5 -0.28 1.25 -11.83
CA THR A 5 -0.72 1.25 -10.44
C THR A 5 -2.23 1.48 -10.34
N CYS A 6 -2.65 2.74 -10.18
CA CYS A 6 -4.07 3.03 -10.08
C CYS A 6 -4.58 3.60 -11.41
N PRO A 7 -5.85 3.48 -11.69
CA PRO A 7 -6.43 4.00 -12.97
C PRO A 7 -6.22 5.50 -13.11
N ALA A 8 -5.10 5.87 -13.74
CA ALA A 8 -4.76 7.29 -13.95
C ALA A 8 -3.33 7.40 -14.46
N GLY A 9 -2.98 6.57 -15.44
CA GLY A 9 -1.63 6.59 -16.00
C GLY A 9 -0.59 6.35 -14.93
N GLN A 10 0.42 7.21 -14.86
CA GLN A 10 1.47 7.07 -13.85
C GLN A 10 1.07 7.76 -12.56
N THR A 11 1.04 7.00 -11.48
CA THR A 11 0.66 7.53 -10.18
C THR A 11 1.63 7.05 -9.10
N TYR A 12 1.59 7.70 -7.94
CA TYR A 12 2.47 7.32 -6.84
C TYR A 12 1.66 6.68 -5.72
N ASP A 13 1.97 5.42 -5.42
CA ASP A 13 1.28 4.70 -4.36
C ASP A 13 2.27 4.00 -3.43
N ARG A 14 2.06 4.13 -2.14
CA ARG A 14 2.95 3.49 -1.16
C ARG A 14 2.13 2.82 -0.08
N SER A 15 2.71 1.79 0.54
CA SER A 15 2.03 1.07 1.61
C SER A 15 2.87 1.07 2.88
N VAL A 16 2.20 1.24 4.00
CA VAL A 16 2.88 1.25 5.29
C VAL A 16 2.19 0.31 6.28
N CYS A 17 2.91 -0.08 7.33
CA CYS A 17 2.35 -0.98 8.34
C CYS A 17 1.87 -0.18 9.55
N TYR A 18 0.57 -0.26 9.82
CA TYR A 18 -0.03 0.44 10.96
C TYR A 18 -0.04 -0.44 12.20
N LYS A 19 0.41 0.13 13.31
CA LYS A 19 0.47 -0.61 14.58
C LYS A 19 1.41 -1.81 14.44
N TYR A 20 2.33 -1.73 13.49
CA TYR A 20 3.29 -2.79 13.27
C TYR A 20 2.61 -4.15 13.18
N ASN A 21 1.45 -4.20 12.53
CA ASN A 21 0.72 -5.45 12.40
C ASN A 21 -0.31 -5.37 11.28
N THR A 22 -0.90 -4.19 11.10
CA THR A 22 -1.91 -3.98 10.06
C THR A 22 -1.28 -3.37 8.81
N ILE A 23 -1.80 -3.75 7.65
CA ILE A 23 -1.26 -3.22 6.40
C ILE A 23 -2.18 -2.16 5.80
N ARG A 24 -1.59 -1.04 5.40
CA ARG A 24 -2.36 0.04 4.80
C ARG A 24 -1.70 0.48 3.50
N ARG A 25 -2.53 0.66 2.48
CA ARG A 25 -2.02 1.07 1.17
C ARG A 25 -2.67 2.38 0.75
N PHE A 26 -1.85 3.37 0.39
CA PHE A 26 -2.35 4.66 -0.03
C PHE A 26 -1.96 4.93 -1.48
N CYS A 27 -2.95 5.20 -2.33
CA CYS A 27 -2.68 5.46 -3.73
C CYS A 27 -3.20 6.85 -4.13
N VAL A 28 -2.32 7.69 -4.67
CA VAL A 28 -2.71 9.02 -5.10
C VAL A 28 -2.16 9.33 -6.49
N ALA A 29 -2.92 10.10 -7.26
CA ALA A 29 -2.50 10.47 -8.61
C ALA A 29 -1.90 11.87 -8.59
N ASN A 30 -1.46 12.34 -9.77
CA ASN A 30 -0.86 13.68 -9.85
C ASN A 30 -1.70 14.72 -9.11
N PRO A 31 -2.98 14.83 -9.37
CA PRO A 31 -3.86 15.80 -8.67
C PRO A 31 -3.84 15.60 -7.15
N ARG A 32 -3.61 14.35 -6.75
CA ARG A 32 -3.57 14.00 -5.33
C ARG A 32 -4.90 14.33 -4.66
N SER A 33 -5.99 14.12 -5.40
CA SER A 33 -7.32 14.40 -4.87
C SER A 33 -8.39 13.95 -5.85
N ASN A 34 -8.17 14.23 -7.14
CA ASN A 34 -9.14 13.85 -8.16
C ASN A 34 -9.32 12.35 -8.21
N ARG A 35 -8.21 11.62 -8.12
CA ARG A 35 -8.26 10.17 -8.15
C ARG A 35 -7.41 9.56 -7.03
N GLU A 36 -8.07 9.09 -5.97
CA GLU A 36 -7.37 8.48 -4.86
C GLU A 36 -8.00 7.14 -4.51
N ASP A 37 -7.16 6.16 -4.17
CA ASP A 37 -7.64 4.85 -3.80
C ASP A 37 -7.01 4.40 -2.49
N ILE A 38 -7.83 4.20 -1.47
CA ILE A 38 -7.33 3.78 -0.17
C ILE A 38 -7.71 2.32 0.10
N LYS A 39 -6.70 1.46 0.16
CA LYS A 39 -6.94 0.04 0.42
C LYS A 39 -6.07 -0.44 1.57
N ASN A 40 -6.65 -1.22 2.48
CA ASN A 40 -5.86 -1.72 3.60
C ASN A 40 -6.22 -3.17 3.92
N THR A 41 -5.24 -3.89 4.46
CA THR A 41 -5.46 -5.29 4.83
C THR A 41 -5.49 -5.40 6.37
N PRO A 42 -6.55 -5.93 6.95
CA PRO A 42 -6.68 -6.06 8.44
C PRO A 42 -5.81 -7.17 9.02
N CYS A 43 -4.53 -6.86 9.22
CA CYS A 43 -3.62 -7.84 9.79
C CYS A 43 -3.31 -7.46 11.25
N ARG A 44 -3.55 -8.40 12.15
CA ARG A 44 -3.30 -8.15 13.57
C ARG A 44 -3.26 -9.45 14.36
N ALA A 45 -4.13 -10.39 13.99
CA ALA A 45 -4.18 -11.67 14.69
C ALA A 45 -3.33 -12.69 13.95
N ASP A 46 -2.24 -13.12 14.59
CA ASP A 46 -1.35 -14.09 13.99
C ASP A 46 -0.96 -13.68 12.57
N GLU A 47 -0.80 -12.38 12.37
CA GLU A 47 -0.40 -11.85 11.06
C GLU A 47 0.76 -10.88 11.20
N ILE A 48 1.69 -10.94 10.25
CA ILE A 48 2.85 -10.06 10.26
C ILE A 48 2.84 -9.18 9.03
N CYS A 49 3.33 -7.94 9.17
CA CYS A 49 3.37 -7.02 8.04
C CYS A 49 4.81 -6.74 7.64
N VAL A 50 5.04 -6.64 6.32
CA VAL A 50 6.37 -6.37 5.81
C VAL A 50 6.34 -5.15 4.89
N GLN A 51 7.25 -4.21 5.13
CA GLN A 51 7.32 -2.99 4.32
C GLN A 51 8.60 -2.98 3.49
N ARG A 52 8.52 -2.43 2.27
CA ARG A 52 9.69 -2.38 1.40
C ARG A 52 9.79 -0.98 0.77
N ASN A 53 10.97 -0.37 0.89
CA ASN A 53 11.18 0.97 0.33
C ASN A 53 11.86 0.90 -1.03
N LEU A 54 11.14 1.31 -2.07
CA LEU A 54 11.69 1.28 -3.43
C LEU A 54 12.21 2.66 -3.83
N SER A 55 11.37 3.66 -3.65
CA SER A 55 11.73 5.04 -3.99
C SER A 55 10.69 6.00 -3.45
N ASN A 56 10.77 7.26 -3.86
CA ASN A 56 9.81 8.25 -3.39
C ASN A 56 8.47 8.04 -4.08
N GLY A 57 7.45 7.71 -3.28
CA GLY A 57 6.11 7.49 -3.82
C GLY A 57 5.88 6.02 -4.14
N LYS A 58 6.95 5.25 -4.24
CA LYS A 58 6.84 3.82 -4.54
C LYS A 58 7.26 2.97 -3.35
N SER A 59 6.32 2.16 -2.87
CA SER A 59 6.60 1.28 -1.74
C SER A 59 5.82 -0.01 -1.90
N PHE A 60 6.40 -1.11 -1.43
CA PHE A 60 5.74 -2.40 -1.54
C PHE A 60 5.61 -3.05 -0.17
N ALA A 61 4.39 -3.40 0.20
CA ALA A 61 4.16 -4.03 1.49
C ALA A 61 3.28 -5.27 1.34
N GLN A 62 3.57 -6.29 2.13
CA GLN A 62 2.80 -7.53 2.06
C GLN A 62 2.52 -8.07 3.46
N CYS A 63 1.35 -8.67 3.62
CA CYS A 63 0.96 -9.24 4.91
C CYS A 63 1.06 -10.76 4.85
N ILE A 64 1.83 -11.34 5.76
CA ILE A 64 2.00 -12.79 5.78
C ILE A 64 1.48 -13.36 7.10
N GLU A 65 0.60 -14.34 7.01
CA GLU A 65 0.03 -14.96 8.20
C GLU A 65 1.12 -15.71 8.97
N LEU A 66 1.27 -15.36 10.24
CA LEU A 66 2.28 -16.01 11.08
C LEU A 66 1.64 -16.43 12.41
N VAL A 67 1.87 -17.68 12.79
CA VAL A 67 1.31 -18.19 14.05
C VAL A 67 2.42 -18.69 14.95
N LYS A 68 2.29 -18.40 16.24
CA LYS A 68 3.29 -18.82 17.22
C LYS A 68 4.68 -18.39 16.79
N GLY A 1 -4.61 2.95 -22.21
CA GLY A 1 -3.76 1.92 -22.86
C GLY A 1 -2.86 1.27 -21.81
N PRO A 2 -1.93 2.01 -21.28
CA PRO A 2 -0.97 1.51 -20.25
C PRO A 2 -1.69 0.97 -19.01
N ASP A 3 -1.17 -0.11 -18.46
CA ASP A 3 -1.77 -0.72 -17.27
C ASP A 3 -1.20 -0.10 -16.00
N ARG A 4 -2.06 0.61 -15.26
CA ARG A 4 -1.63 1.24 -14.02
C ARG A 4 -2.60 0.90 -12.90
N THR A 5 -2.09 0.92 -11.66
CA THR A 5 -2.93 0.59 -10.51
C THR A 5 -4.01 1.64 -10.30
N CYS A 6 -3.68 2.92 -10.52
CA CYS A 6 -4.65 3.98 -10.34
C CYS A 6 -4.79 4.82 -11.62
N PRO A 7 -5.92 5.49 -11.80
CA PRO A 7 -6.18 6.34 -13.00
C PRO A 7 -5.19 7.50 -13.13
N ALA A 8 -5.22 8.17 -14.28
CA ALA A 8 -4.34 9.31 -14.56
C ALA A 8 -2.92 8.86 -14.89
N GLY A 9 -2.81 7.90 -15.81
CA GLY A 9 -1.50 7.41 -16.22
C GLY A 9 -0.73 6.86 -15.02
N GLN A 10 0.52 7.30 -14.88
CA GLN A 10 1.35 6.84 -13.79
C GLN A 10 0.90 7.50 -12.49
N THR A 11 0.84 6.71 -11.44
CA THR A 11 0.42 7.20 -10.13
C THR A 11 1.40 6.76 -9.05
N TYR A 12 1.35 7.42 -7.91
CA TYR A 12 2.24 7.07 -6.80
C TYR A 12 1.46 6.30 -5.74
N ASP A 13 1.87 5.06 -5.50
CA ASP A 13 1.20 4.23 -4.51
C ASP A 13 2.18 3.55 -3.58
N ARG A 14 2.05 3.82 -2.28
CA ARG A 14 2.93 3.20 -1.29
C ARG A 14 2.11 2.65 -0.13
N SER A 15 2.65 1.64 0.54
CA SER A 15 1.96 1.03 1.66
C SER A 15 2.78 1.14 2.94
N VAL A 16 2.08 1.30 4.06
CA VAL A 16 2.73 1.40 5.35
C VAL A 16 2.09 0.43 6.34
N CYS A 17 2.78 0.15 7.43
CA CYS A 17 2.24 -0.77 8.43
C CYS A 17 1.55 0.01 9.54
N TYR A 18 0.26 -0.24 9.69
CA TYR A 18 -0.55 0.45 10.69
C TYR A 18 -0.48 -0.24 12.05
N LYS A 19 -0.48 0.57 13.10
CA LYS A 19 -0.41 0.06 14.46
C LYS A 19 0.92 -0.69 14.68
N TYR A 20 0.94 -1.98 14.37
CA TYR A 20 2.16 -2.76 14.53
C TYR A 20 2.28 -3.80 13.42
N ASN A 21 1.23 -4.59 13.23
CA ASN A 21 1.25 -5.62 12.21
C ASN A 21 0.14 -5.47 11.18
N THR A 22 -0.51 -4.31 11.11
CA THR A 22 -1.60 -4.11 10.15
C THR A 22 -1.07 -3.50 8.85
N ILE A 23 -1.67 -3.86 7.71
CA ILE A 23 -1.21 -3.33 6.43
C ILE A 23 -2.19 -2.32 5.85
N ARG A 24 -1.66 -1.17 5.43
CA ARG A 24 -2.48 -0.12 4.84
C ARG A 24 -1.84 0.34 3.53
N ARG A 25 -2.66 0.52 2.49
CA ARG A 25 -2.14 0.92 1.19
C ARG A 25 -2.73 2.26 0.74
N PHE A 26 -1.86 3.16 0.27
CA PHE A 26 -2.31 4.47 -0.20
C PHE A 26 -1.90 4.68 -1.66
N CYS A 27 -2.86 5.09 -2.50
CA CYS A 27 -2.58 5.37 -3.90
C CYS A 27 -3.08 6.76 -4.26
N VAL A 28 -2.21 7.57 -4.86
CA VAL A 28 -2.60 8.92 -5.24
C VAL A 28 -2.28 9.20 -6.71
N ALA A 29 -3.13 10.00 -7.35
CA ALA A 29 -2.93 10.36 -8.75
C ALA A 29 -2.01 11.57 -8.87
N ASN A 30 -1.53 11.81 -10.09
CA ASN A 30 -0.64 12.93 -10.33
C ASN A 30 -1.27 14.27 -9.90
N PRO A 31 -2.47 14.59 -10.35
CA PRO A 31 -3.14 15.87 -9.94
C PRO A 31 -3.50 15.88 -8.46
N ARG A 32 -3.67 14.68 -7.90
CA ARG A 32 -4.01 14.53 -6.49
C ARG A 32 -5.31 15.26 -6.16
N SER A 33 -5.86 14.96 -5.00
CA SER A 33 -7.11 15.58 -4.57
C SER A 33 -8.20 15.39 -5.61
N ASN A 34 -8.15 14.25 -6.30
CA ASN A 34 -9.13 13.94 -7.33
C ASN A 34 -9.30 12.43 -7.43
N ARG A 35 -8.20 11.74 -7.66
CA ARG A 35 -8.23 10.28 -7.78
C ARG A 35 -7.36 9.63 -6.71
N GLU A 36 -8.00 9.09 -5.68
CA GLU A 36 -7.27 8.44 -4.60
C GLU A 36 -7.85 7.06 -4.35
N ASP A 37 -6.97 6.08 -4.13
CA ASP A 37 -7.41 4.71 -3.87
C ASP A 37 -6.62 4.12 -2.71
N ILE A 38 -7.35 3.68 -1.68
CA ILE A 38 -6.70 3.09 -0.52
C ILE A 38 -7.20 1.66 -0.29
N LYS A 39 -6.27 0.78 0.03
CA LYS A 39 -6.60 -0.61 0.29
C LYS A 39 -6.03 -1.02 1.64
N ASN A 40 -6.87 -1.49 2.53
CA ASN A 40 -6.42 -1.88 3.86
C ASN A 40 -6.57 -3.37 4.10
N THR A 41 -5.50 -3.96 4.62
CA THR A 41 -5.48 -5.38 4.95
C THR A 41 -5.27 -5.52 6.46
N PRO A 42 -6.34 -5.66 7.22
CA PRO A 42 -6.25 -5.78 8.71
C PRO A 42 -5.45 -6.99 9.15
N CYS A 43 -4.23 -6.73 9.62
CA CYS A 43 -3.37 -7.80 10.12
C CYS A 43 -2.92 -7.44 11.55
N ARG A 44 -3.19 -8.34 12.49
CA ARG A 44 -2.82 -8.06 13.87
C ARG A 44 -2.82 -9.34 14.71
N ALA A 45 -3.71 -10.26 14.38
CA ALA A 45 -3.78 -11.52 15.13
C ALA A 45 -2.86 -12.56 14.52
N ASP A 46 -1.82 -12.91 15.27
CA ASP A 46 -0.85 -13.90 14.81
C ASP A 46 -0.39 -13.56 13.39
N GLU A 47 -0.30 -12.28 13.08
CA GLU A 47 0.14 -11.87 11.75
C GLU A 47 1.19 -10.77 11.84
N ILE A 48 2.13 -10.78 10.90
CA ILE A 48 3.20 -9.79 10.86
C ILE A 48 3.12 -8.97 9.57
N CYS A 49 3.51 -7.71 9.64
CA CYS A 49 3.47 -6.84 8.46
C CYS A 49 4.89 -6.53 7.98
N VAL A 50 5.08 -6.56 6.67
CA VAL A 50 6.39 -6.27 6.08
C VAL A 50 6.27 -5.15 5.05
N GLN A 51 7.14 -4.15 5.15
CA GLN A 51 7.10 -3.03 4.22
C GLN A 51 8.45 -2.89 3.50
N ARG A 52 8.40 -2.52 2.22
CA ARG A 52 9.61 -2.35 1.45
C ARG A 52 9.58 -1.04 0.67
N ASN A 53 10.59 -0.22 0.86
CA ASN A 53 10.66 1.07 0.17
C ASN A 53 11.76 1.07 -0.88
N LEU A 54 11.37 1.25 -2.14
CA LEU A 54 12.33 1.28 -3.23
C LEU A 54 12.36 2.67 -3.86
N SER A 55 11.20 3.31 -3.89
CA SER A 55 11.08 4.65 -4.46
C SER A 55 10.32 5.55 -3.50
N ASN A 56 10.52 6.86 -3.65
CA ASN A 56 9.85 7.82 -2.78
C ASN A 56 8.35 7.87 -3.06
N GLY A 57 7.92 7.22 -4.15
CA GLY A 57 6.50 7.21 -4.50
C GLY A 57 5.94 5.79 -4.52
N LYS A 58 6.79 4.81 -4.79
CA LYS A 58 6.36 3.42 -4.85
C LYS A 58 6.91 2.62 -3.68
N SER A 59 6.04 1.76 -3.12
CA SER A 59 6.44 0.92 -2.00
C SER A 59 5.65 -0.39 -2.04
N PHE A 60 6.29 -1.47 -1.59
CA PHE A 60 5.64 -2.78 -1.60
C PHE A 60 5.63 -3.38 -0.19
N ALA A 61 4.44 -3.77 0.27
CA ALA A 61 4.30 -4.36 1.59
C ALA A 61 3.45 -5.62 1.52
N GLN A 62 3.74 -6.57 2.39
CA GLN A 62 3.00 -7.83 2.42
C GLN A 62 2.64 -8.25 3.84
N CYS A 63 1.47 -8.87 3.98
CA CYS A 63 1.03 -9.35 5.29
C CYS A 63 1.18 -10.87 5.34
N ILE A 64 1.93 -11.36 6.32
CA ILE A 64 2.13 -12.80 6.44
C ILE A 64 1.67 -13.30 7.81
N GLU A 65 0.82 -14.32 7.80
CA GLU A 65 0.31 -14.88 9.04
C GLU A 65 1.36 -15.75 9.70
N LEU A 66 1.71 -15.42 10.93
CA LEU A 66 2.70 -16.18 11.69
C LEU A 66 2.04 -16.83 12.89
N VAL A 67 2.18 -18.15 13.01
CA VAL A 67 1.58 -18.88 14.12
C VAL A 67 2.65 -19.53 14.98
N LYS A 68 2.47 -19.45 16.29
CA LYS A 68 3.42 -20.03 17.22
C LYS A 68 3.46 -21.55 17.08
N GLY A 1 -15.17 -3.93 -12.34
CA GLY A 1 -13.94 -3.42 -13.02
C GLY A 1 -13.11 -2.63 -12.03
N PRO A 2 -12.45 -3.30 -11.12
CA PRO A 2 -11.59 -2.66 -10.09
C PRO A 2 -10.49 -1.79 -10.70
N ASP A 3 -10.21 -0.67 -10.06
CA ASP A 3 -9.18 0.25 -10.56
C ASP A 3 -7.80 -0.20 -10.07
N ARG A 4 -6.94 -0.57 -11.01
CA ARG A 4 -5.59 -1.00 -10.68
C ARG A 4 -4.56 -0.15 -11.40
N THR A 5 -3.46 0.14 -10.70
CA THR A 5 -2.40 0.96 -11.28
C THR A 5 -2.90 2.38 -11.52
N CYS A 6 -2.27 3.35 -10.86
CA CYS A 6 -2.68 4.74 -11.02
C CYS A 6 -2.30 5.27 -12.40
N PRO A 7 -3.02 6.25 -12.90
CA PRO A 7 -2.76 6.85 -14.24
C PRO A 7 -1.51 7.74 -14.25
N ALA A 8 -1.07 8.09 -15.46
CA ALA A 8 0.12 8.93 -15.66
C ALA A 8 1.40 8.11 -15.52
N GLY A 9 2.41 8.47 -16.31
CA GLY A 9 3.68 7.75 -16.30
C GLY A 9 4.34 7.82 -14.94
N GLN A 10 4.28 8.99 -14.31
CA GLN A 10 4.88 9.17 -13.00
C GLN A 10 3.81 9.23 -11.92
N THR A 11 3.87 8.28 -11.00
CA THR A 11 2.91 8.23 -9.89
C THR A 11 3.62 7.94 -8.58
N TYR A 12 2.96 8.27 -7.48
CA TYR A 12 3.52 8.02 -6.16
C TYR A 12 2.64 7.01 -5.41
N ASP A 13 3.20 5.86 -5.09
CA ASP A 13 2.43 4.82 -4.39
C ASP A 13 3.23 4.29 -3.22
N ARG A 14 2.69 4.48 -2.01
CA ARG A 14 3.36 4.01 -0.81
C ARG A 14 2.39 3.26 0.09
N SER A 15 2.91 2.32 0.87
CA SER A 15 2.08 1.54 1.77
C SER A 15 2.65 1.58 3.19
N VAL A 16 1.76 1.60 4.16
CA VAL A 16 2.17 1.64 5.56
C VAL A 16 1.45 0.57 6.38
N CYS A 17 2.01 0.23 7.53
CA CYS A 17 1.39 -0.76 8.40
C CYS A 17 0.55 -0.09 9.48
N TYR A 18 -0.75 -0.37 9.46
CA TYR A 18 -1.66 0.20 10.44
C TYR A 18 -1.69 -0.67 11.69
N LYS A 19 -1.41 -0.06 12.84
CA LYS A 19 -1.38 -0.79 14.10
C LYS A 19 -0.38 -1.94 14.01
N TYR A 20 0.66 -1.75 13.21
CA TYR A 20 1.70 -2.76 13.03
C TYR A 20 1.10 -4.15 12.84
N ASN A 21 -0.09 -4.20 12.24
CA ASN A 21 -0.75 -5.48 12.01
C ASN A 21 -1.46 -5.51 10.66
N THR A 22 -2.25 -4.47 10.39
CA THR A 22 -3.01 -4.38 9.14
C THR A 22 -2.20 -3.63 8.09
N ILE A 23 -2.33 -4.05 6.83
CA ILE A 23 -1.58 -3.40 5.76
C ILE A 23 -2.45 -2.41 5.00
N ARG A 24 -1.90 -1.23 4.76
CA ARG A 24 -2.61 -0.17 4.05
C ARG A 24 -1.78 0.28 2.85
N ARG A 25 -2.42 0.32 1.68
CA ARG A 25 -1.72 0.74 0.47
C ARG A 25 -2.40 1.97 -0.14
N PHE A 26 -1.60 3.00 -0.41
CA PHE A 26 -2.13 4.23 -1.00
C PHE A 26 -1.41 4.57 -2.30
N CYS A 27 -2.18 4.73 -3.38
CA CYS A 27 -1.60 5.07 -4.67
C CYS A 27 -2.18 6.37 -5.22
N VAL A 28 -1.31 7.28 -5.60
CA VAL A 28 -1.75 8.56 -6.14
C VAL A 28 -1.03 8.88 -7.45
N ALA A 29 -1.72 9.55 -8.35
CA ALA A 29 -1.14 9.92 -9.64
C ALA A 29 -0.66 11.37 -9.60
N ASN A 30 -0.34 11.91 -10.77
CA ASN A 30 0.13 13.29 -10.84
C ASN A 30 -0.86 14.26 -10.15
N PRO A 31 -2.14 14.22 -10.48
CA PRO A 31 -3.14 15.12 -9.82
C PRO A 31 -3.35 14.72 -8.36
N ARG A 32 -2.94 13.51 -8.00
CA ARG A 32 -3.06 12.98 -6.64
C ARG A 32 -4.40 13.35 -6.02
N SER A 33 -5.44 13.45 -6.85
CA SER A 33 -6.77 13.78 -6.36
C SER A 33 -7.84 13.22 -7.30
N ASN A 34 -7.71 13.53 -8.58
CA ASN A 34 -8.67 13.07 -9.57
C ASN A 34 -8.67 11.53 -9.66
N ARG A 35 -7.49 10.93 -9.60
CA ARG A 35 -7.40 9.48 -9.69
C ARG A 35 -6.51 8.91 -8.59
N GLU A 36 -7.14 8.22 -7.64
CA GLU A 36 -6.42 7.59 -6.53
C GLU A 36 -6.84 6.14 -6.38
N ASP A 37 -5.89 5.27 -6.04
CA ASP A 37 -6.19 3.85 -5.86
C ASP A 37 -5.71 3.40 -4.48
N ILE A 38 -6.65 3.10 -3.59
CA ILE A 38 -6.30 2.69 -2.24
C ILE A 38 -6.78 1.27 -1.95
N LYS A 39 -5.87 0.43 -1.46
CA LYS A 39 -6.20 -0.95 -1.13
C LYS A 39 -5.94 -1.23 0.34
N ASN A 40 -6.73 -2.13 0.93
CA ASN A 40 -6.57 -2.45 2.34
C ASN A 40 -6.52 -3.97 2.56
N THR A 41 -5.45 -4.43 3.16
CA THR A 41 -5.30 -5.86 3.46
C THR A 41 -5.49 -6.08 4.97
N PRO A 42 -6.56 -6.73 5.39
CA PRO A 42 -6.86 -6.94 6.84
C PRO A 42 -5.99 -8.01 7.51
N CYS A 43 -4.77 -7.66 7.86
CA CYS A 43 -3.88 -8.58 8.54
C CYS A 43 -3.85 -8.20 10.03
N ARG A 44 -4.02 -9.18 10.91
CA ARG A 44 -4.02 -8.87 12.35
C ARG A 44 -3.81 -10.12 13.20
N ALA A 45 -4.40 -11.24 12.78
CA ALA A 45 -4.26 -12.47 13.55
C ALA A 45 -3.21 -13.39 12.92
N ASP A 46 -2.11 -13.59 13.65
CA ASP A 46 -1.04 -14.45 13.17
C ASP A 46 -0.51 -13.99 11.82
N GLU A 47 -0.57 -12.68 11.56
CA GLU A 47 -0.07 -12.14 10.30
C GLU A 47 0.90 -10.99 10.57
N ILE A 48 1.99 -10.96 9.82
CA ILE A 48 3.00 -9.92 9.97
C ILE A 48 3.10 -9.10 8.69
N CYS A 49 3.38 -7.81 8.82
CA CYS A 49 3.52 -6.95 7.65
C CYS A 49 4.94 -6.42 7.55
N VAL A 50 5.47 -6.36 6.33
CA VAL A 50 6.81 -5.85 6.11
C VAL A 50 6.76 -4.74 5.06
N GLN A 51 7.26 -3.56 5.41
CA GLN A 51 7.25 -2.45 4.47
C GLN A 51 8.65 -1.86 4.32
N ARG A 52 8.92 -1.32 3.13
CA ARG A 52 10.22 -0.73 2.83
C ARG A 52 10.04 0.59 2.09
N ASN A 53 10.77 1.61 2.53
CA ASN A 53 10.69 2.92 1.90
C ASN A 53 11.88 3.14 0.96
N LEU A 54 11.59 3.42 -0.30
CA LEU A 54 12.65 3.64 -1.27
C LEU A 54 12.93 5.13 -1.45
N SER A 55 11.85 5.92 -1.43
CA SER A 55 11.98 7.36 -1.60
C SER A 55 10.69 8.05 -1.14
N ASN A 56 10.50 9.29 -1.58
CA ASN A 56 9.31 10.03 -1.19
C ASN A 56 8.13 9.64 -2.10
N GLY A 57 7.19 8.89 -1.53
CA GLY A 57 6.03 8.45 -2.29
C GLY A 57 6.22 7.03 -2.82
N LYS A 58 7.43 6.51 -2.72
CA LYS A 58 7.69 5.15 -3.19
C LYS A 58 7.94 4.21 -2.01
N SER A 59 7.03 3.26 -1.81
CA SER A 59 7.17 2.30 -0.73
C SER A 59 6.45 1.01 -1.08
N PHE A 60 6.97 -0.11 -0.61
CA PHE A 60 6.35 -1.40 -0.89
C PHE A 60 6.15 -2.20 0.40
N ALA A 61 4.92 -2.64 0.62
CA ALA A 61 4.61 -3.41 1.81
C ALA A 61 3.91 -4.72 1.44
N GLN A 62 4.19 -5.76 2.21
CA GLN A 62 3.59 -7.06 1.95
C GLN A 62 3.15 -7.72 3.25
N CYS A 63 2.03 -8.44 3.19
CA CYS A 63 1.51 -9.13 4.37
C CYS A 63 1.73 -10.63 4.23
N ILE A 64 2.41 -11.20 5.21
CA ILE A 64 2.69 -12.64 5.19
C ILE A 64 2.19 -13.30 6.47
N GLU A 65 1.39 -14.35 6.31
CA GLU A 65 0.85 -15.07 7.46
C GLU A 65 1.92 -15.93 8.12
N LEU A 66 2.10 -15.73 9.42
CA LEU A 66 3.08 -16.49 10.18
C LEU A 66 2.41 -17.17 11.37
N VAL A 67 2.93 -18.32 11.76
CA VAL A 67 2.37 -19.06 12.89
C VAL A 67 3.43 -19.26 13.97
N LYS A 68 2.97 -19.42 15.20
CA LYS A 68 3.88 -19.61 16.33
C LYS A 68 4.97 -18.55 16.32
N GLY A 1 -12.10 -4.16 -6.87
CA GLY A 1 -11.20 -3.10 -7.42
C GLY A 1 -10.79 -3.47 -8.84
N PRO A 2 -11.70 -3.33 -9.78
CA PRO A 2 -11.44 -3.65 -11.21
C PRO A 2 -10.20 -2.93 -11.75
N ASP A 3 -10.03 -1.69 -11.32
CA ASP A 3 -8.88 -0.90 -11.75
C ASP A 3 -7.65 -1.26 -10.93
N ARG A 4 -6.47 -1.15 -11.55
CA ARG A 4 -5.23 -1.48 -10.86
C ARG A 4 -4.26 -0.30 -10.91
N THR A 5 -3.74 0.08 -9.75
CA THR A 5 -2.81 1.20 -9.66
C THR A 5 -3.48 2.49 -10.14
N CYS A 6 -2.67 3.53 -10.36
CA CYS A 6 -3.20 4.80 -10.82
C CYS A 6 -2.67 5.12 -12.22
N PRO A 7 -3.46 4.97 -13.26
CA PRO A 7 -3.01 5.27 -14.66
C PRO A 7 -2.96 6.77 -14.93
N ALA A 8 -1.76 7.27 -15.21
CA ALA A 8 -1.57 8.69 -15.49
C ALA A 8 -0.07 9.01 -15.56
N GLY A 9 0.61 8.42 -16.54
CA GLY A 9 2.05 8.65 -16.67
C GLY A 9 2.77 8.22 -15.40
N GLN A 10 3.61 9.10 -14.87
CA GLN A 10 4.34 8.80 -13.64
C GLN A 10 3.46 9.07 -12.43
N THR A 11 3.32 8.07 -11.58
CA THR A 11 2.50 8.21 -10.38
C THR A 11 3.25 7.71 -9.16
N TYR A 12 2.82 8.14 -7.98
CA TYR A 12 3.47 7.72 -6.74
C TYR A 12 2.53 6.83 -5.92
N ASP A 13 3.01 5.65 -5.57
CA ASP A 13 2.23 4.71 -4.78
C ASP A 13 3.04 4.16 -3.63
N ARG A 14 2.60 4.43 -2.41
CA ARG A 14 3.30 3.95 -1.22
C ARG A 14 2.33 3.31 -0.25
N SER A 15 2.82 2.38 0.57
CA SER A 15 1.97 1.72 1.53
C SER A 15 2.55 1.86 2.94
N VAL A 16 1.67 1.80 3.92
CA VAL A 16 2.07 1.91 5.32
C VAL A 16 1.50 0.75 6.10
N CYS A 17 2.09 0.45 7.24
CA CYS A 17 1.62 -0.65 8.06
C CYS A 17 0.75 -0.13 9.20
N TYR A 18 -0.53 -0.48 9.17
CA TYR A 18 -1.46 -0.03 10.20
C TYR A 18 -1.44 -0.99 11.38
N LYS A 19 -1.26 -0.44 12.58
CA LYS A 19 -1.20 -1.25 13.79
C LYS A 19 -0.08 -2.28 13.69
N TYR A 20 0.92 -1.97 12.87
CA TYR A 20 2.07 -2.85 12.70
C TYR A 20 1.62 -4.29 12.45
N ASN A 21 0.46 -4.46 11.84
CA ASN A 21 -0.06 -5.79 11.55
C ASN A 21 -0.88 -5.81 10.27
N THR A 22 -1.60 -4.73 10.02
CA THR A 22 -2.44 -4.61 8.82
C THR A 22 -1.71 -3.83 7.73
N ILE A 23 -1.91 -4.23 6.49
CA ILE A 23 -1.25 -3.54 5.37
C ILE A 23 -2.20 -2.54 4.71
N ARG A 24 -1.71 -1.32 4.48
CA ARG A 24 -2.52 -0.29 3.86
C ARG A 24 -1.76 0.32 2.68
N ARG A 25 -2.29 0.17 1.47
CA ARG A 25 -1.62 0.69 0.29
C ARG A 25 -2.33 1.94 -0.25
N PHE A 26 -1.56 2.99 -0.48
CA PHE A 26 -2.10 4.24 -1.00
C PHE A 26 -1.49 4.57 -2.36
N CYS A 27 -2.35 4.84 -3.34
CA CYS A 27 -1.88 5.18 -4.68
C CYS A 27 -2.42 6.54 -5.11
N VAL A 28 -1.53 7.41 -5.58
CA VAL A 28 -1.95 8.74 -6.02
C VAL A 28 -1.46 9.04 -7.43
N ALA A 29 -2.26 9.80 -8.18
CA ALA A 29 -1.90 10.16 -9.55
C ALA A 29 -1.09 11.45 -9.57
N ASN A 30 -0.69 11.89 -10.76
CA ASN A 30 0.09 13.12 -10.89
C ASN A 30 -0.63 14.32 -10.27
N PRO A 31 -1.89 14.57 -10.60
CA PRO A 31 -2.63 15.73 -10.02
C PRO A 31 -2.70 15.64 -8.50
N ARG A 32 -2.65 14.41 -7.99
CA ARG A 32 -2.73 14.17 -6.55
C ARG A 32 -4.04 14.71 -5.99
N SER A 33 -5.03 14.86 -6.88
CA SER A 33 -6.34 15.36 -6.48
C SER A 33 -7.40 15.01 -7.53
N ASN A 34 -7.07 14.07 -8.42
CA ASN A 34 -8.00 13.67 -9.47
C ASN A 34 -8.39 12.21 -9.32
N ARG A 35 -7.40 11.31 -9.37
CA ARG A 35 -7.66 9.90 -9.24
C ARG A 35 -6.78 9.25 -8.19
N GLU A 36 -7.41 8.61 -7.21
CA GLU A 36 -6.67 7.93 -6.14
C GLU A 36 -7.17 6.51 -5.97
N ASP A 37 -6.26 5.58 -5.71
CA ASP A 37 -6.64 4.19 -5.51
C ASP A 37 -6.10 3.70 -4.17
N ILE A 38 -7.01 3.40 -3.24
CA ILE A 38 -6.62 2.96 -1.92
C ILE A 38 -7.03 1.51 -1.70
N LYS A 39 -6.04 0.63 -1.52
CA LYS A 39 -6.32 -0.78 -1.27
C LYS A 39 -5.56 -1.25 -0.03
N ASN A 40 -6.18 -2.12 0.76
CA ASN A 40 -5.52 -2.60 1.97
C ASN A 40 -5.75 -4.09 2.18
N THR A 41 -4.86 -4.71 2.94
CA THR A 41 -4.96 -6.13 3.26
C THR A 41 -5.15 -6.28 4.79
N PRO A 42 -6.30 -6.73 5.25
CA PRO A 42 -6.57 -6.87 6.71
C PRO A 42 -5.73 -7.96 7.38
N CYS A 43 -4.45 -7.70 7.56
CA CYS A 43 -3.57 -8.66 8.22
C CYS A 43 -3.51 -8.35 9.71
N ARG A 44 -3.78 -9.36 10.54
CA ARG A 44 -3.77 -9.16 11.98
C ARG A 44 -3.76 -10.49 12.73
N ALA A 45 -4.57 -11.44 12.27
CA ALA A 45 -4.63 -12.73 12.94
C ALA A 45 -3.68 -13.72 12.27
N ASP A 46 -2.64 -14.13 13.00
CA ASP A 46 -1.66 -15.06 12.47
C ASP A 46 -1.02 -14.54 11.19
N GLU A 47 -0.98 -13.21 11.05
CA GLU A 47 -0.38 -12.60 9.87
C GLU A 47 0.52 -11.43 10.28
N ILE A 48 1.61 -11.23 9.54
CA ILE A 48 2.53 -10.14 9.84
C ILE A 48 2.58 -9.14 8.69
N CYS A 49 2.70 -7.87 9.02
CA CYS A 49 2.77 -6.82 8.01
C CYS A 49 4.13 -6.12 8.03
N VAL A 50 4.78 -6.07 6.87
CA VAL A 50 6.09 -5.43 6.76
C VAL A 50 6.11 -4.37 5.65
N GLN A 51 6.63 -3.19 5.98
CA GLN A 51 6.69 -2.11 5.00
C GLN A 51 8.12 -1.59 4.89
N ARG A 52 8.46 -1.04 3.71
CA ARG A 52 9.79 -0.51 3.51
C ARG A 52 9.75 0.73 2.63
N ASN A 53 10.36 1.81 3.10
CA ASN A 53 10.38 3.05 2.33
C ASN A 53 11.78 3.34 1.80
N LEU A 54 11.89 3.54 0.49
CA LEU A 54 13.17 3.83 -0.13
C LEU A 54 13.20 5.24 -0.69
N SER A 55 12.03 5.78 -0.98
CA SER A 55 11.93 7.13 -1.54
C SER A 55 10.60 7.75 -1.15
N ASN A 56 10.59 9.09 -1.05
CA ASN A 56 9.36 9.79 -0.69
C ASN A 56 8.38 9.78 -1.86
N GLY A 57 7.78 8.62 -2.09
CA GLY A 57 6.82 8.45 -3.18
C GLY A 57 6.59 6.97 -3.44
N LYS A 58 7.67 6.20 -3.45
CA LYS A 58 7.59 4.78 -3.68
C LYS A 58 7.90 4.02 -2.40
N SER A 59 7.08 3.03 -2.11
CA SER A 59 7.26 2.21 -0.93
C SER A 59 6.82 0.78 -1.21
N PHE A 60 7.47 -0.18 -0.57
CA PHE A 60 7.15 -1.59 -0.78
C PHE A 60 6.81 -2.29 0.54
N ALA A 61 5.59 -2.80 0.64
CA ALA A 61 5.14 -3.50 1.84
C ALA A 61 4.47 -4.82 1.47
N GLN A 62 4.73 -5.86 2.27
CA GLN A 62 4.15 -7.17 2.02
C GLN A 62 3.61 -7.81 3.30
N CYS A 63 2.52 -8.56 3.16
CA CYS A 63 1.92 -9.26 4.29
C CYS A 63 2.24 -10.75 4.20
N ILE A 64 2.85 -11.29 5.25
CA ILE A 64 3.22 -12.71 5.25
C ILE A 64 2.57 -13.43 6.43
N GLU A 65 1.93 -14.57 6.13
CA GLU A 65 1.28 -15.34 7.17
C GLU A 65 2.29 -15.81 8.22
N LEU A 66 1.99 -15.52 9.48
CA LEU A 66 2.86 -15.89 10.58
C LEU A 66 2.10 -16.80 11.56
N VAL A 67 2.72 -17.92 11.92
CA VAL A 67 2.08 -18.85 12.83
C VAL A 67 2.76 -18.82 14.20
N LYS A 68 1.94 -18.89 15.26
CA LYS A 68 2.47 -18.85 16.62
C LYS A 68 3.58 -19.88 16.79
N GLY A 1 -17.54 1.58 -13.60
CA GLY A 1 -16.32 2.37 -13.93
C GLY A 1 -15.27 2.16 -12.83
N PRO A 2 -14.72 0.98 -12.75
CA PRO A 2 -13.68 0.64 -11.73
C PRO A 2 -12.35 1.34 -12.00
N ASP A 3 -11.63 1.64 -10.93
CA ASP A 3 -10.33 2.31 -11.07
C ASP A 3 -9.20 1.40 -10.62
N ARG A 4 -8.33 1.02 -11.55
CA ARG A 4 -7.19 0.16 -11.23
C ARG A 4 -5.89 0.77 -11.76
N THR A 5 -4.85 0.73 -10.92
CA THR A 5 -3.56 1.27 -11.31
C THR A 5 -3.64 2.78 -11.52
N CYS A 6 -2.65 3.50 -10.99
CA CYS A 6 -2.64 4.95 -11.13
C CYS A 6 -2.14 5.35 -12.54
N PRO A 7 -2.90 6.14 -13.28
CA PRO A 7 -2.49 6.59 -14.65
C PRO A 7 -1.16 7.34 -14.65
N ALA A 8 -0.57 7.47 -15.85
CA ALA A 8 0.71 8.15 -16.04
C ALA A 8 1.88 7.20 -15.75
N GLY A 9 2.97 7.40 -16.47
CA GLY A 9 4.15 6.56 -16.31
C GLY A 9 4.70 6.63 -14.90
N GLN A 10 4.68 7.83 -14.34
CA GLN A 10 5.20 8.04 -13.00
C GLN A 10 4.07 8.35 -12.02
N THR A 11 3.94 7.50 -11.01
CA THR A 11 2.92 7.68 -9.99
C THR A 11 3.54 7.48 -8.61
N TYR A 12 2.86 7.97 -7.57
CA TYR A 12 3.35 7.83 -6.22
C TYR A 12 2.51 6.82 -5.45
N ASP A 13 3.14 5.73 -5.02
CA ASP A 13 2.43 4.71 -4.27
C ASP A 13 3.20 4.30 -3.02
N ARG A 14 2.55 4.40 -1.87
CA ARG A 14 3.20 4.04 -0.61
C ARG A 14 2.25 3.17 0.23
N SER A 15 2.84 2.32 1.06
CA SER A 15 2.05 1.45 1.92
C SER A 15 2.50 1.55 3.36
N VAL A 16 1.54 1.50 4.28
CA VAL A 16 1.83 1.58 5.70
C VAL A 16 1.14 0.44 6.43
N CYS A 17 1.66 0.10 7.62
CA CYS A 17 1.05 -0.97 8.41
C CYS A 17 0.19 -0.39 9.51
N TYR A 18 -1.09 -0.72 9.48
CA TYR A 18 -2.03 -0.23 10.50
C TYR A 18 -2.02 -1.17 11.70
N LYS A 19 -1.83 -0.60 12.89
CA LYS A 19 -1.76 -1.40 14.12
C LYS A 19 -0.59 -2.39 14.05
N TYR A 20 0.44 -2.02 13.30
CA TYR A 20 1.63 -2.86 13.15
C TYR A 20 1.28 -4.31 12.83
N ASN A 21 0.07 -4.56 12.32
CA ASN A 21 -0.33 -5.91 11.99
C ASN A 21 -1.10 -5.96 10.67
N THR A 22 -1.87 -4.92 10.40
CA THR A 22 -2.66 -4.84 9.18
C THR A 22 -1.90 -4.06 8.11
N ILE A 23 -2.09 -4.43 6.85
CA ILE A 23 -1.39 -3.75 5.75
C ILE A 23 -2.34 -2.87 4.94
N ARG A 24 -1.89 -1.64 4.69
CA ARG A 24 -2.67 -0.68 3.92
C ARG A 24 -1.79 -0.15 2.78
N ARG A 25 -2.34 -0.11 1.58
CA ARG A 25 -1.58 0.37 0.42
C ARG A 25 -2.33 1.51 -0.28
N PHE A 26 -1.58 2.56 -0.63
CA PHE A 26 -2.20 3.71 -1.30
C PHE A 26 -1.42 4.10 -2.56
N CYS A 27 -2.15 4.44 -3.62
CA CYS A 27 -1.54 4.85 -4.89
C CYS A 27 -2.25 6.08 -5.44
N VAL A 28 -1.48 7.08 -5.85
CA VAL A 28 -2.06 8.30 -6.40
C VAL A 28 -1.48 8.60 -7.79
N ALA A 29 -2.31 9.17 -8.65
CA ALA A 29 -1.89 9.49 -10.01
C ALA A 29 -1.06 10.78 -10.03
N ASN A 30 -0.32 10.96 -11.12
CA ASN A 30 0.52 12.14 -11.28
C ASN A 30 -0.26 13.46 -11.20
N PRO A 31 -1.39 13.61 -11.86
CA PRO A 31 -2.16 14.89 -11.80
C PRO A 31 -2.34 15.40 -10.38
N ARG A 32 -2.83 14.53 -9.47
CA ARG A 32 -3.01 14.91 -8.07
C ARG A 32 -3.75 13.80 -7.31
N SER A 33 -5.05 13.66 -7.58
CA SER A 33 -5.86 12.65 -6.91
C SER A 33 -7.08 12.28 -7.74
N ASN A 34 -7.08 12.67 -9.01
CA ASN A 34 -8.21 12.36 -9.89
C ASN A 34 -8.38 10.85 -9.96
N ARG A 35 -7.27 10.15 -10.05
CA ARG A 35 -7.29 8.70 -10.12
C ARG A 35 -6.43 8.11 -9.01
N GLU A 36 -7.06 7.40 -8.07
CA GLU A 36 -6.33 6.81 -6.96
C GLU A 36 -6.68 5.33 -6.81
N ASP A 37 -5.70 4.54 -6.41
CA ASP A 37 -5.90 3.11 -6.22
C ASP A 37 -5.41 2.70 -4.84
N ILE A 38 -6.30 2.16 -4.02
CA ILE A 38 -5.93 1.74 -2.68
C ILE A 38 -6.31 0.28 -2.44
N LYS A 39 -5.46 -0.42 -1.69
CA LYS A 39 -5.70 -1.81 -1.38
C LYS A 39 -5.60 -2.03 0.13
N ASN A 40 -6.43 -2.91 0.67
CA ASN A 40 -6.40 -3.18 2.10
C ASN A 40 -6.22 -4.67 2.36
N THR A 41 -5.18 -5.01 3.11
CA THR A 41 -4.92 -6.39 3.46
C THR A 41 -5.13 -6.57 4.97
N PRO A 42 -6.26 -7.12 5.38
CA PRO A 42 -6.57 -7.30 6.83
C PRO A 42 -5.72 -8.36 7.52
N CYS A 43 -4.50 -7.99 7.87
CA CYS A 43 -3.60 -8.91 8.57
C CYS A 43 -3.62 -8.59 10.06
N ARG A 44 -3.91 -9.61 10.89
CA ARG A 44 -3.95 -9.39 12.32
C ARG A 44 -3.85 -10.71 13.08
N ALA A 45 -4.38 -11.78 12.50
CA ALA A 45 -4.32 -13.08 13.14
C ALA A 45 -3.08 -13.84 12.68
N ASP A 46 -2.15 -14.06 13.62
CA ASP A 46 -0.93 -14.78 13.31
C ASP A 46 -0.29 -14.23 12.04
N GLU A 47 -0.39 -12.92 11.83
CA GLU A 47 0.19 -12.29 10.65
C GLU A 47 1.03 -11.09 11.03
N ILE A 48 2.17 -10.94 10.35
CA ILE A 48 3.06 -9.81 10.60
C ILE A 48 3.19 -8.95 9.35
N CYS A 49 3.39 -7.64 9.54
CA CYS A 49 3.52 -6.73 8.41
C CYS A 49 4.90 -6.09 8.38
N VAL A 50 5.42 -5.88 7.18
CA VAL A 50 6.73 -5.27 7.01
C VAL A 50 6.64 -4.07 6.08
N GLN A 51 7.19 -2.93 6.50
CA GLN A 51 7.16 -1.72 5.68
C GLN A 51 8.56 -1.41 5.14
N ARG A 52 8.62 -0.97 3.89
CA ARG A 52 9.90 -0.63 3.28
C ARG A 52 9.87 0.78 2.72
N ASN A 53 10.82 1.60 3.13
CA ASN A 53 10.89 2.99 2.66
C ASN A 53 11.93 3.11 1.55
N LEU A 54 11.46 3.43 0.34
CA LEU A 54 12.37 3.57 -0.79
C LEU A 54 12.71 5.04 -1.01
N SER A 55 11.67 5.83 -1.20
CA SER A 55 11.82 7.26 -1.44
C SER A 55 10.50 7.97 -1.15
N ASN A 56 10.53 9.30 -1.13
CA ASN A 56 9.30 10.05 -0.87
C ASN A 56 8.24 9.69 -1.90
N GLY A 57 7.13 9.14 -1.42
CA GLY A 57 6.03 8.75 -2.29
C GLY A 57 6.14 7.28 -2.70
N LYS A 58 7.33 6.70 -2.56
CA LYS A 58 7.53 5.31 -2.91
C LYS A 58 7.78 4.47 -1.67
N SER A 59 6.90 3.50 -1.42
CA SER A 59 7.05 2.61 -0.28
C SER A 59 6.42 1.26 -0.58
N PHE A 60 7.07 0.22 -0.09
CA PHE A 60 6.57 -1.13 -0.30
C PHE A 60 6.32 -1.85 1.02
N ALA A 61 5.15 -2.44 1.16
CA ALA A 61 4.83 -3.17 2.39
C ALA A 61 4.25 -4.53 2.04
N GLN A 62 4.64 -5.55 2.81
CA GLN A 62 4.15 -6.90 2.56
C GLN A 62 3.67 -7.56 3.84
N CYS A 63 2.63 -8.37 3.71
CA CYS A 63 2.06 -9.10 4.84
C CYS A 63 2.45 -10.57 4.77
N ILE A 64 3.08 -11.06 5.82
CA ILE A 64 3.50 -12.46 5.87
C ILE A 64 2.91 -13.16 7.09
N GLU A 65 2.26 -14.30 6.85
CA GLU A 65 1.67 -15.05 7.96
C GLU A 65 2.75 -15.66 8.84
N LEU A 66 2.67 -15.35 10.14
CA LEU A 66 3.63 -15.86 11.09
C LEU A 66 2.92 -16.69 12.16
N VAL A 67 3.40 -17.90 12.40
CA VAL A 67 2.79 -18.77 13.40
C VAL A 67 3.61 -18.77 14.68
N LYS A 68 2.94 -18.51 15.79
CA LYS A 68 3.61 -18.47 17.08
C LYS A 68 2.93 -19.43 18.06
N GLY A 1 -1.80 -4.65 -20.51
CA GLY A 1 -2.12 -4.09 -19.16
C GLY A 1 -3.60 -3.71 -19.11
N PRO A 2 -4.46 -4.67 -19.11
CA PRO A 2 -5.94 -4.44 -19.05
C PRO A 2 -6.38 -3.81 -17.74
N ASP A 3 -5.58 -4.02 -16.70
CA ASP A 3 -5.89 -3.46 -15.39
C ASP A 3 -4.95 -2.32 -15.05
N ARG A 4 -5.44 -1.35 -14.29
CA ARG A 4 -4.63 -0.19 -13.91
C ARG A 4 -4.81 0.10 -12.42
N THR A 5 -3.81 0.74 -11.82
CA THR A 5 -3.86 1.07 -10.40
C THR A 5 -4.64 2.36 -10.17
N CYS A 6 -3.98 3.48 -10.42
CA CYS A 6 -4.60 4.80 -10.22
C CYS A 6 -4.57 5.62 -11.52
N PRO A 7 -5.43 6.60 -11.63
CA PRO A 7 -5.51 7.46 -12.84
C PRO A 7 -4.15 8.07 -13.20
N ALA A 8 -3.97 8.33 -14.51
CA ALA A 8 -2.71 8.88 -15.01
C ALA A 8 -1.64 7.80 -15.09
N GLY A 9 -0.82 7.86 -16.14
CA GLY A 9 0.23 6.87 -16.33
C GLY A 9 1.23 6.90 -15.18
N GLN A 10 1.56 8.10 -14.73
CA GLN A 10 2.50 8.25 -13.63
C GLN A 10 1.77 8.56 -12.34
N THR A 11 1.89 7.66 -11.37
CA THR A 11 1.24 7.84 -10.08
C THR A 11 2.20 7.49 -8.94
N TYR A 12 1.91 8.00 -7.74
CA TYR A 12 2.74 7.70 -6.59
C TYR A 12 1.91 6.96 -5.55
N ASP A 13 2.30 5.72 -5.26
CA ASP A 13 1.60 4.92 -4.27
C ASP A 13 2.57 4.24 -3.31
N ARG A 14 2.32 4.37 -2.02
CA ARG A 14 3.18 3.75 -1.02
C ARG A 14 2.35 3.04 0.03
N SER A 15 2.91 2.00 0.64
CA SER A 15 2.21 1.25 1.67
C SER A 15 3.03 1.19 2.94
N VAL A 16 2.35 1.35 4.07
CA VAL A 16 3.02 1.33 5.38
C VAL A 16 2.31 0.37 6.33
N CYS A 17 2.95 0.07 7.46
CA CYS A 17 2.36 -0.83 8.44
C CYS A 17 1.65 -0.03 9.53
N TYR A 18 0.34 -0.21 9.62
CA TYR A 18 -0.47 0.50 10.60
C TYR A 18 -0.56 -0.30 11.91
N LYS A 19 -0.87 0.40 13.00
CA LYS A 19 -0.97 -0.25 14.30
C LYS A 19 0.35 -0.96 14.63
N TYR A 20 0.40 -2.27 14.38
CA TYR A 20 1.60 -3.03 14.66
C TYR A 20 1.87 -3.99 13.52
N ASN A 21 0.84 -4.76 13.15
CA ASN A 21 0.97 -5.72 12.07
C ASN A 21 -0.10 -5.48 10.99
N THR A 22 -0.68 -4.29 10.96
CA THR A 22 -1.72 -3.98 9.97
C THR A 22 -1.09 -3.38 8.72
N ILE A 23 -1.66 -3.69 7.55
CA ILE A 23 -1.10 -3.17 6.30
C ILE A 23 -2.02 -2.12 5.70
N ARG A 24 -1.45 -0.98 5.31
CA ARG A 24 -2.22 0.09 4.71
C ARG A 24 -1.57 0.56 3.41
N ARG A 25 -2.38 0.71 2.37
CA ARG A 25 -1.87 1.11 1.07
C ARG A 25 -2.46 2.47 0.65
N PHE A 26 -1.60 3.37 0.19
CA PHE A 26 -2.06 4.68 -0.26
C PHE A 26 -1.65 4.96 -1.70
N CYS A 27 -2.60 5.41 -2.51
CA CYS A 27 -2.31 5.71 -3.90
C CYS A 27 -2.94 7.04 -4.31
N VAL A 28 -2.16 7.89 -4.96
CA VAL A 28 -2.68 9.18 -5.40
C VAL A 28 -2.39 9.40 -6.88
N ALA A 29 -3.31 10.09 -7.55
CA ALA A 29 -3.16 10.37 -8.99
C ALA A 29 -2.23 11.55 -9.21
N ASN A 30 -2.05 11.91 -10.47
CA ASN A 30 -1.18 13.03 -10.81
C ASN A 30 -1.57 14.30 -10.04
N PRO A 31 -2.83 14.71 -10.10
CA PRO A 31 -3.29 15.93 -9.36
C PRO A 31 -2.97 15.87 -7.87
N ARG A 32 -3.02 14.66 -7.31
CA ARG A 32 -2.74 14.46 -5.89
C ARG A 32 -3.81 15.16 -5.04
N SER A 33 -4.96 15.42 -5.64
CA SER A 33 -6.05 16.07 -4.94
C SER A 33 -7.37 15.90 -5.70
N ASN A 34 -7.43 14.87 -6.55
CA ASN A 34 -8.63 14.62 -7.34
C ASN A 34 -9.12 13.19 -7.14
N ARG A 35 -8.32 12.22 -7.57
CA ARG A 35 -8.68 10.82 -7.42
C ARG A 35 -7.59 10.05 -6.68
N GLU A 36 -7.97 9.43 -5.56
CA GLU A 36 -7.01 8.67 -4.76
C GLU A 36 -7.58 7.28 -4.44
N ASP A 37 -6.69 6.29 -4.37
CA ASP A 37 -7.11 4.93 -4.05
C ASP A 37 -6.39 4.42 -2.81
N ILE A 38 -7.15 4.09 -1.77
CA ILE A 38 -6.58 3.60 -0.53
C ILE A 38 -7.07 2.20 -0.23
N LYS A 39 -6.15 1.28 -0.02
CA LYS A 39 -6.51 -0.10 0.30
C LYS A 39 -5.83 -0.53 1.60
N ASN A 40 -6.63 -0.87 2.60
CA ASN A 40 -6.08 -1.29 3.87
C ASN A 40 -6.31 -2.77 4.11
N THR A 41 -5.22 -3.52 4.30
CA THR A 41 -5.33 -4.95 4.55
C THR A 41 -5.32 -5.20 6.07
N PRO A 42 -6.36 -5.82 6.60
CA PRO A 42 -6.48 -6.08 8.07
C PRO A 42 -5.58 -7.21 8.56
N CYS A 43 -4.36 -6.88 8.94
CA CYS A 43 -3.43 -7.88 9.46
C CYS A 43 -3.09 -7.59 10.92
N ARG A 44 -3.30 -8.58 11.78
CA ARG A 44 -3.03 -8.41 13.20
C ARG A 44 -2.98 -9.76 13.91
N ALA A 45 -3.91 -10.64 13.58
CA ALA A 45 -3.95 -11.96 14.20
C ALA A 45 -3.09 -12.94 13.41
N ASP A 46 -2.01 -13.40 14.04
CA ASP A 46 -1.10 -14.34 13.40
C ASP A 46 -0.69 -13.84 12.03
N GLU A 47 -0.54 -12.52 11.89
CA GLU A 47 -0.14 -11.92 10.63
C GLU A 47 0.95 -10.88 10.84
N ILE A 48 1.92 -10.84 9.93
CA ILE A 48 3.00 -9.89 10.02
C ILE A 48 2.98 -8.93 8.83
N CYS A 49 3.39 -7.69 9.05
CA CYS A 49 3.41 -6.70 7.99
C CYS A 49 4.84 -6.38 7.57
N VAL A 50 5.09 -6.35 6.27
CA VAL A 50 6.42 -6.05 5.76
C VAL A 50 6.36 -4.86 4.81
N GLN A 51 7.24 -3.88 5.03
CA GLN A 51 7.27 -2.68 4.19
C GLN A 51 8.59 -2.56 3.46
N ARG A 52 8.54 -2.19 2.19
CA ARG A 52 9.75 -2.03 1.40
C ARG A 52 9.81 -0.62 0.81
N ASN A 53 10.73 0.20 1.29
CA ASN A 53 10.86 1.57 0.80
C ASN A 53 12.02 1.67 -0.17
N LEU A 54 11.70 1.95 -1.43
CA LEU A 54 12.73 2.09 -2.46
C LEU A 54 13.11 3.56 -2.65
N SER A 55 12.29 4.46 -2.12
CA SER A 55 12.54 5.89 -2.23
C SER A 55 11.62 6.68 -1.30
N ASN A 56 10.37 6.83 -1.72
CA ASN A 56 9.38 7.56 -0.93
C ASN A 56 8.00 7.48 -1.57
N GLY A 57 7.89 8.01 -2.78
CA GLY A 57 6.63 8.00 -3.50
C GLY A 57 6.16 6.57 -3.77
N LYS A 58 7.12 5.69 -4.08
CA LYS A 58 6.79 4.31 -4.38
C LYS A 58 7.27 3.40 -3.25
N SER A 59 6.36 2.55 -2.76
CA SER A 59 6.70 1.62 -1.69
C SER A 59 5.87 0.35 -1.81
N PHE A 60 6.48 -0.78 -1.50
CA PHE A 60 5.81 -2.06 -1.59
C PHE A 60 5.65 -2.71 -0.22
N ALA A 61 4.44 -3.12 0.11
CA ALA A 61 4.20 -3.77 1.39
C ALA A 61 3.38 -5.05 1.21
N GLN A 62 3.75 -6.08 1.96
CA GLN A 62 3.05 -7.36 1.86
C GLN A 62 2.73 -7.91 3.25
N CYS A 63 1.58 -8.58 3.36
CA CYS A 63 1.16 -9.17 4.63
C CYS A 63 1.32 -10.68 4.56
N ILE A 64 2.06 -11.25 5.51
CA ILE A 64 2.29 -12.69 5.54
C ILE A 64 1.75 -13.30 6.83
N GLU A 65 0.93 -14.33 6.69
CA GLU A 65 0.35 -14.99 7.85
C GLU A 65 1.38 -15.90 8.52
N LEU A 66 1.62 -15.66 9.80
CA LEU A 66 2.58 -16.45 10.55
C LEU A 66 1.89 -17.10 11.76
N VAL A 67 2.11 -18.39 11.95
CA VAL A 67 1.50 -19.09 13.07
C VAL A 67 2.56 -19.45 14.10
N LYS A 68 2.14 -19.57 15.35
CA LYS A 68 3.06 -19.91 16.43
C LYS A 68 3.62 -21.32 16.24
N GLY A 1 -11.56 -4.46 -16.79
CA GLY A 1 -12.71 -3.93 -16.02
C GLY A 1 -12.24 -3.44 -14.65
N PRO A 2 -11.75 -4.34 -13.84
CA PRO A 2 -11.25 -4.00 -12.46
C PRO A 2 -10.13 -2.96 -12.51
N ASP A 3 -10.14 -2.04 -11.55
CA ASP A 3 -9.12 -1.00 -11.48
C ASP A 3 -7.91 -1.50 -10.70
N ARG A 4 -6.78 -1.62 -11.37
CA ARG A 4 -5.56 -2.08 -10.72
C ARG A 4 -4.38 -1.20 -11.11
N THR A 5 -3.36 -1.17 -10.25
CA THR A 5 -2.18 -0.36 -10.52
C THR A 5 -2.56 1.12 -10.57
N CYS A 6 -1.56 1.99 -10.66
CA CYS A 6 -1.82 3.42 -10.72
C CYS A 6 -1.48 3.99 -12.12
N PRO A 7 -2.48 4.27 -12.93
CA PRO A 7 -2.26 4.84 -14.30
C PRO A 7 -1.90 6.33 -14.27
N ALA A 8 -1.90 6.95 -15.45
CA ALA A 8 -1.60 8.38 -15.60
C ALA A 8 -0.09 8.64 -15.45
N GLY A 9 0.68 8.04 -16.35
CA GLY A 9 2.13 8.23 -16.33
C GLY A 9 2.74 7.80 -15.00
N GLN A 10 3.57 8.66 -14.43
CA GLN A 10 4.21 8.36 -13.16
C GLN A 10 3.30 8.73 -12.00
N THR A 11 3.02 7.75 -11.14
CA THR A 11 2.17 7.97 -9.99
C THR A 11 2.86 7.51 -8.72
N TYR A 12 2.80 8.35 -7.67
CA TYR A 12 3.44 8.01 -6.41
C TYR A 12 2.53 7.11 -5.58
N ASP A 13 3.00 5.90 -5.31
CA ASP A 13 2.22 4.95 -4.52
C ASP A 13 3.07 4.33 -3.42
N ARG A 14 2.62 4.48 -2.18
CA ARG A 14 3.35 3.93 -1.05
C ARG A 14 2.39 3.22 -0.10
N SER A 15 2.90 2.20 0.59
CA SER A 15 2.10 1.44 1.53
C SER A 15 2.76 1.37 2.90
N VAL A 16 1.93 1.44 3.93
CA VAL A 16 2.42 1.39 5.30
C VAL A 16 1.65 0.34 6.11
N CYS A 17 2.19 -0.01 7.27
CA CYS A 17 1.53 -0.99 8.13
C CYS A 17 0.72 -0.27 9.21
N TYR A 18 -0.55 -0.62 9.31
CA TYR A 18 -1.42 -0.01 10.31
C TYR A 18 -1.42 -0.87 11.57
N LYS A 19 -1.03 -0.27 12.69
CA LYS A 19 -0.95 -1.00 13.96
C LYS A 19 0.05 -2.15 13.84
N TYR A 20 1.03 -1.99 12.96
CA TYR A 20 2.04 -3.02 12.76
C TYR A 20 1.42 -4.40 12.60
N ASN A 21 0.29 -4.46 11.91
CA ASN A 21 -0.38 -5.75 11.70
C ASN A 21 -1.18 -5.77 10.40
N THR A 22 -1.90 -4.69 10.14
CA THR A 22 -2.72 -4.60 8.93
C THR A 22 -1.97 -3.90 7.80
N ILE A 23 -2.23 -4.29 6.56
CA ILE A 23 -1.56 -3.68 5.42
C ILE A 23 -2.42 -2.58 4.82
N ARG A 24 -1.85 -1.39 4.65
CA ARG A 24 -2.61 -0.27 4.07
C ARG A 24 -1.81 0.36 2.93
N ARG A 25 -2.38 0.33 1.73
CA ARG A 25 -1.69 0.89 0.57
C ARG A 25 -2.39 2.16 0.06
N PHE A 26 -1.59 3.21 -0.17
CA PHE A 26 -2.14 4.47 -0.67
C PHE A 26 -1.49 4.85 -2.00
N CYS A 27 -2.32 5.29 -2.94
CA CYS A 27 -1.82 5.71 -4.25
C CYS A 27 -2.43 7.06 -4.64
N VAL A 28 -1.57 8.03 -4.94
CA VAL A 28 -2.08 9.35 -5.32
C VAL A 28 -1.43 9.81 -6.63
N ALA A 29 -2.26 10.28 -7.55
CA ALA A 29 -1.79 10.75 -8.85
C ALA A 29 -1.06 12.09 -8.70
N ASN A 30 -0.18 12.39 -9.64
CA ASN A 30 0.57 13.65 -9.59
C ASN A 30 -0.38 14.85 -9.49
N PRO A 31 -1.39 14.96 -10.31
CA PRO A 31 -2.36 16.11 -10.24
C PRO A 31 -2.91 16.27 -8.83
N ARG A 32 -3.12 15.14 -8.16
CA ARG A 32 -3.65 15.14 -6.79
C ARG A 32 -5.05 15.72 -6.76
N SER A 33 -5.86 15.19 -5.85
CA SER A 33 -7.24 15.64 -5.71
C SER A 33 -8.01 15.40 -7.00
N ASN A 34 -7.58 14.39 -7.74
CA ASN A 34 -8.22 14.03 -8.99
C ASN A 34 -8.38 12.52 -9.09
N ARG A 35 -7.26 11.81 -8.94
CA ARG A 35 -7.30 10.35 -9.00
C ARG A 35 -6.53 9.74 -7.83
N GLU A 36 -7.25 9.04 -6.95
CA GLU A 36 -6.62 8.40 -5.81
C GLU A 36 -7.08 6.95 -5.70
N ASP A 37 -6.16 6.05 -5.36
CA ASP A 37 -6.48 4.64 -5.22
C ASP A 37 -5.91 4.11 -3.91
N ILE A 38 -6.79 3.71 -3.00
CA ILE A 38 -6.37 3.18 -1.72
C ILE A 38 -6.86 1.74 -1.54
N LYS A 39 -5.92 0.83 -1.34
CA LYS A 39 -6.26 -0.58 -1.14
C LYS A 39 -5.59 -1.09 0.12
N ASN A 40 -6.30 -1.90 0.91
CA ASN A 40 -5.73 -2.41 2.13
C ASN A 40 -6.07 -3.88 2.34
N THR A 41 -5.22 -4.58 3.08
CA THR A 41 -5.43 -5.99 3.39
C THR A 41 -5.60 -6.14 4.91
N PRO A 42 -6.64 -6.81 5.37
CA PRO A 42 -6.91 -6.98 6.83
C PRO A 42 -6.05 -8.04 7.50
N CYS A 43 -4.81 -7.67 7.82
CA CYS A 43 -3.90 -8.59 8.50
C CYS A 43 -3.79 -8.21 9.97
N ARG A 44 -3.94 -9.19 10.86
CA ARG A 44 -3.85 -8.90 12.29
C ARG A 44 -3.70 -10.19 13.10
N ALA A 45 -4.44 -11.22 12.71
CA ALA A 45 -4.35 -12.49 13.42
C ALA A 45 -3.27 -13.38 12.81
N ASP A 46 -2.23 -13.63 13.58
CA ASP A 46 -1.12 -14.45 13.12
C ASP A 46 -0.57 -13.95 11.79
N GLU A 47 -0.70 -12.64 11.55
CA GLU A 47 -0.19 -12.03 10.32
C GLU A 47 0.75 -10.89 10.64
N ILE A 48 1.83 -10.79 9.87
CA ILE A 48 2.81 -9.73 10.06
C ILE A 48 2.87 -8.81 8.84
N CYS A 49 3.01 -7.52 9.09
CA CYS A 49 3.10 -6.54 8.01
C CYS A 49 4.51 -5.98 7.91
N VAL A 50 5.10 -6.07 6.72
CA VAL A 50 6.46 -5.58 6.51
C VAL A 50 6.46 -4.54 5.40
N GLN A 51 6.97 -3.34 5.69
CA GLN A 51 6.99 -2.28 4.69
C GLN A 51 8.39 -1.70 4.51
N ARG A 52 8.66 -1.25 3.29
CA ARG A 52 9.95 -0.65 2.98
C ARG A 52 9.74 0.72 2.33
N ASN A 53 10.32 1.76 2.92
CA ASN A 53 10.15 3.11 2.39
C ASN A 53 11.40 3.56 1.65
N LEU A 54 11.22 3.94 0.38
CA LEU A 54 12.34 4.40 -0.44
C LEU A 54 12.50 5.92 -0.34
N SER A 55 11.52 6.59 0.26
CA SER A 55 11.57 8.04 0.43
C SER A 55 11.46 8.77 -0.91
N ASN A 56 11.08 8.05 -1.96
CA ASN A 56 10.95 8.67 -3.28
C ASN A 56 9.53 8.53 -3.81
N GLY A 57 8.57 8.37 -2.90
CA GLY A 57 7.17 8.21 -3.29
C GLY A 57 6.83 6.74 -3.52
N LYS A 58 7.85 5.90 -3.52
CA LYS A 58 7.67 4.47 -3.74
C LYS A 58 7.93 3.70 -2.45
N SER A 59 7.01 2.82 -2.10
CA SER A 59 7.17 2.00 -0.91
C SER A 59 6.53 0.64 -1.13
N PHE A 60 7.15 -0.39 -0.56
CA PHE A 60 6.65 -1.75 -0.72
C PHE A 60 6.22 -2.35 0.61
N ALA A 61 4.94 -2.73 0.71
CA ALA A 61 4.42 -3.34 1.92
C ALA A 61 3.76 -4.68 1.59
N GLN A 62 4.12 -5.71 2.34
CA GLN A 62 3.56 -7.04 2.10
C GLN A 62 3.12 -7.69 3.42
N CYS A 63 2.03 -8.45 3.34
CA CYS A 63 1.51 -9.14 4.50
C CYS A 63 1.83 -10.63 4.42
N ILE A 64 2.51 -11.14 5.44
CA ILE A 64 2.88 -12.55 5.45
C ILE A 64 2.33 -13.23 6.70
N GLU A 65 1.58 -14.30 6.50
CA GLU A 65 1.00 -15.03 7.62
C GLU A 65 2.06 -15.87 8.33
N LEU A 66 2.17 -15.67 9.63
CA LEU A 66 3.15 -16.41 10.43
C LEU A 66 2.44 -17.27 11.46
N VAL A 67 3.04 -18.42 11.79
CA VAL A 67 2.43 -19.32 12.77
C VAL A 67 3.35 -19.50 13.96
N LYS A 68 2.75 -19.51 15.15
CA LYS A 68 3.51 -19.66 16.39
C LYS A 68 4.29 -20.97 16.37
N GLY A 1 -10.05 -6.87 -17.44
CA GLY A 1 -8.71 -7.48 -17.20
C GLY A 1 -8.11 -6.88 -15.93
N PRO A 2 -6.93 -7.31 -15.56
CA PRO A 2 -6.23 -6.83 -14.34
C PRO A 2 -5.73 -5.39 -14.49
N ASP A 3 -5.62 -4.69 -13.37
CA ASP A 3 -5.15 -3.30 -13.39
C ASP A 3 -3.94 -3.13 -12.47
N ARG A 4 -3.06 -2.22 -12.85
CA ARG A 4 -1.86 -1.96 -12.05
C ARG A 4 -1.69 -0.46 -11.80
N THR A 5 -1.14 -0.14 -10.64
CA THR A 5 -0.91 1.26 -10.27
C THR A 5 -2.18 2.09 -10.51
N CYS A 6 -2.05 3.41 -10.38
CA CYS A 6 -3.18 4.31 -10.58
C CYS A 6 -3.01 5.10 -11.88
N PRO A 7 -3.73 4.78 -12.94
CA PRO A 7 -3.61 5.52 -14.23
C PRO A 7 -3.83 7.02 -14.05
N ALA A 8 -2.86 7.81 -14.55
CA ALA A 8 -2.90 9.28 -14.47
C ALA A 8 -1.50 9.83 -14.65
N GLY A 9 -0.87 9.50 -15.78
CA GLY A 9 0.49 9.95 -16.02
C GLY A 9 1.40 9.43 -14.92
N GLN A 10 2.19 10.31 -14.33
CA GLN A 10 3.08 9.91 -13.24
C GLN A 10 2.37 10.06 -11.91
N THR A 11 2.34 8.99 -11.13
CA THR A 11 1.68 9.01 -9.83
C THR A 11 2.58 8.41 -8.76
N TYR A 12 2.30 8.74 -7.50
CA TYR A 12 3.09 8.22 -6.40
C TYR A 12 2.24 7.31 -5.52
N ASP A 13 2.71 6.07 -5.33
CA ASP A 13 1.98 5.12 -4.50
C ASP A 13 2.91 4.43 -3.51
N ARG A 14 2.59 4.55 -2.23
CA ARG A 14 3.40 3.93 -1.19
C ARG A 14 2.50 3.20 -0.18
N SER A 15 3.06 2.18 0.47
CA SER A 15 2.32 1.42 1.46
C SER A 15 3.04 1.42 2.80
N VAL A 16 2.26 1.51 3.87
CA VAL A 16 2.82 1.52 5.22
C VAL A 16 2.11 0.49 6.09
N CYS A 17 2.75 0.09 7.19
CA CYS A 17 2.14 -0.88 8.09
C CYS A 17 1.45 -0.15 9.24
N TYR A 18 0.14 -0.31 9.33
CA TYR A 18 -0.64 0.35 10.36
C TYR A 18 -0.66 -0.49 11.66
N LYS A 19 -0.90 0.19 12.77
CA LYS A 19 -0.93 -0.48 14.07
C LYS A 19 0.38 -1.23 14.29
N TYR A 20 0.40 -2.54 14.05
CA TYR A 20 1.61 -3.32 14.23
C TYR A 20 1.84 -4.23 13.03
N ASN A 21 0.80 -4.98 12.67
CA ASN A 21 0.90 -5.90 11.53
C ASN A 21 -0.19 -5.63 10.50
N THR A 22 -0.77 -4.43 10.51
CA THR A 22 -1.83 -4.12 9.55
C THR A 22 -1.23 -3.46 8.31
N ILE A 23 -1.80 -3.75 7.13
CA ILE A 23 -1.25 -3.19 5.90
C ILE A 23 -2.18 -2.15 5.27
N ARG A 24 -1.61 -0.99 4.95
CA ARG A 24 -2.37 0.07 4.31
C ARG A 24 -1.63 0.59 3.09
N ARG A 25 -2.34 0.70 1.98
CA ARG A 25 -1.74 1.17 0.73
C ARG A 25 -2.34 2.52 0.34
N PHE A 26 -1.48 3.49 0.05
CA PHE A 26 -1.94 4.82 -0.33
C PHE A 26 -1.45 5.17 -1.73
N CYS A 27 -2.39 5.47 -2.63
CA CYS A 27 -2.03 5.82 -4.00
C CYS A 27 -2.60 7.18 -4.36
N VAL A 28 -1.75 8.09 -4.82
CA VAL A 28 -2.19 9.43 -5.21
C VAL A 28 -1.67 9.80 -6.58
N ALA A 29 -2.46 10.57 -7.32
CA ALA A 29 -2.07 11.01 -8.66
C ALA A 29 -1.55 12.44 -8.61
N ASN A 30 -1.22 12.99 -9.78
CA ASN A 30 -0.69 14.35 -9.82
C ASN A 30 -1.67 15.34 -9.16
N PRO A 31 -2.96 15.31 -9.47
CA PRO A 31 -3.95 16.24 -8.83
C PRO A 31 -3.97 16.05 -7.32
N ARG A 32 -3.68 14.83 -6.88
CA ARG A 32 -3.67 14.49 -5.46
C ARG A 32 -5.03 14.77 -4.84
N SER A 33 -6.08 14.62 -5.64
CA SER A 33 -7.44 14.85 -5.13
C SER A 33 -8.48 14.25 -6.07
N ASN A 34 -8.37 14.57 -7.35
CA ASN A 34 -9.32 14.06 -8.34
C ASN A 34 -9.30 12.54 -8.44
N ARG A 35 -8.10 11.94 -8.42
CA ARG A 35 -7.99 10.50 -8.52
C ARG A 35 -7.07 9.92 -7.45
N GLU A 36 -7.68 9.29 -6.43
CA GLU A 36 -6.92 8.69 -5.35
C GLU A 36 -7.41 7.26 -5.11
N ASP A 37 -6.49 6.33 -4.86
CA ASP A 37 -6.86 4.95 -4.59
C ASP A 37 -6.26 4.50 -3.27
N ILE A 38 -7.12 4.24 -2.29
CA ILE A 38 -6.66 3.81 -0.97
C ILE A 38 -7.18 2.41 -0.65
N LYS A 39 -6.27 1.52 -0.31
CA LYS A 39 -6.65 0.15 0.03
C LYS A 39 -6.16 -0.18 1.43
N ASN A 40 -6.92 -0.99 2.16
CA ASN A 40 -6.53 -1.34 3.53
C ASN A 40 -6.76 -2.82 3.82
N THR A 41 -5.69 -3.50 4.20
CA THR A 41 -5.76 -4.92 4.55
C THR A 41 -5.64 -5.07 6.07
N PRO A 42 -6.70 -5.44 6.76
CA PRO A 42 -6.68 -5.58 8.25
C PRO A 42 -5.93 -6.81 8.74
N CYS A 43 -4.61 -6.73 8.76
CA CYS A 43 -3.78 -7.83 9.23
C CYS A 43 -3.34 -7.55 10.67
N ARG A 44 -3.63 -8.49 11.58
CA ARG A 44 -3.25 -8.31 12.98
C ARG A 44 -3.20 -9.65 13.71
N ALA A 45 -4.09 -10.57 13.34
CA ALA A 45 -4.12 -11.88 13.98
C ALA A 45 -3.25 -12.86 13.22
N ASP A 46 -2.24 -13.41 13.89
CA ASP A 46 -1.33 -14.37 13.29
C ASP A 46 -0.88 -13.95 11.89
N GLU A 47 -0.91 -12.64 11.64
CA GLU A 47 -0.48 -12.10 10.35
C GLU A 47 0.61 -11.05 10.56
N ILE A 48 1.60 -11.05 9.68
CA ILE A 48 2.70 -10.10 9.77
C ILE A 48 2.73 -9.19 8.55
N CYS A 49 3.17 -7.95 8.73
CA CYS A 49 3.25 -7.02 7.62
C CYS A 49 4.69 -6.71 7.27
N VAL A 50 4.95 -6.52 5.97
CA VAL A 50 6.30 -6.21 5.50
C VAL A 50 6.27 -4.93 4.68
N GLN A 51 7.20 -4.02 4.96
CA GLN A 51 7.25 -2.75 4.24
C GLN A 51 8.55 -2.60 3.46
N ARG A 52 8.47 -2.03 2.26
CA ARG A 52 9.66 -1.83 1.44
C ARG A 52 9.68 -0.40 0.91
N ASN A 53 10.76 0.32 1.19
CA ASN A 53 10.87 1.71 0.73
C ASN A 53 11.96 1.83 -0.34
N LEU A 54 11.58 2.35 -1.50
CA LEU A 54 12.54 2.52 -2.59
C LEU A 54 12.97 3.98 -2.72
N SER A 55 12.00 4.89 -2.61
CA SER A 55 12.30 6.32 -2.72
C SER A 55 11.17 7.17 -2.16
N ASN A 56 10.62 6.75 -1.02
CA ASN A 56 9.52 7.48 -0.38
C ASN A 56 8.23 7.34 -1.18
N GLY A 57 8.18 7.98 -2.35
CA GLY A 57 7.00 7.90 -3.20
C GLY A 57 6.73 6.46 -3.59
N LYS A 58 7.80 5.74 -3.88
CA LYS A 58 7.69 4.34 -4.27
C LYS A 58 7.93 3.43 -3.06
N SER A 59 6.91 2.67 -2.71
CA SER A 59 7.02 1.75 -1.59
C SER A 59 6.12 0.54 -1.82
N PHE A 60 6.58 -0.62 -1.38
CA PHE A 60 5.82 -1.84 -1.54
C PHE A 60 5.67 -2.57 -0.22
N ALA A 61 4.43 -2.94 0.11
CA ALA A 61 4.17 -3.65 1.34
C ALA A 61 3.28 -4.85 1.09
N GLN A 62 3.44 -5.88 1.91
CA GLN A 62 2.65 -7.11 1.75
C GLN A 62 2.32 -7.75 3.09
N CYS A 63 1.13 -8.35 3.16
CA CYS A 63 0.68 -9.01 4.38
C CYS A 63 0.77 -10.52 4.20
N ILE A 64 1.51 -11.18 5.10
CA ILE A 64 1.68 -12.63 5.02
C ILE A 64 1.26 -13.28 6.33
N GLU A 65 0.40 -14.29 6.23
CA GLU A 65 -0.07 -14.99 7.43
C GLU A 65 1.03 -15.86 8.02
N LEU A 66 1.34 -15.61 9.29
CA LEU A 66 2.35 -16.37 10.00
C LEU A 66 1.81 -16.85 11.34
N VAL A 67 1.84 -18.15 11.57
CA VAL A 67 1.33 -18.70 12.81
C VAL A 67 2.39 -19.57 13.50
N LYS A 68 2.45 -19.47 14.81
CA LYS A 68 3.43 -20.24 15.58
C LYS A 68 3.00 -21.70 15.67
N GLY A 1 3.02 -8.37 -10.19
CA GLY A 1 4.16 -8.38 -11.16
C GLY A 1 4.30 -6.99 -11.78
N PRO A 2 3.40 -6.63 -12.63
CA PRO A 2 3.40 -5.30 -13.32
C PRO A 2 3.09 -4.15 -12.37
N ASP A 3 3.61 -2.96 -12.67
CA ASP A 3 3.38 -1.79 -11.83
C ASP A 3 2.05 -1.15 -12.19
N ARG A 4 1.11 -1.16 -11.25
CA ARG A 4 -0.21 -0.58 -11.47
C ARG A 4 -0.31 0.78 -10.79
N THR A 5 -0.96 1.72 -11.46
CA THR A 5 -1.14 3.06 -10.91
C THR A 5 -2.59 3.49 -10.98
N CYS A 6 -2.95 4.48 -10.18
CA CYS A 6 -4.32 4.98 -10.15
C CYS A 6 -4.65 5.74 -11.44
N PRO A 7 -5.93 5.85 -11.77
CA PRO A 7 -6.38 6.55 -13.02
C PRO A 7 -5.94 8.02 -13.05
N ALA A 8 -6.00 8.60 -14.26
CA ALA A 8 -5.61 10.00 -14.47
C ALA A 8 -4.09 10.16 -14.54
N GLY A 9 -3.48 9.48 -15.50
CA GLY A 9 -2.04 9.57 -15.69
C GLY A 9 -1.29 8.71 -14.67
N GLN A 10 0.02 8.92 -14.59
CA GLN A 10 0.86 8.18 -13.66
C GLN A 10 1.15 9.03 -12.43
N THR A 11 1.03 8.42 -11.26
CA THR A 11 1.26 9.14 -10.02
C THR A 11 2.11 8.30 -9.06
N TYR A 12 2.02 8.62 -7.77
CA TYR A 12 2.79 7.89 -6.76
C TYR A 12 1.85 7.14 -5.80
N ASP A 13 2.10 5.86 -5.64
CA ASP A 13 1.29 5.02 -4.75
C ASP A 13 2.19 4.20 -3.84
N ARG A 14 2.06 4.41 -2.53
CA ARG A 14 2.90 3.69 -1.58
C ARG A 14 2.06 3.14 -0.43
N SER A 15 2.56 2.06 0.18
CA SER A 15 1.87 1.45 1.30
C SER A 15 2.82 1.28 2.48
N VAL A 16 2.27 1.42 3.68
CA VAL A 16 3.06 1.28 4.89
C VAL A 16 2.39 0.34 5.88
N CYS A 17 3.16 -0.21 6.81
CA CYS A 17 2.59 -1.10 7.80
C CYS A 17 2.34 -0.33 9.09
N TYR A 18 1.06 -0.10 9.38
CA TYR A 18 0.67 0.64 10.57
C TYR A 18 0.49 -0.33 11.74
N LYS A 19 0.83 0.13 12.94
CA LYS A 19 0.71 -0.70 14.15
C LYS A 19 1.62 -1.92 14.02
N TYR A 20 2.70 -1.77 13.25
CA TYR A 20 3.67 -2.83 13.05
C TYR A 20 2.99 -4.18 12.77
N ASN A 21 1.78 -4.13 12.22
CA ASN A 21 1.06 -5.37 11.93
C ASN A 21 -0.03 -5.16 10.89
N THR A 22 -0.63 -3.97 10.89
CA THR A 22 -1.70 -3.66 9.95
C THR A 22 -1.15 -3.06 8.66
N ILE A 23 -1.74 -3.42 7.54
CA ILE A 23 -1.28 -2.92 6.25
C ILE A 23 -2.17 -1.78 5.76
N ARG A 24 -1.54 -0.70 5.32
CA ARG A 24 -2.28 0.44 4.80
C ARG A 24 -1.71 0.84 3.44
N ARG A 25 -2.59 0.97 2.46
CA ARG A 25 -2.15 1.32 1.12
C ARG A 25 -2.72 2.69 0.73
N PHE A 26 -1.85 3.59 0.24
CA PHE A 26 -2.29 4.92 -0.16
C PHE A 26 -1.92 5.22 -1.61
N CYS A 27 -2.93 5.59 -2.39
CA CYS A 27 -2.72 5.92 -3.80
C CYS A 27 -3.31 7.29 -4.09
N VAL A 28 -2.56 8.12 -4.80
CA VAL A 28 -3.05 9.46 -5.15
C VAL A 28 -2.95 9.69 -6.65
N ALA A 29 -3.88 10.45 -7.19
CA ALA A 29 -3.88 10.75 -8.62
C ALA A 29 -3.03 11.99 -8.90
N ASN A 30 -2.91 12.33 -10.17
CA ASN A 30 -2.12 13.50 -10.54
C ASN A 30 -2.53 14.73 -9.73
N PRO A 31 -3.80 15.09 -9.66
CA PRO A 31 -4.24 16.26 -8.85
C PRO A 31 -4.07 16.00 -7.34
N ARG A 32 -3.98 14.71 -6.99
CA ARG A 32 -3.81 14.32 -5.60
C ARG A 32 -4.96 14.86 -4.74
N SER A 33 -6.17 14.83 -5.28
CA SER A 33 -7.33 15.32 -4.55
C SER A 33 -8.63 14.83 -5.18
N ASN A 34 -8.76 15.06 -6.48
CA ASN A 34 -9.96 14.66 -7.21
C ASN A 34 -10.17 13.15 -7.14
N ARG A 35 -9.10 12.38 -7.36
CA ARG A 35 -9.22 10.93 -7.32
C ARG A 35 -8.13 10.30 -6.47
N GLU A 36 -8.54 9.68 -5.37
CA GLU A 36 -7.60 9.00 -4.47
C GLU A 36 -8.10 7.61 -4.15
N ASP A 37 -7.19 6.64 -4.03
CA ASP A 37 -7.57 5.28 -3.70
C ASP A 37 -6.77 4.78 -2.51
N ILE A 38 -7.46 4.60 -1.39
CA ILE A 38 -6.82 4.12 -0.17
C ILE A 38 -7.44 2.82 0.30
N LYS A 39 -6.61 1.81 0.54
CA LYS A 39 -7.10 0.52 1.00
C LYS A 39 -6.50 0.18 2.37
N ASN A 40 -7.27 -0.53 3.18
CA ASN A 40 -6.82 -0.88 4.52
C ASN A 40 -7.01 -2.36 4.80
N THR A 41 -5.91 -3.03 5.14
CA THR A 41 -5.96 -4.46 5.46
C THR A 41 -5.63 -4.65 6.95
N PRO A 42 -6.63 -4.81 7.80
CA PRO A 42 -6.41 -4.96 9.28
C PRO A 42 -5.75 -6.28 9.66
N CYS A 43 -4.43 -6.33 9.56
CA CYS A 43 -3.69 -7.53 9.93
C CYS A 43 -3.07 -7.34 11.32
N ARG A 44 -3.29 -8.30 12.21
CA ARG A 44 -2.75 -8.19 13.56
C ARG A 44 -2.75 -9.54 14.27
N ALA A 45 -3.77 -10.35 14.02
CA ALA A 45 -3.85 -11.67 14.65
C ALA A 45 -3.13 -12.69 13.79
N ASP A 46 -2.02 -13.22 14.31
CA ASP A 46 -1.24 -14.22 13.60
C ASP A 46 -0.99 -13.77 12.16
N GLU A 47 -0.78 -12.48 11.95
CA GLU A 47 -0.54 -11.95 10.60
C GLU A 47 0.70 -11.06 10.59
N ILE A 48 1.49 -11.17 9.53
CA ILE A 48 2.70 -10.37 9.38
C ILE A 48 2.58 -9.46 8.16
N CYS A 49 3.19 -8.27 8.25
CA CYS A 49 3.14 -7.33 7.13
C CYS A 49 4.53 -7.11 6.55
N VAL A 50 4.60 -7.03 5.23
CA VAL A 50 5.87 -6.82 4.54
C VAL A 50 5.78 -5.62 3.62
N GLN A 51 6.76 -4.72 3.70
CA GLN A 51 6.76 -3.52 2.87
C GLN A 51 8.03 -3.42 2.03
N ARG A 52 7.89 -2.91 0.80
CA ARG A 52 9.03 -2.75 -0.08
C ARG A 52 8.99 -1.39 -0.77
N ASN A 53 10.10 -0.67 -0.74
CA ASN A 53 10.16 0.66 -1.36
C ASN A 53 10.84 0.59 -2.73
N LEU A 54 10.11 0.95 -3.77
CA LEU A 54 10.67 0.93 -5.13
C LEU A 54 11.72 2.02 -5.29
N SER A 55 11.41 3.22 -4.78
CA SER A 55 12.34 4.34 -4.87
C SER A 55 11.75 5.57 -4.18
N ASN A 56 10.88 6.30 -4.88
CA ASN A 56 10.26 7.49 -4.31
C ASN A 56 8.82 7.63 -4.75
N GLY A 57 7.90 7.40 -3.82
CA GLY A 57 6.46 7.51 -4.12
C GLY A 57 5.87 6.15 -4.50
N LYS A 58 6.72 5.20 -4.85
CA LYS A 58 6.26 3.87 -5.22
C LYS A 58 6.68 2.85 -4.17
N SER A 59 5.71 2.12 -3.66
CA SER A 59 5.98 1.10 -2.66
C SER A 59 4.94 -0.01 -2.72
N PHE A 60 5.38 -1.23 -2.44
CA PHE A 60 4.48 -2.38 -2.47
C PHE A 60 4.53 -3.12 -1.14
N ALA A 61 3.35 -3.35 -0.57
CA ALA A 61 3.27 -4.05 0.69
C ALA A 61 2.22 -5.16 0.62
N GLN A 62 2.44 -6.23 1.39
CA GLN A 62 1.51 -7.35 1.39
C GLN A 62 1.38 -7.96 2.78
N CYS A 63 0.17 -8.44 3.09
CA CYS A 63 -0.10 -9.05 4.38
C CYS A 63 -0.18 -10.57 4.24
N ILE A 64 0.63 -11.28 5.01
CA ILE A 64 0.64 -12.73 4.98
C ILE A 64 0.30 -13.30 6.35
N GLU A 65 -0.71 -14.16 6.40
CA GLU A 65 -1.14 -14.76 7.66
C GLU A 65 -0.16 -15.86 8.08
N LEU A 66 0.41 -15.69 9.28
CA LEU A 66 1.34 -16.67 9.81
C LEU A 66 0.89 -17.09 11.20
N VAL A 67 0.73 -18.40 11.41
CA VAL A 67 0.30 -18.90 12.70
C VAL A 67 1.27 -19.96 13.23
N LYS A 68 1.50 -19.92 14.53
CA LYS A 68 2.41 -20.87 15.16
C LYS A 68 1.80 -22.26 15.20
N GLY A 1 -4.53 -9.11 -14.65
CA GLY A 1 -3.14 -9.56 -14.31
C GLY A 1 -2.35 -8.38 -13.77
N PRO A 2 -2.10 -7.40 -14.60
CA PRO A 2 -1.32 -6.18 -14.22
C PRO A 2 -1.97 -5.45 -13.05
N ASP A 3 -1.15 -4.91 -12.15
CA ASP A 3 -1.65 -4.18 -10.99
C ASP A 3 -2.11 -2.78 -11.39
N ARG A 4 -3.13 -2.28 -10.70
CA ARG A 4 -3.66 -0.96 -10.98
C ARG A 4 -3.86 -0.17 -9.69
N THR A 5 -3.37 1.06 -9.67
CA THR A 5 -3.51 1.91 -8.48
C THR A 5 -4.44 3.08 -8.78
N CYS A 6 -3.94 4.07 -9.52
CA CYS A 6 -4.73 5.24 -9.87
C CYS A 6 -4.82 5.40 -11.39
N PRO A 7 -5.85 6.05 -11.88
CA PRO A 7 -6.04 6.25 -13.35
C PRO A 7 -5.28 7.46 -13.89
N ALA A 8 -3.96 7.32 -13.97
CA ALA A 8 -3.12 8.40 -14.48
C ALA A 8 -1.81 7.82 -15.01
N GLY A 9 -1.22 8.51 -15.99
CA GLY A 9 0.04 8.03 -16.58
C GLY A 9 1.12 7.97 -15.52
N GLN A 10 1.18 9.01 -14.70
CA GLN A 10 2.15 9.07 -13.61
C GLN A 10 1.44 9.25 -12.28
N THR A 11 1.60 8.28 -11.39
CA THR A 11 0.95 8.37 -10.08
C THR A 11 1.91 7.96 -8.97
N TYR A 12 1.62 8.39 -7.75
CA TYR A 12 2.45 8.03 -6.61
C TYR A 12 1.63 7.20 -5.64
N ASP A 13 2.05 5.95 -5.43
CA ASP A 13 1.34 5.08 -4.52
C ASP A 13 2.31 4.35 -3.60
N ARG A 14 2.12 4.53 -2.30
CA ARG A 14 2.97 3.88 -1.33
C ARG A 14 2.13 3.24 -0.23
N SER A 15 2.67 2.22 0.41
CA SER A 15 1.95 1.53 1.46
C SER A 15 2.77 1.47 2.74
N VAL A 16 2.09 1.57 3.87
CA VAL A 16 2.75 1.52 5.17
C VAL A 16 2.06 0.51 6.07
N CYS A 17 2.77 0.04 7.10
CA CYS A 17 2.19 -0.93 8.02
C CYS A 17 1.70 -0.22 9.28
N TYR A 18 0.39 -0.26 9.49
CA TYR A 18 -0.20 0.39 10.66
C TYR A 18 -0.18 -0.57 11.86
N LYS A 19 0.37 -0.10 12.97
CA LYS A 19 0.45 -0.92 14.17
C LYS A 19 1.39 -2.11 13.94
N TYR A 20 2.28 -1.97 12.97
CA TYR A 20 3.24 -3.03 12.65
C TYR A 20 2.52 -4.37 12.46
N ASN A 21 1.23 -4.31 12.11
CA ASN A 21 0.47 -5.54 11.90
C ASN A 21 -0.52 -5.37 10.76
N THR A 22 -1.18 -4.22 10.69
CA THR A 22 -2.17 -3.95 9.63
C THR A 22 -1.53 -3.31 8.42
N ILE A 23 -2.02 -3.66 7.23
CA ILE A 23 -1.47 -3.11 6.00
C ILE A 23 -2.34 -1.99 5.43
N ARG A 24 -1.70 -0.88 5.07
CA ARG A 24 -2.40 0.25 4.50
C ARG A 24 -1.73 0.67 3.20
N ARG A 25 -2.56 0.95 2.20
CA ARG A 25 -2.05 1.37 0.89
C ARG A 25 -2.69 2.70 0.47
N PHE A 26 -1.86 3.63 0.01
CA PHE A 26 -2.36 4.93 -0.42
C PHE A 26 -1.88 5.26 -1.84
N CYS A 27 -2.79 5.82 -2.65
CA CYS A 27 -2.46 6.18 -4.02
C CYS A 27 -2.96 7.58 -4.35
N VAL A 28 -2.10 8.39 -4.95
CA VAL A 28 -2.48 9.75 -5.31
C VAL A 28 -2.17 10.01 -6.78
N ALA A 29 -3.00 10.82 -7.42
CA ALA A 29 -2.81 11.16 -8.83
C ALA A 29 -1.87 12.34 -8.98
N ASN A 30 -1.67 12.79 -10.21
CA ASN A 30 -0.79 13.92 -10.47
C ASN A 30 -1.17 15.13 -9.60
N PRO A 31 -2.42 15.59 -9.61
CA PRO A 31 -2.83 16.74 -8.77
C PRO A 31 -2.79 16.37 -7.28
N ARG A 32 -2.91 15.06 -7.01
CA ARG A 32 -2.88 14.53 -5.64
C ARG A 32 -4.20 14.76 -4.89
N SER A 33 -5.09 15.58 -5.46
CA SER A 33 -6.36 15.86 -4.81
C SER A 33 -7.54 15.49 -5.71
N ASN A 34 -7.35 15.61 -7.01
CA ASN A 34 -8.42 15.30 -7.96
C ASN A 34 -8.84 13.84 -7.86
N ARG A 35 -7.86 12.93 -7.88
CA ARG A 35 -8.18 11.50 -7.80
C ARG A 35 -7.29 10.79 -6.78
N GLU A 36 -7.91 10.16 -5.78
CA GLU A 36 -7.17 9.43 -4.77
C GLU A 36 -7.75 8.03 -4.57
N ASP A 37 -6.88 7.04 -4.41
CA ASP A 37 -7.34 5.68 -4.21
C ASP A 37 -6.64 5.07 -2.98
N ILE A 38 -7.42 4.74 -1.96
CA ILE A 38 -6.88 4.17 -0.74
C ILE A 38 -7.39 2.76 -0.52
N LYS A 39 -6.47 1.82 -0.38
CA LYS A 39 -6.83 0.42 -0.15
C LYS A 39 -6.11 -0.09 1.09
N ASN A 40 -6.75 -0.98 1.84
CA ASN A 40 -6.12 -1.51 3.04
C ASN A 40 -6.36 -3.00 3.20
N THR A 41 -5.36 -3.67 3.75
CA THR A 41 -5.44 -5.10 4.01
C THR A 41 -5.33 -5.35 5.51
N PRO A 42 -6.44 -5.48 6.21
CA PRO A 42 -6.44 -5.69 7.69
C PRO A 42 -5.73 -6.97 8.10
N CYS A 43 -4.56 -6.82 8.69
CA CYS A 43 -3.79 -7.95 9.18
C CYS A 43 -3.44 -7.70 10.65
N ARG A 44 -3.71 -8.68 11.51
CA ARG A 44 -3.42 -8.49 12.93
C ARG A 44 -3.34 -9.81 13.69
N ALA A 45 -4.18 -10.78 13.31
CA ALA A 45 -4.18 -12.07 13.99
C ALA A 45 -3.39 -13.10 13.18
N ASP A 46 -2.28 -13.54 13.76
CA ASP A 46 -1.43 -14.53 13.11
C ASP A 46 -0.99 -14.07 11.73
N GLU A 47 -0.87 -12.76 11.53
CA GLU A 47 -0.43 -12.21 10.25
C GLU A 47 0.66 -11.17 10.45
N ILE A 48 1.65 -11.18 9.56
CA ILE A 48 2.76 -10.23 9.63
C ILE A 48 2.75 -9.33 8.40
N CYS A 49 3.17 -8.08 8.58
CA CYS A 49 3.20 -7.13 7.47
C CYS A 49 4.64 -6.83 7.06
N VAL A 50 4.84 -6.64 5.77
CA VAL A 50 6.17 -6.34 5.23
C VAL A 50 6.11 -5.04 4.43
N GLN A 51 7.05 -4.14 4.71
CA GLN A 51 7.08 -2.85 4.00
C GLN A 51 8.43 -2.62 3.33
N ARG A 52 8.40 -2.14 2.08
CA ARG A 52 9.63 -1.86 1.35
C ARG A 52 9.50 -0.53 0.60
N ASN A 53 10.10 0.51 1.15
CA ASN A 53 10.04 1.82 0.52
C ASN A 53 11.32 2.10 -0.25
N LEU A 54 11.21 2.23 -1.57
CA LEU A 54 12.38 2.50 -2.39
C LEU A 54 13.02 3.82 -1.99
N SER A 55 12.34 4.91 -2.32
CA SER A 55 12.83 6.25 -1.98
C SER A 55 11.91 7.35 -2.53
N ASN A 56 10.73 6.97 -3.03
CA ASN A 56 9.80 7.94 -3.57
C ASN A 56 8.36 7.53 -3.26
N GLY A 57 7.42 8.01 -4.06
CA GLY A 57 6.01 7.68 -3.85
C GLY A 57 5.76 6.18 -4.06
N LYS A 58 6.75 5.47 -4.60
CA LYS A 58 6.59 4.05 -4.86
C LYS A 58 7.09 3.22 -3.68
N SER A 59 6.19 2.41 -3.12
CA SER A 59 6.53 1.54 -2.00
C SER A 59 5.75 0.24 -2.11
N PHE A 60 6.40 -0.84 -1.71
CA PHE A 60 5.79 -2.17 -1.78
C PHE A 60 5.46 -2.71 -0.40
N ALA A 61 4.21 -3.12 -0.21
CA ALA A 61 3.78 -3.69 1.06
C ALA A 61 3.00 -4.98 0.84
N GLN A 62 3.30 -6.00 1.64
CA GLN A 62 2.60 -7.27 1.50
C GLN A 62 2.25 -7.86 2.86
N CYS A 63 1.10 -8.52 2.94
CA CYS A 63 0.67 -9.16 4.18
C CYS A 63 0.82 -10.68 4.05
N ILE A 64 1.57 -11.27 4.97
CA ILE A 64 1.80 -12.71 4.93
C ILE A 64 1.29 -13.38 6.20
N GLU A 65 0.48 -14.41 6.04
CA GLU A 65 -0.08 -15.13 7.17
C GLU A 65 0.98 -16.03 7.81
N LEU A 66 1.17 -15.86 9.10
CA LEU A 66 2.15 -16.66 9.85
C LEU A 66 1.46 -17.38 11.00
N VAL A 67 1.65 -18.69 11.08
CA VAL A 67 1.04 -19.48 12.15
C VAL A 67 2.11 -19.96 13.12
N LYS A 68 1.88 -19.70 14.40
CA LYS A 68 2.82 -20.11 15.44
C LYS A 68 3.16 -21.59 15.30
#